data_9JHE
#
_entry.id   9JHE
#
_cell.length_a   90.821
_cell.length_b   80.476
_cell.length_c   128.345
_cell.angle_alpha   90.00
_cell.angle_beta   102.19
_cell.angle_gamma   90.00
#
_symmetry.space_group_name_H-M   'P 1 21 1'
#
loop_
_entity.id
_entity.type
_entity.pdbx_description
1 polymer '3-hydroxyacyl-CoA dehydrogenase, NAD binding domain protein'
2 non-polymer NICOTINAMIDE-ADENINE-DINUCLEOTIDE
3 water water
#
_entity_poly.entity_id   1
_entity_poly.type   'polypeptide(L)'
_entity_poly.pdbx_seq_one_letter_code
;MKIGVIGAGTMGQGIAKAFAQVEGNTVALCDIKQEWAENGLAKIKKGYEKLVAKGKIPQEKADAIVAAITPGLKENLCAD
CDLIVEAAFEDMKVKQTTFGELDKICKPECIFASNTSSLSITEIGKGLSRPLVGMHFFNPADRMKLIEVIAGCNTPAETV
EKIKEISVAIGKNPVQVNEAAGFVVNRILIPMINEAAFIKMEGVSDIAGIDTAMKLGANHPMGPLELGDFIGLDICLAIM
DVLYHETGDSKYRACPLIRKMVRGGNLGCKTGKGFYVYNADRTKTPVDQL
;
_entity_poly.pdbx_strand_id   A,B,C,D,E,F
#
# COMPACT_ATOMS: atom_id res chain seq x y z
N MET A 1 -21.72 -2.04 -45.93
CA MET A 1 -20.72 -3.05 -45.61
C MET A 1 -21.36 -4.18 -44.81
N LYS A 2 -20.72 -5.35 -44.85
CA LYS A 2 -21.17 -6.52 -44.11
C LYS A 2 -20.35 -6.66 -42.83
N ILE A 3 -21.03 -7.00 -41.73
CA ILE A 3 -20.40 -7.08 -40.42
C ILE A 3 -20.73 -8.43 -39.81
N GLY A 4 -19.71 -9.10 -39.27
CA GLY A 4 -19.89 -10.36 -38.59
C GLY A 4 -19.82 -10.18 -37.09
N VAL A 5 -20.92 -10.48 -36.42
CA VAL A 5 -21.04 -10.36 -34.97
C VAL A 5 -20.92 -11.75 -34.37
N ILE A 6 -19.79 -12.04 -33.75
CA ILE A 6 -19.51 -13.34 -33.17
C ILE A 6 -20.12 -13.38 -31.78
N GLY A 7 -21.15 -14.21 -31.59
CA GLY A 7 -21.88 -14.23 -30.34
C GLY A 7 -23.26 -13.60 -30.48
N ALA A 8 -24.30 -14.38 -30.22
CA ALA A 8 -25.69 -13.96 -30.40
C ALA A 8 -26.40 -13.81 -29.06
N GLY A 9 -25.68 -13.30 -28.07
CA GLY A 9 -26.21 -13.08 -26.74
C GLY A 9 -26.74 -11.68 -26.57
N THR A 10 -26.62 -11.18 -25.33
CA THR A 10 -27.16 -9.86 -24.99
C THR A 10 -26.51 -8.77 -25.83
N MET A 11 -25.18 -8.79 -25.94
CA MET A 11 -24.48 -7.75 -26.66
C MET A 11 -24.43 -8.02 -28.16
N GLY A 12 -24.31 -9.28 -28.55
CA GLY A 12 -24.37 -9.61 -29.97
C GLY A 12 -25.66 -9.16 -30.61
N GLN A 13 -26.79 -9.35 -29.91
CA GLN A 13 -28.07 -8.88 -30.41
C GLN A 13 -28.08 -7.35 -30.52
N GLY A 14 -27.68 -6.66 -29.46
CA GLY A 14 -27.67 -5.20 -29.48
C GLY A 14 -26.72 -4.63 -30.52
N ILE A 15 -25.63 -5.33 -30.81
CA ILE A 15 -24.69 -4.85 -31.82
C ILE A 15 -25.23 -5.15 -33.20
N ALA A 16 -25.87 -6.30 -33.38
CA ALA A 16 -26.52 -6.60 -34.66
C ALA A 16 -27.58 -5.57 -35.00
N LYS A 17 -28.40 -5.19 -34.00
CA LYS A 17 -29.43 -4.19 -34.24
C LYS A 17 -28.83 -2.83 -34.55
N ALA A 18 -27.73 -2.48 -33.88
CA ALA A 18 -27.12 -1.17 -34.09
C ALA A 18 -26.61 -1.02 -35.53
N PHE A 19 -26.08 -2.10 -36.11
CA PHE A 19 -25.57 -2.02 -37.48
C PHE A 19 -26.68 -2.14 -38.50
N ALA A 20 -27.65 -3.02 -38.29
CA ALA A 20 -28.69 -3.19 -39.33
C ALA A 20 -29.70 -2.05 -39.30
N GLN A 21 -29.66 -1.22 -38.27
CA GLN A 21 -30.62 -0.09 -38.13
C GLN A 21 -30.30 0.99 -39.17
N VAL A 22 -29.16 0.86 -39.85
CA VAL A 22 -28.74 1.93 -40.81
C VAL A 22 -29.38 1.72 -42.17
N GLU A 23 -28.69 1.04 -43.09
CA GLU A 23 -29.25 0.87 -44.46
C GLU A 23 -28.38 -0.11 -45.23
N GLY A 24 -27.20 0.33 -45.66
CA GLY A 24 -26.31 -0.54 -46.44
C GLY A 24 -25.54 -1.50 -45.56
N ASN A 25 -25.94 -1.58 -44.28
CA ASN A 25 -25.22 -2.44 -43.32
C ASN A 25 -25.97 -3.76 -43.17
N THR A 26 -25.32 -4.87 -43.50
CA THR A 26 -25.91 -6.19 -43.29
C THR A 26 -25.07 -6.92 -42.26
N VAL A 27 -25.72 -7.80 -41.52
CA VAL A 27 -25.11 -8.44 -40.37
C VAL A 27 -25.11 -9.95 -40.57
N ALA A 28 -24.09 -10.60 -40.00
CA ALA A 28 -23.99 -12.05 -39.92
C ALA A 28 -23.90 -12.39 -38.43
N LEU A 29 -25.01 -12.86 -37.86
CA LEU A 29 -25.08 -13.13 -36.42
C LEU A 29 -24.74 -14.61 -36.19
N CYS A 30 -23.55 -14.85 -35.64
CA CYS A 30 -23.04 -16.20 -35.43
C CYS A 30 -23.03 -16.54 -33.94
N ASP A 31 -22.96 -17.84 -33.66
CA ASP A 31 -22.97 -18.34 -32.29
C ASP A 31 -22.41 -19.76 -32.28
N ILE A 32 -22.48 -20.43 -31.13
CA ILE A 32 -21.90 -21.76 -30.99
C ILE A 32 -22.58 -22.75 -31.93
N LYS A 33 -23.92 -22.80 -31.89
CA LYS A 33 -24.69 -23.66 -32.76
C LYS A 33 -25.68 -22.80 -33.55
N GLN A 34 -26.22 -23.37 -34.63
CA GLN A 34 -27.12 -22.59 -35.47
C GLN A 34 -28.41 -22.26 -34.74
N GLU A 35 -28.99 -23.24 -34.02
CA GLU A 35 -30.21 -22.97 -33.29
C GLU A 35 -30.01 -21.93 -32.19
N TRP A 36 -28.82 -21.90 -31.59
CA TRP A 36 -28.50 -20.86 -30.63
C TRP A 36 -28.37 -19.50 -31.29
N ALA A 37 -28.10 -19.47 -32.60
CA ALA A 37 -27.92 -18.21 -33.31
C ALA A 37 -29.26 -17.64 -33.77
N GLU A 38 -30.04 -18.40 -34.54
CA GLU A 38 -31.37 -17.91 -34.87
C GLU A 38 -32.26 -17.80 -33.65
N ASN A 39 -31.85 -18.36 -32.52
CA ASN A 39 -32.46 -17.98 -31.25
C ASN A 39 -32.30 -16.48 -31.02
N GLY A 40 -31.06 -16.01 -30.95
CA GLY A 40 -30.79 -14.58 -30.80
C GLY A 40 -31.55 -13.71 -31.77
N LEU A 41 -31.72 -14.16 -33.02
CA LEU A 41 -32.46 -13.38 -34.00
C LEU A 41 -33.94 -13.35 -33.69
N ALA A 42 -34.51 -14.51 -33.32
CA ALA A 42 -35.93 -14.58 -32.99
C ALA A 42 -36.30 -13.60 -31.89
N LYS A 43 -35.39 -13.35 -30.95
CA LYS A 43 -35.67 -12.40 -29.88
C LYS A 43 -35.52 -10.96 -30.39
N ILE A 44 -34.60 -10.73 -31.33
CA ILE A 44 -34.49 -9.42 -31.96
C ILE A 44 -35.76 -9.08 -32.73
N LYS A 45 -36.40 -10.09 -33.32
CA LYS A 45 -37.64 -9.84 -34.06
C LYS A 45 -38.80 -9.57 -33.11
N LYS A 46 -38.97 -10.41 -32.09
CA LYS A 46 -40.04 -10.21 -31.11
C LYS A 46 -39.96 -8.82 -30.49
N GLY A 47 -38.73 -8.33 -30.25
CA GLY A 47 -38.58 -6.97 -29.77
C GLY A 47 -39.12 -5.94 -30.75
N TYR A 48 -38.75 -6.07 -32.02
CA TYR A 48 -39.20 -5.12 -33.04
C TYR A 48 -40.69 -5.24 -33.33
N GLU A 49 -41.30 -6.38 -33.01
CA GLU A 49 -42.76 -6.50 -33.15
C GLU A 49 -43.47 -5.74 -32.05
N LYS A 50 -42.89 -5.71 -30.85
CA LYS A 50 -43.46 -4.93 -29.75
C LYS A 50 -43.26 -3.44 -29.99
N LEU A 51 -42.06 -3.04 -30.44
CA LEU A 51 -41.81 -1.64 -30.76
C LEU A 51 -42.72 -1.14 -31.87
N VAL A 52 -43.21 -2.03 -32.72
CA VAL A 52 -44.18 -1.64 -33.75
C VAL A 52 -45.55 -1.40 -33.13
N ALA A 53 -46.03 -2.36 -32.33
CA ALA A 53 -47.36 -2.28 -31.75
C ALA A 53 -47.53 -1.14 -30.74
N LYS A 54 -46.45 -0.54 -30.24
CA LYS A 54 -46.56 0.66 -29.41
C LYS A 54 -46.53 1.95 -30.22
N GLY A 55 -46.41 1.86 -31.54
CA GLY A 55 -46.40 3.04 -32.36
C GLY A 55 -45.09 3.80 -32.33
N LYS A 56 -43.97 3.12 -32.07
CA LYS A 56 -42.67 3.78 -32.02
C LYS A 56 -41.74 3.31 -33.13
N ILE A 57 -42.25 2.55 -34.10
CA ILE A 57 -41.51 2.23 -35.33
C ILE A 57 -42.52 1.63 -36.32
N PRO A 58 -42.45 1.97 -37.59
CA PRO A 58 -43.31 1.31 -38.57
C PRO A 58 -42.90 -0.15 -38.76
N GLN A 59 -43.80 -0.93 -39.35
CA GLN A 59 -43.53 -2.34 -39.60
C GLN A 59 -42.58 -2.52 -40.78
N GLU A 60 -42.63 -1.63 -41.77
CA GLU A 60 -41.84 -1.84 -42.99
C GLU A 60 -40.34 -1.71 -42.73
N LYS A 61 -39.93 -0.88 -41.77
CA LYS A 61 -38.51 -0.83 -41.47
C LYS A 61 -38.11 -1.89 -40.45
N ALA A 62 -38.95 -2.12 -39.43
CA ALA A 62 -38.72 -3.25 -38.53
C ALA A 62 -38.53 -4.54 -39.32
N ASP A 63 -39.25 -4.67 -40.44
CA ASP A 63 -39.01 -5.78 -41.37
C ASP A 63 -37.64 -5.65 -42.02
N ALA A 64 -37.28 -4.43 -42.44
CA ALA A 64 -36.02 -4.22 -43.16
C ALA A 64 -34.81 -4.49 -42.28
N ILE A 65 -34.88 -4.08 -41.01
CA ILE A 65 -33.76 -4.32 -40.09
C ILE A 65 -33.57 -5.82 -39.87
N VAL A 66 -34.67 -6.53 -39.58
CA VAL A 66 -34.59 -7.97 -39.36
C VAL A 66 -34.18 -8.70 -40.63
N ALA A 67 -34.55 -8.16 -41.80
CA ALA A 67 -34.19 -8.80 -43.05
C ALA A 67 -32.69 -8.71 -43.32
N ALA A 68 -32.03 -7.69 -42.78
CA ALA A 68 -30.60 -7.51 -42.97
C ALA A 68 -29.75 -8.42 -42.08
N ILE A 69 -30.33 -9.02 -41.05
CA ILE A 69 -29.61 -9.88 -40.13
C ILE A 69 -29.85 -11.34 -40.53
N THR A 70 -28.78 -12.06 -40.80
CA THR A 70 -28.85 -13.47 -41.19
C THR A 70 -28.24 -14.34 -40.10
N PRO A 71 -29.00 -15.27 -39.51
CA PRO A 71 -28.44 -16.14 -38.48
C PRO A 71 -27.53 -17.22 -39.09
N GLY A 72 -27.01 -18.07 -38.21
CA GLY A 72 -26.08 -19.14 -38.57
C GLY A 72 -24.85 -19.10 -37.69
N LEU A 73 -23.84 -19.88 -38.11
CA LEU A 73 -22.55 -19.84 -37.38
C LEU A 73 -21.47 -19.41 -38.36
N LYS A 74 -20.30 -18.99 -37.86
CA LYS A 74 -19.22 -18.46 -38.73
C LYS A 74 -18.65 -19.57 -39.60
N GLU A 75 -17.63 -19.25 -40.40
CA GLU A 75 -17.04 -20.23 -41.36
C GLU A 75 -18.01 -20.36 -42.54
N ASN A 76 -19.30 -20.23 -42.25
CA ASN A 76 -20.34 -20.35 -43.31
C ASN A 76 -20.73 -18.95 -43.80
N LEU A 77 -20.59 -17.92 -42.97
CA LEU A 77 -21.11 -16.60 -43.43
C LEU A 77 -20.17 -15.43 -43.08
N CYS A 78 -18.93 -15.66 -42.69
CA CYS A 78 -18.09 -14.50 -42.26
C CYS A 78 -16.86 -14.35 -43.14
N ALA A 79 -16.90 -14.82 -44.38
CA ALA A 79 -15.71 -14.78 -45.25
C ALA A 79 -15.62 -13.43 -46.00
N ASP A 80 -16.77 -12.83 -46.31
CA ASP A 80 -16.75 -11.54 -47.00
C ASP A 80 -16.85 -10.34 -46.08
N CYS A 81 -17.17 -10.55 -44.81
CA CYS A 81 -17.43 -9.45 -43.89
C CYS A 81 -16.34 -8.39 -43.95
N ASP A 82 -16.74 -7.12 -43.84
CA ASP A 82 -15.79 -6.02 -43.78
C ASP A 82 -15.34 -5.70 -42.36
N LEU A 83 -16.19 -5.99 -41.36
CA LEU A 83 -15.87 -5.73 -39.97
C LEU A 83 -16.32 -6.92 -39.14
N ILE A 84 -15.46 -7.36 -38.22
CA ILE A 84 -15.78 -8.44 -37.30
C ILE A 84 -15.80 -7.85 -35.89
N VAL A 85 -16.91 -8.04 -35.18
CA VAL A 85 -17.09 -7.57 -33.81
C VAL A 85 -17.47 -8.78 -32.98
N GLU A 86 -16.53 -9.33 -32.22
CA GLU A 86 -16.84 -10.47 -31.38
C GLU A 86 -17.60 -10.03 -30.13
N ALA A 87 -18.53 -10.88 -29.69
CA ALA A 87 -19.31 -10.68 -28.47
C ALA A 87 -19.37 -11.99 -27.69
N ALA A 88 -18.25 -12.69 -27.60
CA ALA A 88 -18.21 -14.03 -27.05
C ALA A 88 -17.95 -13.99 -25.54
N PHE A 89 -17.71 -15.16 -24.96
CA PHE A 89 -17.50 -15.26 -23.52
C PHE A 89 -16.25 -14.51 -23.09
N GLU A 90 -16.30 -13.95 -21.88
CA GLU A 90 -15.17 -13.20 -21.33
C GLU A 90 -14.13 -14.22 -20.86
N ASP A 91 -13.41 -14.75 -21.84
CA ASP A 91 -12.39 -15.77 -21.62
C ASP A 91 -11.30 -15.54 -22.65
N MET A 92 -10.05 -15.56 -22.20
CA MET A 92 -8.94 -15.15 -23.07
C MET A 92 -8.76 -16.11 -24.24
N LYS A 93 -8.72 -17.42 -23.96
CA LYS A 93 -8.49 -18.36 -25.05
C LYS A 93 -9.71 -18.54 -25.94
N VAL A 94 -10.91 -18.29 -25.41
CA VAL A 94 -12.11 -18.34 -26.25
C VAL A 94 -12.02 -17.30 -27.36
N LYS A 95 -11.72 -16.05 -27.00
CA LYS A 95 -11.54 -15.02 -28.01
C LYS A 95 -10.27 -15.24 -28.82
N GLN A 96 -9.25 -15.87 -28.22
CA GLN A 96 -8.05 -16.20 -28.98
C GLN A 96 -8.32 -17.31 -29.98
N THR A 97 -9.01 -18.37 -29.54
CA THR A 97 -9.44 -19.42 -30.45
C THR A 97 -10.28 -18.85 -31.58
N THR A 98 -11.23 -17.96 -31.24
CA THR A 98 -12.13 -17.43 -32.24
C THR A 98 -11.37 -16.55 -33.24
N PHE A 99 -10.53 -15.64 -32.73
CA PHE A 99 -9.87 -14.69 -33.61
C PHE A 99 -8.82 -15.36 -34.49
N GLY A 100 -8.20 -16.43 -34.00
CA GLY A 100 -7.28 -17.18 -34.82
C GLY A 100 -7.98 -17.96 -35.92
N GLU A 101 -9.18 -18.47 -35.62
CA GLU A 101 -9.94 -19.20 -36.63
C GLU A 101 -10.45 -18.27 -37.73
N LEU A 102 -10.98 -17.09 -37.35
CA LEU A 102 -11.37 -16.14 -38.38
C LEU A 102 -10.19 -15.56 -39.13
N ASP A 103 -8.97 -15.71 -38.61
CA ASP A 103 -7.80 -15.18 -39.30
C ASP A 103 -7.63 -15.81 -40.69
N LYS A 104 -8.02 -17.06 -40.85
CA LYS A 104 -8.01 -17.71 -42.15
C LYS A 104 -9.30 -17.52 -42.92
N ILE A 105 -10.42 -17.31 -42.23
CA ILE A 105 -11.72 -17.29 -42.88
C ILE A 105 -11.98 -15.93 -43.51
N CYS A 106 -11.77 -14.85 -42.76
CA CYS A 106 -12.09 -13.52 -43.25
C CYS A 106 -11.09 -13.08 -44.32
N LYS A 107 -11.58 -12.26 -45.26
CA LYS A 107 -10.71 -11.70 -46.28
C LYS A 107 -9.69 -10.77 -45.64
N PRO A 108 -8.52 -10.59 -46.27
CA PRO A 108 -7.46 -9.78 -45.65
C PRO A 108 -7.90 -8.39 -45.21
N GLU A 109 -8.79 -7.75 -45.96
CA GLU A 109 -9.23 -6.40 -45.65
C GLU A 109 -10.27 -6.34 -44.53
N CYS A 110 -10.70 -7.49 -44.00
CA CYS A 110 -11.67 -7.51 -42.92
C CYS A 110 -11.03 -7.02 -41.62
N ILE A 111 -11.60 -5.99 -41.02
CA ILE A 111 -11.09 -5.45 -39.77
C ILE A 111 -11.60 -6.31 -38.61
N PHE A 112 -10.71 -6.60 -37.68
CA PHE A 112 -11.02 -7.44 -36.51
C PHE A 112 -11.15 -6.55 -35.28
N ALA A 113 -12.30 -6.61 -34.62
CA ALA A 113 -12.57 -5.81 -33.43
C ALA A 113 -13.21 -6.69 -32.36
N SER A 114 -12.97 -6.33 -31.10
CA SER A 114 -13.51 -7.06 -29.97
C SER A 114 -14.30 -6.13 -29.06
N ASN A 115 -15.29 -6.69 -28.38
CA ASN A 115 -16.17 -5.95 -27.50
C ASN A 115 -15.80 -6.11 -26.02
N THR A 116 -14.71 -6.80 -25.71
CA THR A 116 -14.38 -7.11 -24.32
C THR A 116 -14.23 -5.84 -23.48
N SER A 117 -14.40 -6.01 -22.17
CA SER A 117 -14.28 -4.93 -21.22
C SER A 117 -13.16 -5.12 -20.21
N SER A 118 -12.74 -6.35 -19.94
CA SER A 118 -11.73 -6.64 -18.93
C SER A 118 -10.53 -7.39 -19.48
N LEU A 119 -10.53 -7.75 -20.75
CA LEU A 119 -9.46 -8.53 -21.34
C LEU A 119 -8.58 -7.64 -22.21
N SER A 120 -7.29 -7.96 -22.25
CA SER A 120 -6.32 -7.14 -22.95
C SER A 120 -6.45 -7.33 -24.46
N ILE A 121 -6.77 -6.24 -25.17
CA ILE A 121 -6.85 -6.30 -26.63
C ILE A 121 -5.53 -6.74 -27.21
N THR A 122 -4.43 -6.20 -26.68
CA THR A 122 -3.10 -6.53 -27.20
C THR A 122 -2.82 -8.02 -27.11
N GLU A 123 -3.22 -8.66 -26.01
CA GLU A 123 -2.91 -10.08 -25.85
C GLU A 123 -3.86 -10.97 -26.65
N ILE A 124 -5.13 -10.57 -26.79
CA ILE A 124 -6.08 -11.39 -27.54
C ILE A 124 -5.55 -11.67 -28.94
N GLY A 125 -5.19 -10.62 -29.67
CA GLY A 125 -4.58 -10.76 -30.98
C GLY A 125 -3.06 -10.80 -30.98
N LYS A 126 -2.44 -11.80 -30.36
CA LYS A 126 -0.98 -11.82 -30.34
C LYS A 126 -0.39 -12.45 -31.60
N GLY A 127 -0.85 -13.65 -31.95
CA GLY A 127 -0.34 -14.36 -33.10
C GLY A 127 -1.05 -14.08 -34.41
N LEU A 128 -2.05 -13.21 -34.40
CA LEU A 128 -2.86 -12.97 -35.58
C LEU A 128 -2.06 -12.31 -36.70
N SER A 129 -2.40 -12.67 -37.94
CA SER A 129 -1.73 -12.12 -39.12
C SER A 129 -2.12 -10.67 -39.40
N ARG A 130 -3.10 -10.13 -38.69
CA ARG A 130 -3.59 -8.79 -38.93
C ARG A 130 -3.80 -8.10 -37.59
N PRO A 131 -3.88 -6.76 -37.57
CA PRO A 131 -4.07 -6.05 -36.31
C PRO A 131 -5.40 -6.38 -35.65
N LEU A 132 -5.49 -6.06 -34.37
CA LEU A 132 -6.71 -6.21 -33.59
C LEU A 132 -6.97 -4.91 -32.83
N VAL A 133 -8.25 -4.51 -32.80
CA VAL A 133 -8.66 -3.27 -32.17
C VAL A 133 -9.85 -3.58 -31.25
N GLY A 134 -10.10 -2.65 -30.33
CA GLY A 134 -11.21 -2.77 -29.40
C GLY A 134 -12.35 -1.86 -29.80
N MET A 135 -13.57 -2.41 -29.75
CA MET A 135 -14.80 -1.66 -30.04
C MET A 135 -15.75 -1.97 -28.89
N HIS A 136 -15.71 -1.14 -27.84
CA HIS A 136 -16.45 -1.36 -26.61
C HIS A 136 -17.83 -0.72 -26.73
N PHE A 137 -18.84 -1.56 -26.95
CA PHE A 137 -20.22 -1.10 -26.92
C PHE A 137 -20.73 -1.08 -25.49
N PHE A 138 -21.88 -0.44 -25.29
CA PHE A 138 -22.49 -0.30 -23.98
C PHE A 138 -23.94 -0.74 -24.07
N ASN A 139 -24.34 -1.66 -23.20
CA ASN A 139 -25.67 -2.24 -23.26
C ASN A 139 -26.72 -1.22 -22.83
N PRO A 140 -27.81 -1.05 -23.58
CA PRO A 140 -28.13 -1.70 -24.86
C PRO A 140 -27.39 -1.03 -26.01
N ALA A 141 -26.69 -1.81 -26.84
CA ALA A 141 -25.79 -1.26 -27.84
C ALA A 141 -26.52 -0.48 -28.94
N ASP A 142 -27.81 -0.72 -29.15
CA ASP A 142 -28.51 -0.06 -30.24
C ASP A 142 -28.90 1.38 -29.92
N ARG A 143 -29.02 1.73 -28.64
CA ARG A 143 -29.36 3.10 -28.26
C ARG A 143 -28.24 3.84 -27.55
N MET A 144 -27.33 3.13 -26.89
CA MET A 144 -26.20 3.80 -26.25
C MET A 144 -25.24 4.34 -27.30
N LYS A 145 -24.95 5.62 -27.24
CA LYS A 145 -24.22 6.30 -28.30
C LYS A 145 -22.70 6.26 -28.12
N LEU A 146 -22.20 5.74 -27.01
CA LEU A 146 -20.76 5.72 -26.76
C LEU A 146 -20.14 4.43 -27.25
N ILE A 147 -19.03 4.55 -27.97
CA ILE A 147 -18.18 3.42 -28.33
C ILE A 147 -16.75 3.78 -27.95
N GLU A 148 -16.11 2.91 -27.17
CA GLU A 148 -14.70 3.08 -26.84
C GLU A 148 -13.85 2.36 -27.88
N VAL A 149 -12.95 3.09 -28.52
CA VAL A 149 -12.05 2.53 -29.52
C VAL A 149 -10.72 2.24 -28.81
N ILE A 150 -10.50 0.98 -28.46
CA ILE A 150 -9.35 0.58 -27.67
C ILE A 150 -8.20 0.27 -28.62
N ALA A 151 -7.14 1.06 -28.54
CA ALA A 151 -5.94 0.83 -29.33
C ALA A 151 -5.00 -0.10 -28.57
N GLY A 152 -4.57 -1.18 -29.21
CA GLY A 152 -3.62 -2.08 -28.62
C GLY A 152 -2.19 -1.61 -28.80
N CYS A 153 -1.26 -2.40 -28.26
CA CYS A 153 0.15 -2.05 -28.36
C CYS A 153 0.60 -1.96 -29.81
N ASN A 154 0.07 -2.81 -30.69
CA ASN A 154 0.44 -2.82 -32.09
C ASN A 154 -0.77 -2.54 -32.98
N THR A 155 -1.77 -1.83 -32.46
CA THR A 155 -2.91 -1.39 -33.26
C THR A 155 -2.53 -0.15 -34.05
N PRO A 156 -2.42 -0.24 -35.38
CA PRO A 156 -2.00 0.93 -36.16
C PRO A 156 -3.03 2.04 -36.08
N ALA A 157 -2.53 3.28 -36.13
CA ALA A 157 -3.41 4.44 -36.03
C ALA A 157 -4.47 4.45 -37.11
N GLU A 158 -4.16 3.87 -38.28
CA GLU A 158 -5.14 3.84 -39.35
C GLU A 158 -6.31 2.91 -39.01
N THR A 159 -6.01 1.75 -38.41
CA THR A 159 -7.08 0.87 -37.95
C THR A 159 -7.97 1.59 -36.94
N VAL A 160 -7.37 2.42 -36.09
CA VAL A 160 -8.15 3.22 -35.13
C VAL A 160 -9.15 4.10 -35.86
N GLU A 161 -8.70 4.77 -36.94
CA GLU A 161 -9.56 5.72 -37.63
C GLU A 161 -10.70 5.01 -38.35
N LYS A 162 -10.46 3.83 -38.92
CA LYS A 162 -11.53 3.10 -39.58
C LYS A 162 -12.61 2.67 -38.59
N ILE A 163 -12.24 2.46 -37.32
CA ILE A 163 -13.25 2.19 -36.30
C ILE A 163 -13.97 3.48 -35.92
N LYS A 164 -13.24 4.60 -35.93
CA LYS A 164 -13.86 5.89 -35.68
C LYS A 164 -14.93 6.20 -36.72
N GLU A 165 -14.58 5.99 -38.00
CA GLU A 165 -15.50 6.34 -39.09
C GLU A 165 -16.74 5.45 -39.07
N ILE A 166 -16.55 4.14 -38.85
CA ILE A 166 -17.71 3.25 -38.77
C ILE A 166 -18.59 3.62 -37.59
N SER A 167 -17.97 4.03 -36.48
CA SER A 167 -18.74 4.43 -35.31
C SER A 167 -19.61 5.64 -35.61
N VAL A 168 -19.05 6.65 -36.28
CA VAL A 168 -19.84 7.80 -36.69
C VAL A 168 -20.83 7.41 -37.78
N ALA A 169 -20.48 6.40 -38.59
CA ALA A 169 -21.38 5.94 -39.65
C ALA A 169 -22.65 5.29 -39.12
N ILE A 170 -22.72 4.98 -37.82
CA ILE A 170 -23.91 4.41 -37.23
C ILE A 170 -24.46 5.28 -36.11
N GLY A 171 -24.07 6.56 -36.09
CA GLY A 171 -24.60 7.52 -35.15
C GLY A 171 -23.98 7.52 -33.77
N LYS A 172 -22.91 6.77 -33.55
CA LYS A 172 -22.27 6.70 -32.25
C LYS A 172 -21.11 7.70 -32.18
N ASN A 173 -20.68 7.99 -30.96
CA ASN A 173 -19.54 8.86 -30.71
C ASN A 173 -18.34 8.03 -30.31
N PRO A 174 -17.31 7.92 -31.14
CA PRO A 174 -16.12 7.14 -30.77
C PRO A 174 -15.18 7.93 -29.86
N VAL A 175 -14.80 7.32 -28.74
CA VAL A 175 -13.80 7.87 -27.83
C VAL A 175 -12.60 6.92 -27.84
N GLN A 176 -11.45 7.42 -28.30
CA GLN A 176 -10.27 6.58 -28.38
C GLN A 176 -9.68 6.35 -27.00
N VAL A 177 -9.29 5.10 -26.74
CA VAL A 177 -8.68 4.71 -25.48
C VAL A 177 -7.39 3.95 -25.79
N ASN A 178 -6.28 4.41 -25.22
CA ASN A 178 -5.06 3.63 -25.24
C ASN A 178 -5.19 2.53 -24.19
N GLU A 179 -4.88 1.31 -24.58
CA GLU A 179 -5.25 0.13 -23.80
C GLU A 179 -4.79 0.23 -22.35
N ALA A 180 -5.75 0.22 -21.44
CA ALA A 180 -5.51 0.15 -20.01
C ALA A 180 -6.68 -0.60 -19.38
N ALA A 181 -6.53 -0.96 -18.11
CA ALA A 181 -7.56 -1.73 -17.44
C ALA A 181 -8.78 -0.86 -17.15
N GLY A 182 -9.96 -1.37 -17.47
CA GLY A 182 -11.19 -0.62 -17.27
C GLY A 182 -11.35 0.57 -18.20
N PHE A 183 -10.60 0.59 -19.31
CA PHE A 183 -10.49 1.72 -20.24
C PHE A 183 -10.75 3.07 -19.61
N VAL A 184 -11.96 3.60 -19.77
CA VAL A 184 -12.36 4.90 -19.24
C VAL A 184 -13.57 4.79 -18.33
N VAL A 185 -14.64 4.17 -18.82
CA VAL A 185 -15.91 4.18 -18.11
C VAL A 185 -15.89 3.22 -16.94
N ASN A 186 -15.45 1.99 -17.15
CA ASN A 186 -15.47 1.00 -16.09
C ASN A 186 -14.47 1.34 -14.99
N ARG A 187 -13.27 1.77 -15.37
CA ARG A 187 -12.25 2.12 -14.38
C ARG A 187 -12.71 3.24 -13.45
N ILE A 188 -13.68 4.04 -13.87
CA ILE A 188 -14.24 5.09 -13.04
C ILE A 188 -15.53 4.63 -12.36
N LEU A 189 -16.37 3.89 -13.08
CA LEU A 189 -17.71 3.57 -12.59
C LEU A 189 -17.70 2.45 -11.56
N ILE A 190 -16.85 1.44 -11.73
CA ILE A 190 -16.89 0.29 -10.85
C ILE A 190 -16.23 0.62 -9.50
N PRO A 191 -15.07 1.27 -9.44
CA PRO A 191 -14.59 1.74 -8.13
C PRO A 191 -15.56 2.66 -7.43
N MET A 192 -16.45 3.31 -8.18
CA MET A 192 -17.53 4.08 -7.56
C MET A 192 -18.45 3.15 -6.77
N ILE A 193 -18.98 2.12 -7.43
CA ILE A 193 -19.81 1.13 -6.75
C ILE A 193 -19.02 0.44 -5.65
N ASN A 194 -17.75 0.16 -5.90
CA ASN A 194 -16.90 -0.46 -4.88
C ASN A 194 -16.81 0.42 -3.65
N GLU A 195 -16.72 1.74 -3.84
CA GLU A 195 -16.70 2.64 -2.69
C GLU A 195 -18.01 2.59 -1.92
N ALA A 196 -19.13 2.42 -2.63
CA ALA A 196 -20.43 2.35 -1.96
C ALA A 196 -20.53 1.13 -1.06
N ALA A 197 -19.93 0.02 -1.48
CA ALA A 197 -19.95 -1.18 -0.64
C ALA A 197 -19.12 -0.99 0.62
N PHE A 198 -17.95 -0.36 0.49
CA PHE A 198 -17.13 -0.07 1.66
C PHE A 198 -17.88 0.83 2.64
N ILE A 199 -18.61 1.82 2.11
CA ILE A 199 -19.36 2.74 2.96
C ILE A 199 -20.42 2.01 3.74
N LYS A 200 -21.14 1.08 3.10
CA LYS A 200 -22.17 0.31 3.78
C LYS A 200 -21.56 -0.65 4.79
N MET A 201 -20.50 -1.36 4.39
CA MET A 201 -19.90 -2.35 5.28
C MET A 201 -19.33 -1.71 6.53
N GLU A 202 -18.75 -0.52 6.40
CA GLU A 202 -18.18 0.15 7.56
C GLU A 202 -19.22 0.92 8.37
N GLY A 203 -20.51 0.70 8.11
CA GLY A 203 -21.56 1.31 8.89
C GLY A 203 -21.71 2.80 8.73
N VAL A 204 -21.24 3.36 7.62
CA VAL A 204 -21.37 4.80 7.43
C VAL A 204 -22.83 5.19 7.21
N SER A 205 -23.55 4.41 6.41
CA SER A 205 -24.95 4.69 6.10
C SER A 205 -25.63 3.39 5.72
N ASP A 206 -26.95 3.47 5.51
CA ASP A 206 -27.74 2.31 5.10
C ASP A 206 -27.77 2.22 3.57
N ILE A 207 -28.39 1.14 3.06
CA ILE A 207 -28.39 0.90 1.62
C ILE A 207 -29.25 1.93 0.91
N ALA A 208 -30.46 2.16 1.40
CA ALA A 208 -31.33 3.17 0.80
C ALA A 208 -30.74 4.57 0.95
N GLY A 209 -30.00 4.81 2.03
CA GLY A 209 -29.37 6.11 2.21
C GLY A 209 -28.31 6.41 1.18
N ILE A 210 -27.42 5.44 0.94
CA ILE A 210 -26.30 5.64 0.01
C ILE A 210 -26.81 5.91 -1.41
N ASP A 211 -27.80 5.13 -1.85
CA ASP A 211 -28.23 5.20 -3.25
C ASP A 211 -28.98 6.50 -3.53
N THR A 212 -29.92 6.87 -2.65
CA THR A 212 -30.62 8.13 -2.86
C THR A 212 -29.70 9.33 -2.64
N ALA A 213 -28.66 9.17 -1.83
CA ALA A 213 -27.69 10.25 -1.65
C ALA A 213 -26.87 10.48 -2.92
N MET A 214 -26.50 9.40 -3.60
CA MET A 214 -25.70 9.54 -4.82
C MET A 214 -26.50 10.04 -6.00
N LYS A 215 -27.84 9.94 -5.96
CA LYS A 215 -28.68 10.44 -7.04
C LYS A 215 -29.27 11.81 -6.73
N LEU A 216 -29.33 12.21 -5.47
CA LEU A 216 -29.80 13.55 -5.12
C LEU A 216 -28.67 14.55 -4.97
N GLY A 217 -27.52 14.12 -4.47
CA GLY A 217 -26.37 15.01 -4.30
C GLY A 217 -25.52 15.11 -5.53
N ALA A 218 -25.52 14.07 -6.36
CA ALA A 218 -24.73 14.04 -7.58
C ALA A 218 -25.60 14.04 -8.83
N ASN A 219 -26.92 14.05 -8.69
CA ASN A 219 -27.85 14.03 -9.82
C ASN A 219 -27.56 12.87 -10.77
N HIS A 220 -27.28 11.70 -10.20
CA HIS A 220 -27.03 10.51 -11.01
C HIS A 220 -28.35 9.78 -11.29
N PRO A 221 -28.48 9.15 -12.46
CA PRO A 221 -29.73 8.45 -12.77
C PRO A 221 -29.98 7.24 -11.89
N MET A 222 -28.95 6.72 -11.20
CA MET A 222 -29.11 5.54 -10.38
C MET A 222 -28.06 5.54 -9.29
N GLY A 223 -28.40 4.96 -8.14
CA GLY A 223 -27.47 4.81 -7.05
C GLY A 223 -26.46 3.73 -7.38
N PRO A 224 -25.28 3.79 -6.74
CA PRO A 224 -24.24 2.78 -7.06
C PRO A 224 -24.65 1.37 -6.68
N LEU A 225 -25.23 1.17 -5.50
CA LEU A 225 -25.66 -0.18 -5.11
C LEU A 225 -26.73 -0.71 -6.06
N GLU A 226 -27.72 0.13 -6.38
CA GLU A 226 -28.69 -0.21 -7.40
C GLU A 226 -28.00 -0.62 -8.70
N LEU A 227 -27.06 0.20 -9.16
CA LEU A 227 -26.36 -0.08 -10.40
C LEU A 227 -25.53 -1.36 -10.31
N GLY A 228 -25.00 -1.66 -9.13
CA GLY A 228 -24.23 -2.89 -8.98
C GLY A 228 -25.05 -4.13 -9.26
N ASP A 229 -26.24 -4.20 -8.66
CA ASP A 229 -27.13 -5.32 -8.91
C ASP A 229 -27.61 -5.34 -10.36
N PHE A 230 -27.66 -4.17 -11.01
CA PHE A 230 -28.13 -4.11 -12.39
C PHE A 230 -27.06 -4.59 -13.36
N ILE A 231 -25.80 -4.22 -13.14
CA ILE A 231 -24.72 -4.76 -13.95
C ILE A 231 -24.43 -6.20 -13.55
N GLY A 232 -24.66 -6.56 -12.29
CA GLY A 232 -24.29 -7.86 -11.78
C GLY A 232 -23.07 -7.79 -10.89
N LEU A 233 -23.22 -8.13 -9.61
CA LEU A 233 -22.11 -8.03 -8.67
C LEU A 233 -20.95 -8.94 -9.05
N ASP A 234 -21.22 -10.02 -9.78
CA ASP A 234 -20.13 -10.86 -10.27
C ASP A 234 -19.30 -10.11 -11.32
N ILE A 235 -19.96 -9.33 -12.17
CA ILE A 235 -19.25 -8.54 -13.17
C ILE A 235 -18.41 -7.46 -12.50
N CYS A 236 -19.01 -6.74 -11.55
CA CYS A 236 -18.27 -5.68 -10.85
C CYS A 236 -17.13 -6.26 -10.04
N LEU A 237 -17.32 -7.45 -9.46
CA LEU A 237 -16.23 -8.08 -8.71
C LEU A 237 -15.09 -8.47 -9.63
N ALA A 238 -15.41 -9.05 -10.79
CA ALA A 238 -14.36 -9.44 -11.73
C ALA A 238 -13.62 -8.23 -12.27
N ILE A 239 -14.30 -7.08 -12.41
CA ILE A 239 -13.65 -5.89 -12.94
C ILE A 239 -12.66 -5.33 -11.92
N MET A 240 -13.08 -5.24 -10.65
CA MET A 240 -12.17 -4.77 -9.62
C MET A 240 -10.93 -5.66 -9.52
N ASP A 241 -11.12 -6.97 -9.58
CA ASP A 241 -9.99 -7.88 -9.49
C ASP A 241 -9.09 -7.75 -10.72
N VAL A 242 -9.67 -7.48 -11.89
CA VAL A 242 -8.83 -7.23 -13.06
C VAL A 242 -8.06 -5.93 -12.88
N LEU A 243 -8.71 -4.89 -12.37
CA LEU A 243 -8.02 -3.65 -12.06
C LEU A 243 -6.92 -3.89 -11.04
N TYR A 244 -7.24 -4.61 -9.97
CA TYR A 244 -6.25 -4.86 -8.92
C TYR A 244 -5.07 -5.67 -9.43
N HIS A 245 -5.32 -6.68 -10.27
CA HIS A 245 -4.24 -7.54 -10.73
C HIS A 245 -3.35 -6.84 -11.75
N GLU A 246 -3.95 -6.05 -12.64
CA GLU A 246 -3.15 -5.40 -13.68
C GLU A 246 -2.26 -4.31 -13.09
N THR A 247 -2.80 -3.47 -12.21
CA THR A 247 -2.03 -2.38 -11.63
C THR A 247 -1.28 -2.77 -10.37
N GLY A 248 -1.70 -3.82 -9.67
CA GLY A 248 -1.06 -4.20 -8.42
C GLY A 248 -1.24 -3.17 -7.33
N ASP A 249 -2.18 -2.25 -7.52
CA ASP A 249 -2.43 -1.15 -6.60
C ASP A 249 -3.59 -1.51 -5.68
N SER A 250 -3.32 -1.49 -4.38
CA SER A 250 -4.37 -1.76 -3.38
C SER A 250 -5.53 -0.77 -3.47
N LYS A 251 -5.39 0.31 -4.25
CA LYS A 251 -6.49 1.25 -4.46
C LYS A 251 -7.72 0.55 -5.02
N TYR A 252 -7.52 -0.49 -5.83
CA TYR A 252 -8.61 -1.21 -6.48
C TYR A 252 -8.92 -2.54 -5.80
N ARG A 253 -8.71 -2.63 -4.49
CA ARG A 253 -9.01 -3.87 -3.78
C ARG A 253 -10.52 -4.01 -3.62
N ALA A 254 -11.05 -5.17 -4.01
CA ALA A 254 -12.48 -5.39 -3.95
C ALA A 254 -12.98 -5.40 -2.51
N CYS A 255 -14.13 -4.78 -2.29
CA CYS A 255 -14.72 -4.73 -0.96
C CYS A 255 -15.16 -6.13 -0.54
N PRO A 256 -14.69 -6.62 0.62
CA PRO A 256 -15.03 -7.99 1.03
C PRO A 256 -16.52 -8.27 1.11
N LEU A 257 -17.36 -7.25 1.31
CA LEU A 257 -18.80 -7.49 1.36
C LEU A 257 -19.32 -7.91 -0.01
N ILE A 258 -18.80 -7.31 -1.08
CA ILE A 258 -19.19 -7.74 -2.43
C ILE A 258 -18.73 -9.16 -2.69
N ARG A 259 -17.50 -9.50 -2.29
CA ARG A 259 -17.00 -10.85 -2.48
C ARG A 259 -17.79 -11.86 -1.65
N LYS A 260 -18.30 -11.44 -0.50
CA LYS A 260 -19.13 -12.33 0.30
C LYS A 260 -20.46 -12.61 -0.38
N MET A 261 -21.09 -11.58 -0.94
CA MET A 261 -22.38 -11.75 -1.62
C MET A 261 -22.23 -12.60 -2.88
N VAL A 262 -21.18 -12.37 -3.66
CA VAL A 262 -20.99 -13.15 -4.89
C VAL A 262 -20.81 -14.62 -4.57
N ARG A 263 -20.15 -14.92 -3.45
CA ARG A 263 -20.00 -16.32 -3.04
C ARG A 263 -21.34 -16.94 -2.69
N GLY A 264 -22.23 -16.17 -2.04
CA GLY A 264 -23.55 -16.64 -1.69
C GLY A 264 -24.54 -16.72 -2.83
N GLY A 265 -24.10 -16.44 -4.06
CA GLY A 265 -24.99 -16.47 -5.21
C GLY A 265 -25.89 -15.26 -5.35
N ASN A 266 -25.72 -14.24 -4.52
CA ASN A 266 -26.53 -13.03 -4.58
C ASN A 266 -25.85 -12.04 -5.50
N LEU A 267 -26.18 -12.13 -6.79
CA LEU A 267 -25.57 -11.30 -7.82
C LEU A 267 -26.42 -10.12 -8.24
N GLY A 268 -27.60 -9.95 -7.64
CA GLY A 268 -28.44 -8.83 -7.97
C GLY A 268 -29.75 -9.17 -8.67
N CYS A 269 -30.09 -8.40 -9.70
CA CYS A 269 -31.37 -8.60 -10.39
C CYS A 269 -31.45 -9.96 -11.06
N LYS A 270 -30.32 -10.50 -11.52
CA LYS A 270 -30.37 -11.75 -12.24
C LYS A 270 -30.51 -12.97 -11.34
N THR A 271 -30.42 -12.80 -10.01
CA THR A 271 -30.67 -13.90 -9.08
C THR A 271 -31.72 -13.54 -8.03
N GLY A 272 -32.40 -12.41 -8.19
CA GLY A 272 -33.43 -12.01 -7.25
C GLY A 272 -32.94 -11.38 -5.97
N LYS A 273 -31.68 -11.59 -5.60
CA LYS A 273 -31.12 -11.03 -4.38
C LYS A 273 -29.77 -10.38 -4.66
N GLY A 274 -29.53 -9.28 -3.98
CA GLY A 274 -28.34 -8.45 -4.15
C GLY A 274 -28.26 -7.52 -2.96
N PHE A 275 -27.87 -6.27 -3.22
CA PHE A 275 -28.08 -5.24 -2.21
C PHE A 275 -29.56 -4.99 -2.02
N TYR A 276 -30.38 -5.41 -2.98
CA TYR A 276 -31.83 -5.33 -2.91
C TYR A 276 -32.40 -6.69 -3.25
N VAL A 277 -33.53 -7.03 -2.62
CA VAL A 277 -34.26 -8.26 -2.93
C VAL A 277 -35.33 -7.89 -3.95
N TYR A 278 -35.21 -8.44 -5.16
CA TYR A 278 -36.09 -8.11 -6.27
C TYR A 278 -37.31 -9.02 -6.19
N ASN A 279 -38.32 -8.57 -5.45
CA ASN A 279 -39.48 -9.36 -5.10
C ASN A 279 -40.28 -9.77 -6.35
N ALA A 280 -41.07 -10.83 -6.17
CA ALA A 280 -41.87 -11.38 -7.26
C ALA A 280 -42.88 -10.37 -7.79
N ASP A 281 -43.34 -9.48 -6.93
CA ASP A 281 -44.26 -8.43 -7.33
C ASP A 281 -43.53 -7.24 -7.94
N ARG A 282 -42.27 -7.46 -8.33
CA ARG A 282 -41.45 -6.58 -9.15
C ARG A 282 -41.01 -5.32 -8.41
N THR A 283 -41.39 -5.16 -7.15
CA THR A 283 -40.86 -4.12 -6.29
C THR A 283 -39.42 -4.46 -5.91
N LYS A 284 -38.82 -3.62 -5.10
CA LYS A 284 -37.39 -3.71 -4.83
C LYS A 284 -37.14 -3.15 -3.45
N THR A 285 -36.74 -4.03 -2.53
CA THR A 285 -36.59 -3.73 -1.13
C THR A 285 -35.14 -3.79 -0.71
N PRO A 286 -34.66 -2.77 0.00
CA PRO A 286 -33.32 -2.85 0.59
C PRO A 286 -33.25 -3.98 1.61
N VAL A 287 -32.15 -4.73 1.56
CA VAL A 287 -31.97 -5.89 2.43
C VAL A 287 -31.59 -5.47 3.84
N ASP A 288 -31.50 -4.16 4.09
CA ASP A 288 -31.04 -3.65 5.38
C ASP A 288 -32.08 -3.81 6.47
N GLN A 289 -33.38 -3.80 6.11
CA GLN A 289 -34.43 -4.01 7.10
C GLN A 289 -35.49 -4.97 6.56
N MET B 1 -40.66 28.43 13.16
CA MET B 1 -39.49 28.43 14.03
C MET B 1 -38.43 29.41 13.54
N LYS B 2 -37.47 29.74 14.41
CA LYS B 2 -36.39 30.65 14.09
C LYS B 2 -35.10 29.86 13.86
N ILE B 3 -34.38 30.20 12.80
CA ILE B 3 -33.15 29.50 12.42
C ILE B 3 -32.05 30.55 12.26
N GLY B 4 -31.04 30.48 13.12
CA GLY B 4 -29.89 31.33 12.97
C GLY B 4 -28.88 30.74 12.01
N VAL B 5 -28.71 31.36 10.84
CA VAL B 5 -27.72 30.92 9.85
C VAL B 5 -26.48 31.76 10.07
N ILE B 6 -25.39 31.10 10.46
CA ILE B 6 -24.14 31.78 10.81
C ILE B 6 -23.24 31.73 9.58
N GLY B 7 -22.98 32.89 9.00
CA GLY B 7 -22.16 32.98 7.81
C GLY B 7 -22.97 33.31 6.58
N ALA B 8 -22.90 34.56 6.12
CA ALA B 8 -23.67 34.97 4.95
C ALA B 8 -22.88 34.81 3.65
N GLY B 9 -22.39 33.59 3.41
CA GLY B 9 -21.66 33.27 2.20
C GLY B 9 -22.52 32.57 1.18
N THR B 10 -21.88 31.77 0.33
CA THR B 10 -22.59 31.02 -0.70
C THR B 10 -23.60 30.05 -0.08
N MET B 11 -23.16 29.25 0.88
CA MET B 11 -24.04 28.25 1.48
C MET B 11 -25.01 28.88 2.48
N GLY B 12 -24.54 29.83 3.28
CA GLY B 12 -25.41 30.47 4.25
C GLY B 12 -26.57 31.19 3.58
N GLN B 13 -26.33 31.80 2.42
CA GLN B 13 -27.40 32.46 1.69
C GLN B 13 -28.40 31.43 1.17
N GLY B 14 -27.91 30.35 0.57
CA GLY B 14 -28.81 29.32 0.09
C GLY B 14 -29.55 28.61 1.20
N ILE B 15 -28.87 28.36 2.33
CA ILE B 15 -29.53 27.73 3.47
C ILE B 15 -30.58 28.66 4.05
N ALA B 16 -30.28 29.96 4.12
CA ALA B 16 -31.28 30.92 4.57
C ALA B 16 -32.50 30.92 3.66
N LYS B 17 -32.28 30.77 2.35
CA LYS B 17 -33.41 30.66 1.43
C LYS B 17 -34.15 29.35 1.63
N ALA B 18 -33.42 28.25 1.82
CA ALA B 18 -34.07 26.95 2.01
C ALA B 18 -34.97 26.91 3.24
N PHE B 19 -34.75 27.81 4.20
CA PHE B 19 -35.56 27.89 5.41
C PHE B 19 -36.68 28.92 5.28
N ALA B 20 -36.36 30.14 4.87
CA ALA B 20 -37.39 31.14 4.66
C ALA B 20 -38.32 30.78 3.51
N GLN B 21 -38.02 29.71 2.76
CA GLN B 21 -38.94 29.18 1.77
C GLN B 21 -40.22 28.64 2.40
N VAL B 22 -40.17 28.23 3.68
CA VAL B 22 -41.35 27.70 4.36
C VAL B 22 -42.03 28.83 5.13
N GLU B 23 -43.34 28.69 5.32
CA GLU B 23 -44.16 29.80 5.80
C GLU B 23 -43.74 30.28 7.19
N GLY B 24 -43.81 29.41 8.19
CA GLY B 24 -43.58 29.83 9.57
C GLY B 24 -42.14 29.93 10.02
N ASN B 25 -41.21 29.97 9.08
CA ASN B 25 -39.79 29.98 9.40
C ASN B 25 -39.21 31.38 9.28
N THR B 26 -38.50 31.81 10.33
CA THR B 26 -37.78 33.07 10.32
C THR B 26 -36.28 32.78 10.41
N VAL B 27 -35.49 33.56 9.67
CA VAL B 27 -34.07 33.32 9.53
C VAL B 27 -33.29 34.54 10.00
N ALA B 28 -32.21 34.31 10.75
CA ALA B 28 -31.29 35.35 11.15
C ALA B 28 -29.97 35.07 10.45
N LEU B 29 -29.63 35.91 9.47
CA LEU B 29 -28.43 35.74 8.66
C LEU B 29 -27.33 36.63 9.23
N CYS B 30 -26.44 36.02 10.01
CA CYS B 30 -25.38 36.75 10.70
C CYS B 30 -24.03 36.53 10.02
N ASP B 31 -23.09 37.41 10.34
CA ASP B 31 -21.73 37.34 9.81
C ASP B 31 -20.80 38.07 10.77
N ILE B 32 -19.56 38.31 10.34
CA ILE B 32 -18.56 38.94 11.20
C ILE B 32 -18.95 40.38 11.49
N LYS B 33 -19.13 41.18 10.45
CA LYS B 33 -19.59 42.56 10.60
C LYS B 33 -21.03 42.65 10.13
N GLN B 34 -21.77 43.58 10.75
CA GLN B 34 -23.19 43.73 10.42
C GLN B 34 -23.39 44.07 8.95
N GLU B 35 -22.54 44.94 8.40
CA GLU B 35 -22.71 45.32 7.00
C GLU B 35 -22.51 44.12 6.07
N TRP B 36 -21.65 43.17 6.46
CA TRP B 36 -21.43 42.01 5.63
C TRP B 36 -22.66 41.11 5.59
N ALA B 37 -23.40 41.06 6.71
CA ALA B 37 -24.63 40.26 6.75
C ALA B 37 -25.72 40.88 5.88
N GLU B 38 -25.74 42.20 5.74
CA GLU B 38 -26.74 42.83 4.90
C GLU B 38 -26.38 42.74 3.42
N ASN B 39 -25.09 42.67 3.10
CA ASN B 39 -24.69 42.48 1.70
C ASN B 39 -25.09 41.10 1.19
N GLY B 40 -25.08 40.09 2.07
CA GLY B 40 -25.52 38.76 1.66
C GLY B 40 -27.01 38.71 1.41
N LEU B 41 -27.80 39.43 2.21
CA LEU B 41 -29.24 39.49 1.97
C LEU B 41 -29.56 40.26 0.70
N ALA B 42 -28.76 41.27 0.37
CA ALA B 42 -28.98 42.02 -0.86
C ALA B 42 -28.81 41.14 -2.09
N LYS B 43 -27.91 40.15 -2.02
CA LYS B 43 -27.65 39.32 -3.19
C LYS B 43 -28.75 38.28 -3.40
N ILE B 44 -29.33 37.75 -2.32
CA ILE B 44 -30.42 36.81 -2.50
C ILE B 44 -31.69 37.52 -2.95
N LYS B 45 -31.90 38.75 -2.46
CA LYS B 45 -33.02 39.54 -2.96
C LYS B 45 -32.82 39.90 -4.42
N LYS B 46 -31.58 40.13 -4.84
CA LYS B 46 -31.29 40.40 -6.24
C LYS B 46 -31.61 39.19 -7.10
N GLY B 47 -31.20 38.00 -6.66
CA GLY B 47 -31.55 36.78 -7.39
C GLY B 47 -33.03 36.47 -7.39
N TYR B 48 -33.79 37.06 -6.47
CA TYR B 48 -35.23 36.84 -6.45
C TYR B 48 -35.95 37.75 -7.44
N GLU B 49 -35.50 39.01 -7.55
CA GLU B 49 -36.09 39.91 -8.52
C GLU B 49 -35.82 39.43 -9.95
N LYS B 50 -34.63 38.87 -10.19
CA LYS B 50 -34.35 38.23 -11.47
C LYS B 50 -35.25 37.04 -11.72
N LEU B 51 -35.83 36.46 -10.68
CA LEU B 51 -36.74 35.33 -10.79
C LEU B 51 -38.19 35.76 -10.98
N VAL B 52 -38.56 36.91 -10.43
CA VAL B 52 -39.91 37.44 -10.64
C VAL B 52 -40.04 38.01 -12.04
N ALA B 53 -39.02 38.75 -12.49
CA ALA B 53 -39.04 39.30 -13.85
C ALA B 53 -39.06 38.20 -14.90
N LYS B 54 -38.61 37.00 -14.56
CA LYS B 54 -38.67 35.85 -15.45
C LYS B 54 -39.94 35.03 -15.24
N GLY B 55 -40.80 35.43 -14.30
CA GLY B 55 -42.07 34.77 -14.10
C GLY B 55 -42.00 33.38 -13.53
N LYS B 56 -40.94 33.06 -12.76
CA LYS B 56 -40.84 31.75 -12.13
C LYS B 56 -41.23 31.80 -10.65
N ILE B 57 -41.34 32.99 -10.06
CA ILE B 57 -41.91 33.14 -8.73
C ILE B 57 -42.62 34.48 -8.69
N PRO B 58 -43.89 34.53 -8.29
CA PRO B 58 -44.57 35.82 -8.15
C PRO B 58 -43.82 36.76 -7.22
N GLN B 59 -44.05 38.06 -7.43
CA GLN B 59 -43.46 39.08 -6.56
C GLN B 59 -43.96 38.98 -5.13
N GLU B 60 -45.14 38.38 -4.92
CA GLU B 60 -45.71 38.32 -3.57
C GLU B 60 -44.89 37.45 -2.64
N LYS B 61 -44.31 36.36 -3.16
CA LYS B 61 -43.57 35.44 -2.31
C LYS B 61 -42.13 35.88 -2.08
N ALA B 62 -41.49 36.44 -3.10
CA ALA B 62 -40.12 36.94 -2.93
C ALA B 62 -40.05 37.96 -1.81
N ASP B 63 -41.00 38.90 -1.78
CA ASP B 63 -41.07 39.86 -0.69
C ASP B 63 -41.34 39.19 0.65
N ALA B 64 -42.07 38.07 0.65
CA ALA B 64 -42.34 37.35 1.88
C ALA B 64 -41.15 36.50 2.30
N ILE B 65 -40.45 35.92 1.33
CA ILE B 65 -39.22 35.19 1.63
C ILE B 65 -38.16 36.12 2.18
N VAL B 66 -38.00 37.29 1.55
CA VAL B 66 -36.97 38.26 1.97
C VAL B 66 -37.31 38.82 3.34
N ALA B 67 -38.59 39.07 3.61
CA ALA B 67 -38.99 39.65 4.89
C ALA B 67 -38.80 38.68 6.05
N ALA B 68 -38.65 37.38 5.77
CA ALA B 68 -38.43 36.40 6.82
C ALA B 68 -36.96 36.31 7.24
N ILE B 69 -36.06 36.96 6.51
CA ILE B 69 -34.63 36.94 6.80
C ILE B 69 -34.21 38.30 7.34
N THR B 70 -33.60 38.32 8.52
CA THR B 70 -33.13 39.55 9.15
C THR B 70 -31.63 39.44 9.41
N PRO B 71 -30.80 40.31 8.83
CA PRO B 71 -29.36 40.23 9.05
C PRO B 71 -28.94 40.91 10.35
N GLY B 72 -27.70 40.65 10.75
CA GLY B 72 -27.19 41.24 11.97
C GLY B 72 -25.99 40.44 12.51
N LEU B 73 -25.82 40.53 13.82
CA LEU B 73 -24.68 39.91 14.50
C LEU B 73 -25.16 38.80 15.44
N LYS B 74 -24.20 38.00 15.90
CA LYS B 74 -24.50 36.77 16.61
C LYS B 74 -25.37 36.99 17.85
N GLU B 75 -24.97 37.92 18.72
CA GLU B 75 -25.62 38.04 20.02
C GLU B 75 -27.03 38.61 19.90
N ASN B 76 -27.19 39.71 19.16
CA ASN B 76 -28.44 40.43 19.13
C ASN B 76 -29.61 39.57 18.66
N LEU B 77 -29.37 38.65 17.73
CA LEU B 77 -30.42 37.91 17.04
C LEU B 77 -30.57 36.47 17.47
N CYS B 78 -29.48 35.75 17.72
CA CYS B 78 -29.51 34.30 17.90
C CYS B 78 -29.85 33.86 19.32
N ALA B 79 -30.27 34.79 20.18
CA ALA B 79 -30.62 34.44 21.55
C ALA B 79 -31.84 33.51 21.59
N ASP B 80 -32.87 33.85 20.84
CA ASP B 80 -34.18 33.18 20.89
C ASP B 80 -34.40 32.26 19.70
N CYS B 81 -33.35 31.60 19.22
CA CYS B 81 -33.42 30.76 18.04
C CYS B 81 -33.51 29.30 18.45
N ASP B 82 -34.22 28.51 17.64
CA ASP B 82 -34.45 27.10 17.92
C ASP B 82 -33.40 26.20 17.31
N LEU B 83 -32.88 26.54 16.15
CA LEU B 83 -31.87 25.75 15.46
C LEU B 83 -30.78 26.68 14.94
N ILE B 84 -29.54 26.22 15.00
CA ILE B 84 -28.39 26.97 14.52
C ILE B 84 -27.67 26.12 13.47
N VAL B 85 -27.53 26.67 12.27
CA VAL B 85 -26.72 26.07 11.22
C VAL B 85 -25.55 27.02 10.93
N GLU B 86 -24.33 26.57 11.18
CA GLU B 86 -23.18 27.40 10.88
C GLU B 86 -22.66 27.10 9.48
N ALA B 87 -22.30 28.15 8.76
CA ALA B 87 -21.79 28.07 7.40
C ALA B 87 -20.57 28.95 7.23
N ALA B 88 -19.68 28.93 8.21
CA ALA B 88 -18.51 29.78 8.25
C ALA B 88 -17.36 29.13 7.49
N PHE B 89 -16.17 29.71 7.60
CA PHE B 89 -14.99 29.20 6.92
C PHE B 89 -14.70 27.77 7.38
N GLU B 90 -14.28 26.93 6.45
CA GLU B 90 -14.03 25.52 6.74
C GLU B 90 -12.70 25.45 7.48
N ASP B 91 -12.79 25.77 8.77
CA ASP B 91 -11.64 25.94 9.66
C ASP B 91 -12.05 25.39 11.02
N MET B 92 -11.29 24.42 11.53
CA MET B 92 -11.68 23.72 12.74
C MET B 92 -11.79 24.68 13.93
N LYS B 93 -10.85 25.60 14.06
CA LYS B 93 -10.90 26.52 15.20
C LYS B 93 -11.86 27.67 14.98
N VAL B 94 -12.17 28.01 13.73
CA VAL B 94 -13.22 29.00 13.47
C VAL B 94 -14.57 28.45 13.94
N LYS B 95 -14.90 27.22 13.54
CA LYS B 95 -16.16 26.62 13.93
C LYS B 95 -16.19 26.25 15.41
N GLN B 96 -15.03 26.02 16.02
CA GLN B 96 -14.98 25.66 17.43
C GLN B 96 -15.31 26.86 18.30
N THR B 97 -14.61 27.99 18.07
CA THR B 97 -14.84 29.19 18.86
C THR B 97 -16.20 29.82 18.60
N THR B 98 -16.80 29.57 17.43
CA THR B 98 -18.12 30.13 17.15
C THR B 98 -19.19 29.41 17.94
N PHE B 99 -19.15 28.08 17.98
CA PHE B 99 -20.13 27.34 18.76
C PHE B 99 -19.95 27.56 20.26
N GLY B 100 -18.71 27.73 20.71
CA GLY B 100 -18.49 28.07 22.11
C GLY B 100 -19.09 29.41 22.47
N GLU B 101 -19.10 30.36 21.53
CA GLU B 101 -19.77 31.63 21.76
C GLU B 101 -21.27 31.44 21.87
N LEU B 102 -21.85 30.69 20.93
CA LEU B 102 -23.29 30.45 20.95
C LEU B 102 -23.73 29.58 22.12
N ASP B 103 -22.81 28.79 22.68
CA ASP B 103 -23.15 28.00 23.87
C ASP B 103 -23.48 28.88 25.07
N LYS B 104 -23.15 30.18 25.01
CA LYS B 104 -23.45 31.09 26.11
C LYS B 104 -24.52 32.12 25.76
N ILE B 105 -24.86 32.29 24.48
CA ILE B 105 -25.89 33.22 24.07
C ILE B 105 -27.18 32.52 23.65
N CYS B 106 -27.10 31.35 23.02
CA CYS B 106 -28.28 30.62 22.58
C CYS B 106 -28.96 29.94 23.75
N LYS B 107 -30.28 29.80 23.65
CA LYS B 107 -31.04 29.19 24.73
C LYS B 107 -30.72 27.70 24.82
N PRO B 108 -30.89 27.10 26.00
CA PRO B 108 -30.49 25.69 26.17
C PRO B 108 -31.12 24.73 25.18
N GLU B 109 -32.41 24.88 24.88
CA GLU B 109 -33.09 23.94 24.00
C GLU B 109 -32.73 24.12 22.52
N CYS B 110 -31.95 25.14 22.18
CA CYS B 110 -31.55 25.34 20.80
C CYS B 110 -30.64 24.21 20.34
N ILE B 111 -30.78 23.84 19.06
CA ILE B 111 -30.04 22.73 18.48
C ILE B 111 -28.89 23.30 17.67
N PHE B 112 -27.70 22.69 17.83
CA PHE B 112 -26.48 23.16 17.20
C PHE B 112 -26.12 22.26 16.04
N ALA B 113 -26.11 22.81 14.82
CA ALA B 113 -25.78 22.07 13.62
C ALA B 113 -24.75 22.84 12.81
N SER B 114 -23.95 22.11 12.03
CA SER B 114 -22.91 22.69 11.22
C SER B 114 -22.99 22.17 9.79
N ASN B 115 -22.71 23.05 8.84
CA ASN B 115 -22.73 22.73 7.42
C ASN B 115 -21.38 22.22 6.91
N THR B 116 -20.52 21.72 7.80
CA THR B 116 -19.19 21.30 7.36
C THR B 116 -19.26 20.03 6.53
N SER B 117 -18.31 19.91 5.60
CA SER B 117 -18.21 18.73 4.75
C SER B 117 -16.84 18.07 4.78
N SER B 118 -15.84 18.70 5.40
CA SER B 118 -14.50 18.15 5.49
C SER B 118 -14.01 17.95 6.92
N LEU B 119 -14.62 18.61 7.89
CA LEU B 119 -14.15 18.59 9.27
C LEU B 119 -14.98 17.62 10.11
N SER B 120 -14.35 17.10 11.15
CA SER B 120 -14.98 16.13 12.05
C SER B 120 -15.94 16.87 12.99
N ILE B 121 -17.24 16.61 12.84
CA ILE B 121 -18.22 17.28 13.67
C ILE B 121 -18.11 16.86 15.14
N THR B 122 -17.53 15.69 15.41
CA THR B 122 -17.24 15.30 16.78
C THR B 122 -16.24 16.26 17.41
N GLU B 123 -15.16 16.58 16.68
CA GLU B 123 -14.13 17.48 17.19
C GLU B 123 -14.62 18.92 17.28
N ILE B 124 -15.52 19.33 16.37
CA ILE B 124 -16.04 20.69 16.37
C ILE B 124 -16.70 21.00 17.71
N GLY B 125 -17.46 20.06 18.26
CA GLY B 125 -18.28 20.29 19.43
C GLY B 125 -17.85 19.50 20.65
N LYS B 126 -16.53 19.38 20.85
CA LYS B 126 -15.99 18.55 21.91
C LYS B 126 -16.11 19.19 23.29
N GLY B 127 -16.07 20.51 23.37
CA GLY B 127 -16.15 21.19 24.65
C GLY B 127 -17.49 21.82 24.96
N LEU B 128 -18.48 21.68 24.09
CA LEU B 128 -19.77 22.33 24.29
C LEU B 128 -20.55 21.66 25.41
N SER B 129 -21.48 22.43 25.99
CA SER B 129 -22.40 21.94 27.00
C SER B 129 -23.60 21.22 26.41
N ARG B 130 -23.70 21.15 25.09
CA ARG B 130 -24.81 20.51 24.40
C ARG B 130 -24.26 19.75 23.20
N PRO B 131 -25.02 18.80 22.66
CA PRO B 131 -24.52 18.03 21.52
C PRO B 131 -24.38 18.89 20.27
N LEU B 132 -23.68 18.33 19.29
CA LEU B 132 -23.57 18.92 17.96
C LEU B 132 -23.93 17.88 16.92
N VAL B 133 -24.60 18.32 15.86
CA VAL B 133 -24.98 17.46 14.76
C VAL B 133 -24.54 18.12 13.46
N GLY B 134 -24.41 17.31 12.42
CA GLY B 134 -24.06 17.80 11.10
C GLY B 134 -25.28 17.84 10.19
N MET B 135 -25.51 19.01 9.61
CA MET B 135 -26.58 19.20 8.62
C MET B 135 -25.89 19.66 7.35
N HIS B 136 -25.48 18.71 6.52
CA HIS B 136 -24.71 18.99 5.31
C HIS B 136 -25.67 19.32 4.17
N PHE B 137 -25.83 20.62 3.88
CA PHE B 137 -26.60 21.04 2.72
C PHE B 137 -25.78 20.85 1.44
N PHE B 138 -26.44 21.03 0.30
CA PHE B 138 -25.80 20.91 -1.00
C PHE B 138 -26.05 22.15 -1.83
N ASN B 139 -25.00 22.63 -2.49
CA ASN B 139 -25.10 23.84 -3.32
C ASN B 139 -25.80 23.53 -4.64
N PRO B 140 -26.87 24.27 -5.00
CA PRO B 140 -27.49 25.37 -4.27
C PRO B 140 -28.53 24.86 -3.26
N ALA B 141 -28.48 25.36 -2.03
CA ALA B 141 -29.29 24.76 -0.96
C ALA B 141 -30.78 25.02 -1.14
N ASP B 142 -31.15 26.10 -1.82
CA ASP B 142 -32.57 26.41 -1.96
C ASP B 142 -33.31 25.44 -2.88
N ARG B 143 -32.60 24.65 -3.68
CA ARG B 143 -33.26 23.66 -4.53
C ARG B 143 -32.63 22.27 -4.50
N MET B 144 -31.43 22.11 -3.97
CA MET B 144 -30.87 20.77 -3.79
C MET B 144 -31.64 20.07 -2.68
N LYS B 145 -32.04 18.82 -2.92
CA LYS B 145 -32.97 18.15 -2.03
C LYS B 145 -32.30 17.29 -0.97
N LEU B 146 -31.04 16.91 -1.16
CA LEU B 146 -30.36 16.09 -0.17
C LEU B 146 -29.98 16.91 1.06
N ILE B 147 -30.09 16.28 2.23
CA ILE B 147 -29.51 16.79 3.47
C ILE B 147 -28.84 15.61 4.17
N GLU B 148 -27.55 15.74 4.45
CA GLU B 148 -26.79 14.70 5.14
C GLU B 148 -26.76 15.01 6.63
N VAL B 149 -27.38 14.14 7.42
CA VAL B 149 -27.38 14.28 8.87
C VAL B 149 -26.18 13.51 9.41
N ILE B 150 -25.23 14.23 10.00
CA ILE B 150 -23.98 13.64 10.47
C ILE B 150 -24.06 13.45 11.98
N ALA B 151 -23.99 12.20 12.42
CA ALA B 151 -24.04 11.85 13.83
C ALA B 151 -22.62 11.63 14.32
N GLY B 152 -22.19 12.42 15.30
CA GLY B 152 -20.87 12.29 15.87
C GLY B 152 -20.79 11.14 16.85
N CYS B 153 -19.62 11.03 17.49
CA CYS B 153 -19.40 9.97 18.47
C CYS B 153 -20.35 10.10 19.66
N ASN B 154 -20.73 11.32 20.01
CA ASN B 154 -21.63 11.55 21.14
C ASN B 154 -22.88 12.32 20.74
N THR B 155 -23.26 12.28 19.47
CA THR B 155 -24.51 12.88 19.03
C THR B 155 -25.65 11.93 19.37
N PRO B 156 -26.57 12.31 20.26
CA PRO B 156 -27.66 11.38 20.63
C PRO B 156 -28.57 11.09 19.46
N ALA B 157 -29.17 9.90 19.48
CA ALA B 157 -30.12 9.52 18.44
C ALA B 157 -31.33 10.46 18.41
N GLU B 158 -31.64 11.10 19.53
CA GLU B 158 -32.76 12.04 19.57
C GLU B 158 -32.48 13.26 18.71
N THR B 159 -31.27 13.80 18.79
CA THR B 159 -30.93 14.97 17.99
C THR B 159 -30.92 14.65 16.50
N VAL B 160 -30.42 13.47 16.13
CA VAL B 160 -30.44 13.04 14.73
C VAL B 160 -31.88 12.99 14.23
N GLU B 161 -32.81 12.56 15.09
CA GLU B 161 -34.20 12.43 14.66
C GLU B 161 -34.84 13.77 14.39
N LYS B 162 -34.63 14.75 15.28
CA LYS B 162 -35.27 16.05 15.09
C LYS B 162 -34.69 16.80 13.89
N ILE B 163 -33.41 16.56 13.56
CA ILE B 163 -32.86 17.16 12.36
C ILE B 163 -33.51 16.57 11.11
N LYS B 164 -33.88 15.29 11.17
CA LYS B 164 -34.58 14.69 10.04
C LYS B 164 -36.01 15.19 9.93
N GLU B 165 -36.64 15.50 11.07
CA GLU B 165 -37.98 16.07 11.06
C GLU B 165 -37.98 17.44 10.40
N ILE B 166 -37.06 18.31 10.82
CA ILE B 166 -36.95 19.64 10.23
C ILE B 166 -36.65 19.55 8.75
N SER B 167 -35.76 18.63 8.37
CA SER B 167 -35.41 18.47 6.95
C SER B 167 -36.63 18.06 6.13
N VAL B 168 -37.40 17.09 6.63
CA VAL B 168 -38.63 16.70 5.95
C VAL B 168 -39.61 17.87 5.92
N ALA B 169 -39.60 18.70 6.97
CA ALA B 169 -40.55 19.79 7.06
C ALA B 169 -40.29 20.87 6.00
N ILE B 170 -39.02 21.12 5.69
CA ILE B 170 -38.69 22.19 4.74
C ILE B 170 -38.58 21.63 3.33
N GLY B 171 -39.01 20.38 3.13
CA GLY B 171 -39.03 19.79 1.81
C GLY B 171 -37.76 19.08 1.40
N LYS B 172 -36.98 18.58 2.36
CA LYS B 172 -35.70 17.94 2.08
C LYS B 172 -35.74 16.48 2.49
N ASN B 173 -34.81 15.71 1.93
CA ASN B 173 -34.72 14.29 2.23
C ASN B 173 -33.52 14.01 3.11
N PRO B 174 -33.72 13.69 4.38
CA PRO B 174 -32.58 13.41 5.25
C PRO B 174 -31.99 12.05 4.98
N VAL B 175 -30.68 11.95 5.25
CA VAL B 175 -29.95 10.68 5.17
C VAL B 175 -29.00 10.64 6.36
N GLN B 176 -29.19 9.67 7.25
CA GLN B 176 -28.33 9.56 8.42
C GLN B 176 -26.96 9.06 8.01
N VAL B 177 -25.92 9.81 8.37
CA VAL B 177 -24.54 9.45 8.08
C VAL B 177 -23.79 9.40 9.41
N ASN B 178 -23.26 8.23 9.75
CA ASN B 178 -22.38 8.12 10.90
C ASN B 178 -21.01 8.67 10.51
N GLU B 179 -20.46 9.52 11.37
CA GLU B 179 -19.34 10.38 10.99
C GLU B 179 -18.16 9.59 10.45
N ALA B 180 -17.85 9.85 9.17
CA ALA B 180 -16.69 9.31 8.49
C ALA B 180 -16.28 10.30 7.43
N ALA B 181 -14.99 10.36 7.14
CA ALA B 181 -14.48 11.37 6.22
C ALA B 181 -15.14 11.24 4.84
N GLY B 182 -15.57 12.37 4.29
CA GLY B 182 -16.24 12.39 3.01
C GLY B 182 -17.66 11.89 3.02
N PHE B 183 -18.25 11.69 4.20
CA PHE B 183 -19.58 11.12 4.42
C PHE B 183 -19.98 10.10 3.35
N VAL B 184 -20.86 10.49 2.42
CA VAL B 184 -21.30 9.57 1.38
C VAL B 184 -20.98 10.11 -0.01
N VAL B 185 -21.48 11.32 -0.31
CA VAL B 185 -21.35 11.85 -1.66
C VAL B 185 -19.90 12.16 -1.99
N ASN B 186 -19.24 12.96 -1.15
CA ASN B 186 -17.88 13.39 -1.44
C ASN B 186 -16.90 12.22 -1.44
N ARG B 187 -17.12 11.24 -0.57
CA ARG B 187 -16.23 10.07 -0.55
C ARG B 187 -16.39 9.22 -1.80
N ILE B 188 -17.51 9.35 -2.51
CA ILE B 188 -17.74 8.62 -3.75
C ILE B 188 -17.46 9.49 -4.97
N LEU B 189 -17.84 10.77 -4.91
CA LEU B 189 -17.79 11.61 -6.09
C LEU B 189 -16.41 12.20 -6.34
N ILE B 190 -15.65 12.52 -5.29
CA ILE B 190 -14.35 13.14 -5.47
C ILE B 190 -13.31 12.14 -5.94
N PRO B 191 -13.22 10.93 -5.38
CA PRO B 191 -12.32 9.93 -5.99
C PRO B 191 -12.64 9.65 -7.44
N MET B 192 -13.90 9.82 -7.84
CA MET B 192 -14.27 9.69 -9.25
C MET B 192 -13.52 10.72 -10.10
N ILE B 193 -13.60 11.99 -9.71
CA ILE B 193 -12.88 13.04 -10.42
C ILE B 193 -11.38 12.81 -10.32
N ASN B 194 -10.91 12.36 -9.15
CA ASN B 194 -9.49 12.06 -8.99
C ASN B 194 -9.07 10.94 -9.95
N GLU B 195 -9.93 9.95 -10.15
CA GLU B 195 -9.61 8.86 -11.08
C GLU B 195 -9.51 9.39 -12.51
N ALA B 196 -10.41 10.31 -12.88
CA ALA B 196 -10.37 10.88 -14.22
C ALA B 196 -9.04 11.59 -14.50
N ALA B 197 -8.54 12.34 -13.51
CA ALA B 197 -7.26 13.02 -13.67
C ALA B 197 -6.14 12.02 -13.88
N PHE B 198 -6.16 10.91 -13.12
CA PHE B 198 -5.16 9.86 -13.30
C PHE B 198 -5.24 9.28 -14.71
N ILE B 199 -6.45 9.11 -15.24
CA ILE B 199 -6.61 8.53 -16.57
C ILE B 199 -6.00 9.44 -17.62
N LYS B 200 -6.18 10.76 -17.47
CA LYS B 200 -5.55 11.69 -18.39
C LYS B 200 -4.03 11.71 -18.20
N MET B 201 -3.57 11.72 -16.95
CA MET B 201 -2.13 11.79 -16.69
C MET B 201 -1.39 10.62 -17.32
N GLU B 202 -2.00 9.43 -17.31
CA GLU B 202 -1.38 8.24 -17.86
C GLU B 202 -1.62 8.08 -19.35
N GLY B 203 -2.20 9.09 -20.00
CA GLY B 203 -2.38 9.05 -21.44
C GLY B 203 -3.40 8.04 -21.93
N VAL B 204 -4.31 7.59 -21.07
CA VAL B 204 -5.32 6.62 -21.49
C VAL B 204 -6.27 7.24 -22.50
N SER B 205 -6.73 8.46 -22.22
CA SER B 205 -7.64 9.18 -23.10
C SER B 205 -7.48 10.67 -22.84
N ASP B 206 -7.92 11.47 -23.81
CA ASP B 206 -7.83 12.92 -23.70
C ASP B 206 -8.95 13.45 -22.80
N ILE B 207 -8.93 14.76 -22.57
CA ILE B 207 -9.86 15.37 -21.61
C ILE B 207 -11.30 15.24 -22.11
N ALA B 208 -11.58 15.74 -23.31
CA ALA B 208 -12.94 15.67 -23.84
C ALA B 208 -13.41 14.24 -24.00
N GLY B 209 -12.51 13.32 -24.34
CA GLY B 209 -12.89 11.92 -24.45
C GLY B 209 -13.39 11.35 -23.13
N ILE B 210 -12.66 11.62 -22.05
CA ILE B 210 -13.06 11.11 -20.74
C ILE B 210 -14.45 11.62 -20.36
N ASP B 211 -14.68 12.92 -20.54
CA ASP B 211 -15.95 13.51 -20.12
C ASP B 211 -17.11 12.97 -20.94
N THR B 212 -17.00 13.02 -22.27
CA THR B 212 -18.07 12.50 -23.11
C THR B 212 -18.27 11.01 -22.87
N ALA B 213 -17.21 10.28 -22.49
CA ALA B 213 -17.37 8.87 -22.17
C ALA B 213 -18.25 8.67 -20.95
N MET B 214 -18.13 9.55 -19.96
CA MET B 214 -18.87 9.38 -18.72
C MET B 214 -20.33 9.83 -18.87
N LYS B 215 -20.59 10.83 -19.72
CA LYS B 215 -21.95 11.29 -19.92
C LYS B 215 -22.72 10.39 -20.88
N LEU B 216 -22.02 9.69 -21.78
CA LEU B 216 -22.66 8.79 -22.72
C LEU B 216 -22.58 7.32 -22.31
N GLY B 217 -21.62 6.95 -21.46
CA GLY B 217 -21.49 5.56 -21.06
C GLY B 217 -22.03 5.28 -19.67
N ALA B 218 -22.25 6.34 -18.88
CA ALA B 218 -22.82 6.21 -17.55
C ALA B 218 -24.04 7.09 -17.34
N ASN B 219 -24.45 7.84 -18.35
CA ASN B 219 -25.61 8.74 -18.26
C ASN B 219 -25.42 9.78 -17.16
N HIS B 220 -24.20 10.28 -17.03
CA HIS B 220 -24.02 11.32 -16.01
C HIS B 220 -24.29 12.70 -16.61
N PRO B 221 -24.90 13.62 -15.85
CA PRO B 221 -25.19 14.95 -16.41
C PRO B 221 -23.94 15.74 -16.74
N MET B 222 -22.82 15.45 -16.08
CA MET B 222 -21.58 16.18 -16.32
C MET B 222 -20.40 15.22 -16.28
N GLY B 223 -19.40 15.49 -17.11
CA GLY B 223 -18.18 14.74 -17.07
C GLY B 223 -17.43 14.99 -15.80
N PRO B 224 -16.56 14.06 -15.40
CA PRO B 224 -15.82 14.25 -14.14
C PRO B 224 -14.87 15.44 -14.18
N LEU B 225 -14.10 15.60 -15.26
CA LEU B 225 -13.21 16.75 -15.35
C LEU B 225 -14.00 18.04 -15.42
N GLU B 226 -15.08 18.07 -16.20
CA GLU B 226 -16.03 19.17 -16.17
C GLU B 226 -16.48 19.46 -14.74
N LEU B 227 -16.84 18.41 -14.01
CA LEU B 227 -17.35 18.56 -12.65
C LEU B 227 -16.32 19.18 -11.73
N GLY B 228 -15.06 18.73 -11.83
CA GLY B 228 -14.01 19.30 -10.99
C GLY B 228 -13.83 20.79 -11.24
N ASP B 229 -13.84 21.19 -12.52
CA ASP B 229 -13.74 22.61 -12.84
C ASP B 229 -14.90 23.40 -12.26
N PHE B 230 -16.07 22.78 -12.15
CA PHE B 230 -17.23 23.47 -11.59
C PHE B 230 -17.20 23.49 -10.07
N ILE B 231 -16.79 22.39 -9.45
CA ILE B 231 -16.63 22.36 -8.00
C ILE B 231 -15.48 23.26 -7.59
N GLY B 232 -14.34 23.13 -8.27
CA GLY B 232 -13.12 23.81 -7.89
C GLY B 232 -12.04 22.83 -7.51
N LEU B 233 -10.96 22.80 -8.30
CA LEU B 233 -9.90 21.81 -8.11
C LEU B 233 -9.21 21.98 -6.76
N ASP B 234 -9.18 23.20 -6.23
CA ASP B 234 -8.62 23.40 -4.89
C ASP B 234 -9.41 22.63 -3.84
N ILE B 235 -10.73 22.58 -3.98
CA ILE B 235 -11.57 21.87 -3.03
C ILE B 235 -11.48 20.37 -3.26
N CYS B 236 -11.46 19.94 -4.52
CA CYS B 236 -11.31 18.52 -4.82
C CYS B 236 -9.98 17.99 -4.30
N LEU B 237 -8.92 18.81 -4.40
CA LEU B 237 -7.63 18.41 -3.84
C LEU B 237 -7.68 18.38 -2.32
N ALA B 238 -8.36 19.36 -1.71
CA ALA B 238 -8.47 19.38 -0.26
C ALA B 238 -9.26 18.19 0.26
N ILE B 239 -10.30 17.78 -0.47
CA ILE B 239 -11.10 16.62 -0.04
C ILE B 239 -10.26 15.36 -0.07
N MET B 240 -9.53 15.13 -1.17
CA MET B 240 -8.71 13.94 -1.28
C MET B 240 -7.64 13.88 -0.19
N ASP B 241 -7.12 15.03 0.20
CA ASP B 241 -6.12 15.05 1.27
C ASP B 241 -6.74 14.65 2.60
N VAL B 242 -7.95 15.14 2.89
CA VAL B 242 -8.63 14.75 4.12
C VAL B 242 -8.87 13.24 4.15
N LEU B 243 -9.35 12.69 3.02
CA LEU B 243 -9.56 11.25 2.95
C LEU B 243 -8.26 10.49 3.16
N TYR B 244 -7.16 10.99 2.60
CA TYR B 244 -5.88 10.30 2.75
C TYR B 244 -5.36 10.40 4.18
N HIS B 245 -5.53 11.56 4.82
CA HIS B 245 -4.99 11.74 6.16
C HIS B 245 -5.85 11.05 7.21
N GLU B 246 -7.17 11.02 7.02
CA GLU B 246 -8.03 10.39 8.02
C GLU B 246 -7.92 8.88 7.97
N THR B 247 -7.75 8.30 6.78
CA THR B 247 -7.62 6.86 6.66
C THR B 247 -6.19 6.37 6.68
N GLY B 248 -5.25 7.15 6.15
CA GLY B 248 -3.90 6.64 5.97
C GLY B 248 -3.78 5.66 4.83
N ASP B 249 -4.75 5.68 3.91
CA ASP B 249 -4.87 4.69 2.84
C ASP B 249 -4.42 5.30 1.52
N SER B 250 -3.42 4.67 0.90
CA SER B 250 -2.93 5.12 -0.40
C SER B 250 -4.02 5.09 -1.47
N LYS B 251 -5.15 4.46 -1.18
CA LYS B 251 -6.28 4.44 -2.12
C LYS B 251 -6.77 5.85 -2.42
N TYR B 252 -6.67 6.77 -1.45
CA TYR B 252 -7.20 8.13 -1.60
C TYR B 252 -6.11 9.15 -1.88
N ARG B 253 -4.98 8.73 -2.46
CA ARG B 253 -3.93 9.67 -2.78
C ARG B 253 -4.34 10.55 -3.95
N ALA B 254 -4.06 11.84 -3.84
CA ALA B 254 -4.47 12.78 -4.87
C ALA B 254 -3.60 12.66 -6.11
N CYS B 255 -4.21 12.85 -7.26
CA CYS B 255 -3.48 12.80 -8.52
C CYS B 255 -2.47 13.93 -8.57
N PRO B 256 -1.18 13.65 -8.75
CA PRO B 256 -0.19 14.75 -8.82
C PRO B 256 -0.51 15.79 -9.88
N LEU B 257 -1.15 15.40 -10.98
CA LEU B 257 -1.53 16.37 -12.00
C LEU B 257 -2.46 17.44 -11.43
N ILE B 258 -3.38 17.03 -10.54
CA ILE B 258 -4.30 18.00 -9.93
C ILE B 258 -3.53 18.97 -9.06
N ARG B 259 -2.63 18.45 -8.22
CA ARG B 259 -1.85 19.32 -7.33
C ARG B 259 -1.01 20.31 -8.12
N LYS B 260 -0.50 19.89 -9.28
CA LYS B 260 0.27 20.81 -10.12
C LYS B 260 -0.62 21.92 -10.68
N MET B 261 -1.86 21.58 -11.03
CA MET B 261 -2.77 22.61 -11.53
C MET B 261 -3.21 23.56 -10.42
N VAL B 262 -3.45 23.03 -9.22
CA VAL B 262 -3.83 23.89 -8.11
C VAL B 262 -2.69 24.85 -7.75
N ARG B 263 -1.45 24.35 -7.76
CA ARG B 263 -0.30 25.22 -7.51
C ARG B 263 -0.17 26.29 -8.58
N GLY B 264 -0.62 26.00 -9.80
CA GLY B 264 -0.61 26.97 -10.88
C GLY B 264 -1.78 27.93 -10.90
N GLY B 265 -2.68 27.86 -9.93
CA GLY B 265 -3.84 28.73 -9.89
C GLY B 265 -4.92 28.39 -10.88
N ASN B 266 -4.83 27.24 -11.55
CA ASN B 266 -5.87 26.81 -12.50
C ASN B 266 -6.90 25.97 -11.74
N LEU B 267 -7.80 26.67 -11.06
CA LEU B 267 -8.79 26.04 -10.19
C LEU B 267 -10.10 25.75 -10.88
N GLY B 268 -10.21 25.98 -12.19
CA GLY B 268 -11.44 25.67 -12.90
C GLY B 268 -12.24 26.88 -13.34
N CYS B 269 -13.53 26.90 -12.98
CA CYS B 269 -14.42 27.95 -13.46
C CYS B 269 -14.13 29.29 -12.81
N LYS B 270 -13.86 29.30 -11.50
CA LYS B 270 -13.67 30.56 -10.79
C LYS B 270 -12.37 31.26 -11.17
N THR B 271 -11.50 30.62 -11.96
CA THR B 271 -10.28 31.25 -12.44
C THR B 271 -10.20 31.36 -13.95
N GLY B 272 -11.13 30.73 -14.68
CA GLY B 272 -11.10 30.76 -16.12
C GLY B 272 -10.22 29.72 -16.77
N LYS B 273 -9.57 28.86 -15.98
CA LYS B 273 -8.78 27.78 -16.55
C LYS B 273 -8.72 26.63 -15.56
N GLY B 274 -9.01 25.43 -16.06
CA GLY B 274 -9.01 24.19 -15.33
C GLY B 274 -8.49 23.09 -16.25
N PHE B 275 -9.22 21.98 -16.29
CA PHE B 275 -9.05 21.05 -17.39
C PHE B 275 -9.63 21.63 -18.67
N TYR B 276 -10.42 22.70 -18.55
CA TYR B 276 -10.99 23.42 -19.69
C TYR B 276 -10.70 24.90 -19.54
N VAL B 277 -10.47 25.56 -20.67
CA VAL B 277 -10.32 27.01 -20.71
C VAL B 277 -11.71 27.61 -20.92
N TYR B 278 -12.13 28.48 -20.01
CA TYR B 278 -13.49 29.04 -20.03
C TYR B 278 -13.42 30.44 -20.64
N ASN B 279 -13.63 30.51 -21.95
CA ASN B 279 -13.54 31.76 -22.68
C ASN B 279 -14.71 32.69 -22.34
N ALA B 280 -14.55 33.96 -22.71
CA ALA B 280 -15.64 34.93 -22.56
C ALA B 280 -16.76 34.71 -23.55
N ASP B 281 -16.58 33.85 -24.56
CA ASP B 281 -17.64 33.58 -25.52
C ASP B 281 -18.66 32.57 -25.03
N ARG B 282 -18.65 32.25 -23.73
CA ARG B 282 -19.48 31.24 -23.08
C ARG B 282 -19.04 29.83 -23.48
N THR B 283 -18.04 29.72 -24.35
CA THR B 283 -17.53 28.46 -24.86
C THR B 283 -16.64 27.78 -23.82
N LYS B 284 -16.20 26.57 -24.13
CA LYS B 284 -15.34 25.80 -23.24
C LYS B 284 -14.43 24.93 -24.10
N THR B 285 -13.13 25.09 -23.93
CA THR B 285 -12.14 24.37 -24.72
C THR B 285 -11.22 23.57 -23.81
N PRO B 286 -11.02 22.28 -24.05
CA PRO B 286 -10.09 21.51 -23.23
C PRO B 286 -8.64 21.96 -23.43
N VAL B 287 -7.87 21.93 -22.34
CA VAL B 287 -6.44 22.21 -22.40
C VAL B 287 -5.71 21.28 -23.37
N ASP B 288 -6.34 20.16 -23.75
CA ASP B 288 -5.67 19.16 -24.57
C ASP B 288 -5.49 19.61 -26.01
N GLN B 289 -6.35 20.47 -26.51
CA GLN B 289 -6.23 20.96 -27.89
C GLN B 289 -6.56 22.44 -27.97
N MET C 1 24.23 3.21 44.50
CA MET C 1 24.29 4.34 43.58
C MET C 1 23.07 5.24 43.73
N LYS C 2 23.19 6.49 43.27
CA LYS C 2 22.10 7.45 43.34
C LYS C 2 21.46 7.58 41.96
N ILE C 3 20.14 7.54 41.92
CA ILE C 3 19.40 7.53 40.66
C ILE C 3 18.38 8.67 40.68
N GLY C 4 18.38 9.47 39.63
CA GLY C 4 17.38 10.50 39.46
C GLY C 4 16.21 9.99 38.63
N VAL C 5 15.02 10.52 38.92
CA VAL C 5 13.80 10.18 38.19
C VAL C 5 13.13 11.51 37.88
N ILE C 6 13.28 11.99 36.65
CA ILE C 6 12.75 13.29 36.24
C ILE C 6 11.28 13.09 35.88
N GLY C 7 10.38 13.53 36.76
CA GLY C 7 8.97 13.27 36.61
C GLY C 7 8.46 12.35 37.70
N ALA C 8 7.36 12.73 38.34
CA ALA C 8 6.83 12.00 39.49
C ALA C 8 5.42 11.45 39.23
N GLY C 9 5.10 11.19 37.96
CA GLY C 9 3.78 10.70 37.60
C GLY C 9 3.67 9.19 37.72
N THR C 10 2.79 8.60 36.89
CA THR C 10 2.55 7.17 36.94
C THR C 10 3.84 6.37 36.81
N MET C 11 4.72 6.80 35.90
CA MET C 11 6.00 6.12 35.72
C MET C 11 7.09 6.65 36.63
N GLY C 12 6.99 7.92 37.04
CA GLY C 12 7.97 8.46 37.97
C GLY C 12 7.97 7.72 39.29
N GLN C 13 6.78 7.51 39.87
CA GLN C 13 6.67 6.72 41.09
C GLN C 13 7.04 5.26 40.85
N GLY C 14 6.47 4.66 39.81
CA GLY C 14 6.68 3.25 39.55
C GLY C 14 8.16 2.88 39.43
N ILE C 15 8.91 3.67 38.66
CA ILE C 15 10.34 3.40 38.50
C ILE C 15 11.07 3.62 39.82
N ALA C 16 10.67 4.66 40.57
CA ALA C 16 11.29 4.91 41.87
C ALA C 16 11.07 3.74 42.81
N LYS C 17 9.87 3.16 42.81
CA LYS C 17 9.62 1.97 43.63
C LYS C 17 10.53 0.82 43.23
N ALA C 18 10.68 0.58 41.93
CA ALA C 18 11.53 -0.52 41.47
C ALA C 18 12.98 -0.30 41.86
N PHE C 19 13.40 0.94 42.02
CA PHE C 19 14.75 1.28 42.42
C PHE C 19 14.92 1.40 43.92
N ALA C 20 13.83 1.22 44.67
CA ALA C 20 13.86 1.38 46.11
C ALA C 20 13.74 0.06 46.85
N GLN C 21 13.29 -1.00 46.20
CA GLN C 21 13.08 -2.24 46.92
C GLN C 21 14.34 -3.07 47.12
N VAL C 22 15.55 -2.60 46.78
CA VAL C 22 16.64 -3.54 47.03
C VAL C 22 17.74 -3.18 48.02
N GLU C 23 18.45 -2.10 47.74
CA GLU C 23 19.69 -1.77 48.45
C GLU C 23 19.87 -0.25 48.48
N GLY C 24 21.08 0.17 48.81
CA GLY C 24 21.52 1.52 49.05
C GLY C 24 21.64 2.19 47.71
N ASN C 25 20.50 2.11 47.03
CA ASN C 25 20.18 2.76 45.77
C ASN C 25 19.17 3.82 46.20
N THR C 26 19.65 5.05 46.31
CA THR C 26 18.87 6.18 46.79
C THR C 26 18.36 6.98 45.59
N VAL C 27 17.04 7.11 45.47
CA VAL C 27 16.42 7.73 44.30
C VAL C 27 16.08 9.16 44.61
N ALA C 28 16.44 10.06 43.70
CA ALA C 28 16.07 11.47 43.75
C ALA C 28 14.87 11.65 42.84
N LEU C 29 13.67 11.48 43.40
CA LEU C 29 12.44 11.61 42.64
C LEU C 29 12.13 13.09 42.47
N CYS C 30 12.31 13.62 41.26
CA CYS C 30 12.15 15.04 41.01
C CYS C 30 10.90 15.29 40.17
N ASP C 31 10.66 16.56 39.91
CA ASP C 31 9.53 17.05 39.12
C ASP C 31 9.79 18.52 38.85
N ILE C 32 8.83 19.17 38.20
CA ILE C 32 8.97 20.59 37.93
C ILE C 32 8.82 21.39 39.23
N LYS C 33 7.89 20.97 40.09
CA LYS C 33 7.61 21.65 41.35
C LYS C 33 7.74 20.71 42.54
N GLN C 34 8.36 21.20 43.62
CA GLN C 34 8.49 20.39 44.84
C GLN C 34 7.14 20.01 45.42
N GLU C 35 6.12 20.86 45.23
CA GLU C 35 4.79 20.53 45.71
C GLU C 35 4.33 19.19 45.16
N TRP C 36 4.89 18.75 44.05
CA TRP C 36 4.41 17.57 43.33
C TRP C 36 5.30 16.36 43.54
N ALA C 37 6.63 16.53 43.62
CA ALA C 37 7.48 15.40 43.96
C ALA C 37 7.13 14.82 45.32
N GLU C 38 6.69 15.66 46.27
CA GLU C 38 6.15 15.15 47.52
C GLU C 38 4.75 14.57 47.34
N ASN C 39 3.93 15.22 46.51
CA ASN C 39 2.64 14.66 46.12
C ASN C 39 2.84 13.26 45.57
N GLY C 40 3.67 13.15 44.52
CA GLY C 40 4.17 11.86 44.10
C GLY C 40 4.58 11.03 45.29
N LEU C 41 5.54 11.51 46.07
CA LEU C 41 6.05 10.73 47.21
C LEU C 41 4.90 10.33 48.14
N ALA C 42 3.96 11.23 48.38
CA ALA C 42 2.83 10.91 49.24
C ALA C 42 2.02 9.77 48.65
N LYS C 43 1.80 9.78 47.33
CA LYS C 43 1.06 8.68 46.73
C LYS C 43 1.75 7.33 46.92
N ILE C 44 3.08 7.27 46.76
CA ILE C 44 3.74 5.98 46.96
C ILE C 44 3.60 5.49 48.39
N LYS C 45 3.70 6.39 49.38
CA LYS C 45 3.58 5.95 50.77
C LYS C 45 2.21 5.34 51.02
N LYS C 46 1.15 5.98 50.52
CA LYS C 46 -0.21 5.49 50.76
C LYS C 46 -0.37 4.05 50.26
N GLY C 47 0.14 3.76 49.06
CA GLY C 47 0.02 2.41 48.54
C GLY C 47 0.86 1.40 49.30
N TYR C 48 1.97 1.84 49.90
CA TYR C 48 2.78 0.94 50.71
C TYR C 48 2.02 0.48 51.95
N GLU C 49 1.59 1.42 52.79
CA GLU C 49 0.81 1.02 53.97
C GLU C 49 -0.65 0.78 53.64
N LYS C 50 -1.02 0.86 52.35
CA LYS C 50 -2.18 0.13 51.86
C LYS C 50 -1.93 -1.37 51.92
N LEU C 51 -0.66 -1.76 51.79
CA LEU C 51 -0.26 -3.16 51.74
C LEU C 51 0.48 -3.62 53.00
N VAL C 52 1.16 -2.72 53.72
CA VAL C 52 1.57 -3.03 55.08
C VAL C 52 0.35 -3.50 55.87
N ALA C 53 -0.80 -2.91 55.58
CA ALA C 53 -2.11 -3.24 56.16
C ALA C 53 -2.60 -4.63 55.75
N LYS C 54 -1.86 -5.36 54.93
CA LYS C 54 -2.34 -6.62 54.38
C LYS C 54 -1.34 -7.75 54.60
N GLY C 55 -0.61 -7.70 55.71
CA GLY C 55 0.28 -8.79 56.10
C GLY C 55 1.22 -9.30 55.03
N LYS C 56 1.66 -8.45 54.10
CA LYS C 56 2.52 -8.92 53.03
C LYS C 56 3.88 -8.23 52.97
N ILE C 57 4.03 -7.02 53.50
CA ILE C 57 5.35 -6.43 53.71
C ILE C 57 5.61 -6.31 55.20
N PRO C 58 6.87 -6.30 55.63
CA PRO C 58 7.20 -5.72 56.93
C PRO C 58 7.45 -4.23 56.79
N GLN C 59 6.87 -3.39 57.66
CA GLN C 59 7.06 -1.95 57.51
C GLN C 59 8.49 -1.53 57.81
N GLU C 60 9.33 -2.43 58.31
CA GLU C 60 10.75 -2.10 58.49
C GLU C 60 11.43 -1.88 57.16
N LYS C 61 10.94 -2.53 56.11
CA LYS C 61 11.41 -2.30 54.75
C LYS C 61 10.55 -1.25 54.04
N ALA C 62 9.23 -1.30 54.25
CA ALA C 62 8.31 -0.33 53.67
C ALA C 62 8.56 1.06 54.22
N ASP C 63 9.49 1.19 55.16
CA ASP C 63 9.98 2.47 55.65
C ASP C 63 11.40 2.76 55.19
N ALA C 64 12.29 1.76 55.26
CA ALA C 64 13.61 1.91 54.66
C ALA C 64 13.53 2.10 53.15
N ILE C 65 12.43 1.65 52.53
CA ILE C 65 12.22 1.92 51.10
C ILE C 65 11.84 3.37 50.90
N VAL C 66 10.79 3.83 51.59
CA VAL C 66 10.29 5.18 51.40
C VAL C 66 11.28 6.23 51.91
N ALA C 67 12.13 5.88 52.87
CA ALA C 67 13.16 6.81 53.32
C ALA C 67 14.27 6.99 52.29
N ALA C 68 14.48 5.99 51.42
CA ALA C 68 15.53 6.08 50.41
C ALA C 68 15.19 7.09 49.31
N ILE C 69 13.92 7.40 49.11
CA ILE C 69 13.48 8.29 48.05
C ILE C 69 13.33 9.70 48.61
N THR C 70 14.05 10.66 48.02
CA THR C 70 14.00 12.05 48.44
C THR C 70 13.43 12.93 47.33
N PRO C 71 12.41 13.73 47.61
CA PRO C 71 11.76 14.50 46.54
C PRO C 71 12.36 15.87 46.34
N GLY C 72 12.12 16.43 45.14
CA GLY C 72 12.50 17.80 44.79
C GLY C 72 12.46 18.15 43.30
N LEU C 73 13.41 18.97 42.83
CA LEU C 73 13.57 19.32 41.41
C LEU C 73 15.01 19.15 41.00
N LYS C 74 15.22 19.08 39.68
CA LYS C 74 16.43 18.47 39.13
C LYS C 74 17.69 19.11 39.70
N GLU C 75 17.88 20.42 39.48
CA GLU C 75 19.16 21.04 39.84
C GLU C 75 19.46 20.92 41.34
N ASN C 76 18.46 21.07 42.23
CA ASN C 76 18.79 20.97 43.65
C ASN C 76 18.83 19.53 44.19
N LEU C 77 18.79 18.49 43.34
CA LEU C 77 18.99 17.11 43.79
C LEU C 77 19.94 16.25 42.95
N CYS C 78 20.34 16.67 41.75
CA CYS C 78 20.81 15.72 40.74
C CYS C 78 22.30 15.89 40.39
N ALA C 79 23.05 16.60 41.23
CA ALA C 79 24.46 16.84 40.94
C ALA C 79 25.33 15.61 41.18
N ASP C 80 24.88 14.67 42.01
CA ASP C 80 25.70 13.56 42.49
C ASP C 80 25.00 12.22 42.25
N CYS C 81 24.46 12.04 41.04
CA CYS C 81 23.81 10.78 40.69
C CYS C 81 24.60 10.09 39.58
N ASP C 82 24.42 8.77 39.50
CA ASP C 82 25.13 7.95 38.52
C ASP C 82 24.25 7.45 37.38
N LEU C 83 22.94 7.53 37.53
CA LEU C 83 22.01 7.13 36.47
C LEU C 83 20.78 8.02 36.54
N ILE C 84 20.36 8.54 35.40
CA ILE C 84 19.17 9.37 35.30
C ILE C 84 18.17 8.60 34.43
N VAL C 85 17.12 8.10 35.05
CA VAL C 85 16.00 7.49 34.32
C VAL C 85 14.92 8.56 34.24
N GLU C 86 14.94 9.33 33.15
CA GLU C 86 13.93 10.36 32.94
C GLU C 86 12.62 9.73 32.47
N ALA C 87 11.51 10.18 33.07
CA ALA C 87 10.17 9.78 32.62
C ALA C 87 9.30 11.03 32.73
N ALA C 88 9.19 11.72 31.60
CA ALA C 88 8.56 13.04 31.49
C ALA C 88 7.49 13.04 30.41
N PHE C 89 6.95 14.22 30.12
CA PHE C 89 5.95 14.37 29.07
C PHE C 89 6.50 13.87 27.74
N GLU C 90 5.67 13.12 27.01
CA GLU C 90 6.07 12.50 25.75
C GLU C 90 6.08 13.55 24.65
N ASP C 91 7.06 14.44 24.74
CA ASP C 91 7.24 15.56 23.82
C ASP C 91 8.73 15.69 23.53
N MET C 92 9.07 15.83 22.25
CA MET C 92 10.47 15.81 21.83
C MET C 92 11.26 16.96 22.42
N LYS C 93 10.65 18.13 22.59
CA LYS C 93 11.41 19.31 23.00
C LYS C 93 11.55 19.44 24.51
N VAL C 94 10.62 18.89 25.28
CA VAL C 94 10.78 18.93 26.73
C VAL C 94 11.86 17.95 27.17
N LYS C 95 11.99 16.81 26.49
CA LYS C 95 13.05 15.86 26.82
C LYS C 95 14.40 16.35 26.31
N GLN C 96 14.43 17.05 25.17
CA GLN C 96 15.68 17.59 24.66
C GLN C 96 16.20 18.71 25.56
N THR C 97 15.31 19.62 25.96
CA THR C 97 15.68 20.66 26.92
C THR C 97 16.13 20.06 28.23
N THR C 98 15.40 19.07 28.74
CA THR C 98 15.73 18.47 30.02
C THR C 98 17.15 17.91 30.02
N PHE C 99 17.45 17.01 29.07
CA PHE C 99 18.79 16.45 29.02
C PHE C 99 19.83 17.50 28.68
N GLY C 100 19.43 18.59 28.01
CA GLY C 100 20.33 19.70 27.83
C GLY C 100 20.65 20.42 29.13
N GLU C 101 19.72 20.40 30.09
CA GLU C 101 19.97 21.01 31.39
C GLU C 101 20.74 20.07 32.31
N LEU C 102 20.32 18.81 32.39
CA LEU C 102 20.99 17.88 33.29
C LEU C 102 22.42 17.62 32.85
N ASP C 103 22.73 17.77 31.56
CA ASP C 103 24.11 17.58 31.12
C ASP C 103 25.06 18.57 31.80
N LYS C 104 24.61 19.81 32.00
CA LYS C 104 25.38 20.82 32.71
C LYS C 104 25.21 20.76 34.23
N ILE C 105 24.68 19.66 34.76
CA ILE C 105 24.43 19.55 36.20
C ILE C 105 25.16 18.34 36.75
N CYS C 106 24.88 17.19 36.17
CA CYS C 106 25.25 15.92 36.75
C CYS C 106 26.73 15.62 36.58
N LYS C 107 27.14 14.56 37.25
CA LYS C 107 28.48 14.03 37.14
C LYS C 107 28.79 13.68 35.68
N PRO C 108 30.07 13.75 35.29
CA PRO C 108 30.44 13.44 33.89
C PRO C 108 30.58 11.96 33.61
N GLU C 109 30.07 11.12 34.51
CA GLU C 109 30.01 9.67 34.34
C GLU C 109 28.64 9.15 34.69
N CYS C 110 27.71 10.04 35.05
CA CYS C 110 26.30 9.69 35.19
C CYS C 110 25.71 9.28 33.85
N ILE C 111 24.98 8.16 33.85
CA ILE C 111 24.36 7.62 32.64
C ILE C 111 22.99 8.25 32.46
N PHE C 112 22.65 8.54 31.20
CA PHE C 112 21.39 9.18 30.84
C PHE C 112 20.51 8.18 30.11
N ALA C 113 19.37 7.84 30.71
CA ALA C 113 18.42 6.88 30.18
C ALA C 113 17.04 7.52 30.09
N SER C 114 16.30 7.17 29.03
CA SER C 114 14.97 7.69 28.81
C SER C 114 13.96 6.56 28.84
N ASN C 115 12.76 6.84 29.36
CA ASN C 115 11.69 5.88 29.47
C ASN C 115 10.64 6.06 28.38
N THR C 116 10.98 6.78 27.31
CA THR C 116 10.03 7.08 26.26
C THR C 116 9.55 5.80 25.56
N SER C 117 8.39 5.91 24.91
CA SER C 117 7.78 4.83 24.17
C SER C 117 7.73 5.06 22.67
N SER C 118 7.39 6.28 22.24
CA SER C 118 7.15 6.58 20.83
C SER C 118 8.15 7.56 20.23
N LEU C 119 9.14 8.01 20.99
CA LEU C 119 10.10 8.99 20.48
C LEU C 119 11.43 8.32 20.19
N SER C 120 12.17 8.95 19.27
CA SER C 120 13.43 8.40 18.78
C SER C 120 14.55 8.71 19.77
N ILE C 121 15.08 7.65 20.41
CA ILE C 121 16.15 7.80 21.40
C ILE C 121 17.33 8.56 20.78
N THR C 122 17.67 8.25 19.53
CA THR C 122 18.81 8.89 18.88
C THR C 122 18.61 10.41 18.77
N GLU C 123 17.37 10.84 18.53
CA GLU C 123 17.11 12.27 18.38
C GLU C 123 17.03 13.00 19.71
N ILE C 124 16.74 12.29 20.81
CA ILE C 124 16.73 12.91 22.13
C ILE C 124 18.11 13.50 22.44
N GLY C 125 19.13 12.66 22.40
CA GLY C 125 20.47 13.05 22.81
C GLY C 125 21.39 13.43 21.66
N LYS C 126 20.85 14.15 20.68
CA LYS C 126 21.65 14.56 19.53
C LYS C 126 22.57 15.72 19.86
N GLY C 127 22.15 16.62 20.75
CA GLY C 127 22.97 17.74 21.15
C GLY C 127 23.78 17.54 22.41
N LEU C 128 23.73 16.35 23.01
CA LEU C 128 24.44 16.09 24.26
C LEU C 128 25.86 15.60 24.01
N SER C 129 26.66 15.60 25.07
CA SER C 129 28.03 15.12 25.02
C SER C 129 28.11 13.64 25.36
N ARG C 130 27.51 13.23 26.48
CA ARG C 130 27.54 11.84 26.89
C ARG C 130 26.48 11.04 26.14
N PRO C 131 26.67 9.73 25.99
CA PRO C 131 25.69 8.92 25.26
C PRO C 131 24.33 8.90 25.94
N LEU C 132 23.30 8.71 25.13
CA LEU C 132 21.93 8.54 25.62
C LEU C 132 21.46 7.13 25.30
N VAL C 133 20.86 6.48 26.29
CA VAL C 133 20.40 5.10 26.15
C VAL C 133 18.90 5.08 26.42
N GLY C 134 18.28 3.95 26.08
CA GLY C 134 16.86 3.73 26.32
C GLY C 134 16.66 2.73 27.45
N MET C 135 15.83 3.13 28.41
CA MET C 135 15.48 2.29 29.56
C MET C 135 13.96 2.38 29.68
N HIS C 136 13.26 1.41 29.08
CA HIS C 136 11.81 1.45 28.95
C HIS C 136 11.19 0.53 30.02
N PHE C 137 10.66 1.14 31.07
CA PHE C 137 9.93 0.41 32.09
C PHE C 137 8.51 0.12 31.60
N PHE C 138 7.78 -0.68 32.37
CA PHE C 138 6.44 -1.11 32.00
C PHE C 138 5.50 -0.97 33.20
N ASN C 139 4.33 -0.39 32.96
CA ASN C 139 3.39 -0.09 34.04
C ASN C 139 2.76 -1.37 34.59
N PRO C 140 2.81 -1.60 35.91
CA PRO C 140 3.49 -0.82 36.94
C PRO C 140 4.96 -1.22 37.08
N ALA C 141 5.87 -0.24 37.08
CA ALA C 141 7.29 -0.52 37.00
C ALA C 141 7.85 -1.22 38.24
N ASP C 142 7.09 -1.32 39.33
CA ASP C 142 7.60 -1.99 40.51
C ASP C 142 7.56 -3.52 40.36
N ARG C 143 6.43 -4.05 39.90
CA ARG C 143 6.28 -5.49 39.77
C ARG C 143 6.54 -6.00 38.35
N MET C 144 6.36 -5.17 37.33
CA MET C 144 6.65 -5.61 35.97
C MET C 144 8.16 -5.81 35.81
N LYS C 145 8.54 -7.00 35.36
CA LYS C 145 9.93 -7.43 35.36
C LYS C 145 10.63 -7.23 34.03
N LEU C 146 9.97 -6.64 33.04
CA LEU C 146 10.56 -6.44 31.72
C LEU C 146 11.09 -5.02 31.58
N ILE C 147 12.28 -4.90 31.00
CA ILE C 147 12.89 -3.62 30.69
C ILE C 147 13.45 -3.71 29.28
N GLU C 148 12.99 -2.85 28.39
CA GLU C 148 13.50 -2.78 27.03
C GLU C 148 14.67 -1.81 27.00
N VAL C 149 15.87 -2.33 26.75
CA VAL C 149 17.07 -1.51 26.62
C VAL C 149 17.19 -1.10 25.15
N ILE C 150 17.14 0.21 24.89
CA ILE C 150 17.07 0.74 23.54
C ILE C 150 18.43 1.30 23.18
N ALA C 151 19.12 0.65 22.24
CA ALA C 151 20.40 1.10 21.74
C ALA C 151 20.18 2.05 20.57
N GLY C 152 20.59 3.31 20.73
CA GLY C 152 20.47 4.28 19.67
C GLY C 152 21.51 4.06 18.59
N CYS C 153 21.49 4.96 17.61
CA CYS C 153 22.45 4.88 16.51
C CYS C 153 23.87 5.09 17.00
N ASN C 154 24.08 5.98 17.97
CA ASN C 154 25.40 6.28 18.50
C ASN C 154 25.53 5.87 19.97
N THR C 155 24.71 4.93 20.43
CA THR C 155 24.85 4.42 21.80
C THR C 155 25.95 3.37 21.85
N PRO C 156 27.06 3.64 22.53
CA PRO C 156 28.14 2.65 22.62
C PRO C 156 27.68 1.38 23.32
N ALA C 157 28.28 0.26 22.91
CA ALA C 157 27.91 -1.04 23.49
C ALA C 157 28.14 -1.07 24.99
N GLU C 158 29.11 -0.29 25.49
CA GLU C 158 29.36 -0.22 26.93
C GLU C 158 28.13 0.30 27.67
N THR C 159 27.57 1.41 27.20
CA THR C 159 26.41 2.01 27.86
C THR C 159 25.22 1.05 27.89
N VAL C 160 25.06 0.23 26.84
CA VAL C 160 23.90 -0.65 26.76
C VAL C 160 23.95 -1.72 27.84
N GLU C 161 25.12 -2.33 28.04
CA GLU C 161 25.20 -3.46 28.97
C GLU C 161 25.23 -3.01 30.41
N LYS C 162 25.76 -1.82 30.70
CA LYS C 162 25.67 -1.30 32.06
C LYS C 162 24.23 -1.10 32.48
N ILE C 163 23.39 -0.58 31.57
CA ILE C 163 21.96 -0.51 31.82
C ILE C 163 21.39 -1.93 31.96
N LYS C 164 21.91 -2.87 31.17
CA LYS C 164 21.48 -4.26 31.31
C LYS C 164 21.95 -4.84 32.64
N GLU C 165 23.04 -4.32 33.19
CA GLU C 165 23.52 -4.80 34.49
C GLU C 165 22.79 -4.13 35.63
N ILE C 166 22.42 -2.86 35.48
CA ILE C 166 21.57 -2.21 36.48
C ILE C 166 20.20 -2.88 36.51
N SER C 167 19.71 -3.32 35.35
CA SER C 167 18.37 -3.91 35.27
C SER C 167 18.31 -5.25 35.99
N VAL C 168 19.33 -6.11 35.80
CA VAL C 168 19.33 -7.39 36.49
C VAL C 168 19.53 -7.18 37.99
N ALA C 169 20.31 -6.15 38.37
CA ALA C 169 20.59 -5.90 39.78
C ALA C 169 19.37 -5.45 40.55
N ILE C 170 18.32 -5.00 39.86
CA ILE C 170 17.08 -4.59 40.50
C ILE C 170 15.96 -5.60 40.24
N GLY C 171 16.33 -6.84 39.91
CA GLY C 171 15.37 -7.91 39.70
C GLY C 171 14.68 -7.91 38.36
N LYS C 172 14.90 -6.90 37.53
CA LYS C 172 14.24 -6.82 36.23
C LYS C 172 14.93 -7.74 35.22
N ASN C 173 14.14 -8.22 34.26
CA ASN C 173 14.66 -9.00 33.14
C ASN C 173 14.81 -8.08 31.94
N PRO C 174 16.02 -7.72 31.55
CA PRO C 174 16.20 -6.78 30.44
C PRO C 174 16.28 -7.48 29.09
N VAL C 175 15.97 -6.70 28.05
CA VAL C 175 16.03 -7.17 26.68
C VAL C 175 16.60 -6.05 25.82
N GLN C 176 17.54 -6.40 24.93
CA GLN C 176 18.19 -5.41 24.09
C GLN C 176 17.36 -5.15 22.84
N VAL C 177 17.21 -3.87 22.51
CA VAL C 177 16.40 -3.44 21.37
C VAL C 177 17.19 -2.42 20.57
N ASN C 178 17.30 -2.65 19.26
CA ASN C 178 17.87 -1.66 18.35
C ASN C 178 16.75 -0.72 17.91
N GLU C 179 17.03 0.58 17.96
CA GLU C 179 15.99 1.59 17.89
C GLU C 179 15.13 1.46 16.64
N ALA C 180 13.84 1.23 16.85
CA ALA C 180 12.83 1.23 15.81
C ALA C 180 11.51 1.59 16.46
N ALA C 181 10.60 2.18 15.69
CA ALA C 181 9.37 2.70 16.27
C ALA C 181 8.57 1.60 16.96
N GLY C 182 8.23 1.84 18.22
CA GLY C 182 7.46 0.88 19.00
C GLY C 182 8.25 -0.27 19.56
N PHE C 183 9.58 -0.18 19.56
CA PHE C 183 10.52 -1.24 19.92
C PHE C 183 9.97 -2.64 19.67
N VAL C 184 9.49 -3.30 20.73
CA VAL C 184 8.96 -4.65 20.61
C VAL C 184 7.51 -4.70 21.08
N VAL C 185 7.29 -4.33 22.33
CA VAL C 185 5.98 -4.55 22.95
C VAL C 185 4.91 -3.71 22.27
N ASN C 186 5.10 -2.39 22.21
CA ASN C 186 4.07 -1.53 21.65
C ASN C 186 3.91 -1.73 20.14
N ARG C 187 4.95 -2.20 19.46
CA ARG C 187 4.84 -2.46 18.03
C ARG C 187 3.95 -3.67 17.74
N ILE C 188 3.87 -4.60 18.68
CA ILE C 188 3.01 -5.78 18.55
C ILE C 188 1.65 -5.57 19.22
N LEU C 189 1.66 -4.97 20.42
CA LEU C 189 0.45 -4.91 21.23
C LEU C 189 -0.54 -3.87 20.70
N ILE C 190 -0.05 -2.72 20.27
CA ILE C 190 -0.94 -1.61 19.92
C ILE C 190 -1.62 -1.87 18.57
N PRO C 191 -0.92 -2.34 17.53
CA PRO C 191 -1.65 -2.75 16.32
C PRO C 191 -2.66 -3.85 16.59
N MET C 192 -2.45 -4.66 17.62
CA MET C 192 -3.44 -5.65 18.01
C MET C 192 -4.73 -4.99 18.47
N ILE C 193 -4.61 -3.95 19.30
CA ILE C 193 -5.78 -3.17 19.71
C ILE C 193 -6.39 -2.48 18.48
N ASN C 194 -5.54 -1.95 17.60
CA ASN C 194 -6.02 -1.27 16.40
C ASN C 194 -6.84 -2.21 15.53
N GLU C 195 -6.36 -3.45 15.35
CA GLU C 195 -7.10 -4.41 14.54
C GLU C 195 -8.42 -4.80 15.18
N ALA C 196 -8.50 -4.76 16.52
CA ALA C 196 -9.75 -5.08 17.18
C ALA C 196 -10.82 -4.01 16.93
N ALA C 197 -10.40 -2.74 16.81
CA ALA C 197 -11.36 -1.69 16.50
C ALA C 197 -11.85 -1.80 15.06
N PHE C 198 -10.97 -2.22 14.15
CA PHE C 198 -11.39 -2.50 12.78
C PHE C 198 -12.44 -3.61 12.74
N ILE C 199 -12.27 -4.62 13.61
CA ILE C 199 -13.26 -5.69 13.73
C ILE C 199 -14.63 -5.12 14.11
N LYS C 200 -14.64 -4.19 15.08
CA LYS C 200 -15.90 -3.61 15.53
C LYS C 200 -16.50 -2.71 14.45
N MET C 201 -15.70 -1.81 13.89
CA MET C 201 -16.22 -0.88 12.88
C MET C 201 -16.77 -1.62 11.67
N GLU C 202 -16.08 -2.68 11.25
CA GLU C 202 -16.55 -3.48 10.13
C GLU C 202 -17.67 -4.43 10.50
N GLY C 203 -18.10 -4.44 11.76
CA GLY C 203 -19.24 -5.24 12.18
C GLY C 203 -19.00 -6.73 12.18
N VAL C 204 -17.76 -7.16 12.34
CA VAL C 204 -17.49 -8.60 12.40
C VAL C 204 -18.07 -9.19 13.67
N SER C 205 -18.01 -8.46 14.78
CA SER C 205 -18.61 -8.88 16.03
C SER C 205 -18.83 -7.65 16.89
N ASP C 206 -19.40 -7.87 18.08
CA ASP C 206 -19.68 -6.80 19.03
C ASP C 206 -18.50 -6.64 19.98
N ILE C 207 -18.55 -5.58 20.79
CA ILE C 207 -17.44 -5.23 21.67
C ILE C 207 -17.19 -6.34 22.69
N ALA C 208 -18.25 -6.79 23.35
CA ALA C 208 -18.10 -7.86 24.34
C ALA C 208 -17.60 -9.15 23.70
N GLY C 209 -18.15 -9.50 22.53
CA GLY C 209 -17.73 -10.73 21.87
C GLY C 209 -16.27 -10.73 21.47
N ILE C 210 -15.77 -9.59 21.00
CA ILE C 210 -14.36 -9.50 20.62
C ILE C 210 -13.48 -9.72 21.84
N ASP C 211 -13.82 -9.07 22.96
CA ASP C 211 -13.02 -9.19 24.17
C ASP C 211 -13.01 -10.64 24.69
N THR C 212 -14.20 -11.23 24.84
CA THR C 212 -14.28 -12.60 25.37
C THR C 212 -13.59 -13.60 24.46
N ALA C 213 -13.66 -13.38 23.15
CA ALA C 213 -12.98 -14.28 22.21
C ALA C 213 -11.47 -14.27 22.42
N MET C 214 -10.91 -13.13 22.81
CA MET C 214 -9.48 -13.00 22.95
C MET C 214 -8.95 -13.48 24.31
N LYS C 215 -9.81 -13.62 25.32
CA LYS C 215 -9.39 -14.21 26.59
C LYS C 215 -9.72 -15.69 26.68
N LEU C 216 -10.52 -16.22 25.76
CA LEU C 216 -10.92 -17.63 25.77
C LEU C 216 -10.23 -18.46 24.69
N GLY C 217 -9.80 -17.86 23.58
CA GLY C 217 -9.19 -18.62 22.50
C GLY C 217 -7.70 -18.43 22.38
N ALA C 218 -7.18 -17.34 22.95
CA ALA C 218 -5.75 -17.04 22.97
C ALA C 218 -5.20 -16.91 24.39
N ASN C 219 -6.04 -17.08 25.41
CA ASN C 219 -5.62 -17.08 26.82
C ASN C 219 -5.02 -15.73 27.23
N HIS C 220 -5.59 -14.64 26.71
CA HIS C 220 -5.07 -13.33 27.08
C HIS C 220 -5.76 -12.81 28.34
N PRO C 221 -5.00 -12.19 29.26
CA PRO C 221 -5.63 -11.76 30.53
C PRO C 221 -6.68 -10.68 30.34
N MET C 222 -6.48 -9.75 29.42
CA MET C 222 -7.45 -8.71 29.14
C MET C 222 -7.75 -8.70 27.64
N GLY C 223 -8.99 -8.37 27.31
CA GLY C 223 -9.38 -8.21 25.93
C GLY C 223 -8.68 -7.01 25.31
N PRO C 224 -8.55 -7.01 23.98
CA PRO C 224 -7.88 -5.89 23.32
C PRO C 224 -8.64 -4.58 23.46
N LEU C 225 -9.95 -4.61 23.26
CA LEU C 225 -10.76 -3.41 23.47
C LEU C 225 -10.74 -2.99 24.93
N GLU C 226 -10.76 -3.95 25.84
CA GLU C 226 -10.56 -3.67 27.26
C GLU C 226 -9.25 -2.93 27.48
N LEU C 227 -8.15 -3.51 27.00
CA LEU C 227 -6.82 -2.95 27.25
C LEU C 227 -6.69 -1.55 26.68
N GLY C 228 -7.29 -1.28 25.52
CA GLY C 228 -7.23 0.05 24.95
C GLY C 228 -7.80 1.11 25.86
N ASP C 229 -8.88 0.78 26.57
CA ASP C 229 -9.42 1.71 27.55
C ASP C 229 -8.50 1.87 28.75
N PHE C 230 -7.81 0.79 29.14
CA PHE C 230 -6.90 0.85 30.28
C PHE C 230 -5.70 1.74 29.97
N ILE C 231 -4.99 1.43 28.87
CA ILE C 231 -3.83 2.22 28.49
C ILE C 231 -4.23 3.67 28.21
N GLY C 232 -5.36 3.86 27.56
CA GLY C 232 -5.79 5.17 27.12
C GLY C 232 -5.77 5.24 25.60
N LEU C 233 -6.94 5.53 25.01
CA LEU C 233 -7.05 5.53 23.56
C LEU C 233 -6.27 6.66 22.91
N ASP C 234 -6.03 7.75 23.64
CA ASP C 234 -5.15 8.80 23.13
C ASP C 234 -3.71 8.29 23.02
N ILE C 235 -3.28 7.47 23.98
CA ILE C 235 -1.94 6.90 23.93
C ILE C 235 -1.83 5.92 22.76
N CYS C 236 -2.87 5.15 22.51
CA CYS C 236 -2.81 4.16 21.43
C CYS C 236 -2.84 4.83 20.07
N LEU C 237 -3.73 5.81 19.88
CA LEU C 237 -3.79 6.54 18.62
C LEU C 237 -2.46 7.22 18.33
N ALA C 238 -1.80 7.75 19.37
CA ALA C 238 -0.51 8.40 19.16
C ALA C 238 0.57 7.41 18.73
N ILE C 239 0.53 6.20 19.27
CA ILE C 239 1.54 5.21 18.92
C ILE C 239 1.31 4.68 17.51
N MET C 240 0.04 4.44 17.15
CA MET C 240 -0.26 4.02 15.78
C MET C 240 0.17 5.08 14.77
N ASP C 241 0.01 6.37 15.14
CA ASP C 241 0.42 7.44 14.24
C ASP C 241 1.93 7.56 14.18
N VAL C 242 2.63 7.23 15.27
CA VAL C 242 4.08 7.22 15.25
C VAL C 242 4.59 6.12 14.33
N LEU C 243 4.02 4.91 14.47
CA LEU C 243 4.41 3.80 13.61
C LEU C 243 4.13 4.11 12.14
N TYR C 244 3.03 4.81 11.87
CA TYR C 244 2.68 5.15 10.49
C TYR C 244 3.60 6.24 9.94
N HIS C 245 3.92 7.24 10.75
CA HIS C 245 4.79 8.33 10.28
C HIS C 245 6.22 7.84 10.10
N GLU C 246 6.71 7.00 11.02
CA GLU C 246 8.09 6.55 10.97
C GLU C 246 8.34 5.64 9.77
N THR C 247 7.38 4.77 9.45
CA THR C 247 7.57 3.79 8.38
C THR C 247 6.94 4.20 7.06
N GLY C 248 5.91 5.05 7.08
CA GLY C 248 5.18 5.32 5.86
C GLY C 248 4.34 4.16 5.40
N ASP C 249 4.24 3.11 6.22
CA ASP C 249 3.55 1.88 5.87
C ASP C 249 2.07 1.99 6.28
N SER C 250 1.18 1.96 5.30
CA SER C 250 -0.25 2.04 5.58
C SER C 250 -0.73 0.82 6.36
N LYS C 251 0.18 -0.12 6.60
CA LYS C 251 -0.14 -1.25 7.47
C LYS C 251 -0.40 -0.81 8.90
N TYR C 252 0.19 0.32 9.32
CA TYR C 252 0.03 0.85 10.67
C TYR C 252 -0.90 2.06 10.71
N ARG C 253 -1.83 2.15 9.76
CA ARG C 253 -2.78 3.26 9.76
C ARG C 253 -3.79 3.07 10.89
N ALA C 254 -3.97 4.11 11.70
CA ALA C 254 -4.88 4.02 12.84
C ALA C 254 -6.31 3.83 12.37
N CYS C 255 -7.09 3.13 13.18
CA CYS C 255 -8.47 2.86 12.83
C CYS C 255 -9.28 4.15 12.93
N PRO C 256 -10.08 4.49 11.92
CA PRO C 256 -10.86 5.74 12.00
C PRO C 256 -11.84 5.77 13.15
N LEU C 257 -12.32 4.61 13.60
CA LEU C 257 -13.21 4.58 14.76
C LEU C 257 -12.49 5.06 16.02
N ILE C 258 -11.21 4.70 16.17
CA ILE C 258 -10.44 5.16 17.33
C ILE C 258 -10.20 6.67 17.25
N ARG C 259 -9.84 7.17 16.07
CA ARG C 259 -9.67 8.61 15.89
C ARG C 259 -10.96 9.36 16.18
N LYS C 260 -12.11 8.75 15.90
CA LYS C 260 -13.39 9.40 16.17
C LYS C 260 -13.65 9.54 17.66
N MET C 261 -13.27 8.53 18.44
CA MET C 261 -13.54 8.53 19.88
C MET C 261 -12.59 9.43 20.64
N VAL C 262 -11.36 9.58 20.15
CA VAL C 262 -10.42 10.50 20.79
C VAL C 262 -10.89 11.94 20.64
N ARG C 263 -11.41 12.30 19.46
CA ARG C 263 -11.97 13.63 19.27
C ARG C 263 -13.26 13.84 20.06
N GLY C 264 -13.85 12.77 20.60
CA GLY C 264 -15.00 12.86 21.46
C GLY C 264 -14.69 12.81 22.94
N GLY C 265 -13.42 12.88 23.33
CA GLY C 265 -13.04 12.79 24.73
C GLY C 265 -13.20 11.43 25.36
N ASN C 266 -13.68 10.43 24.61
CA ASN C 266 -13.91 9.08 25.14
C ASN C 266 -12.59 8.30 25.11
N LEU C 267 -11.70 8.66 26.04
CA LEU C 267 -10.35 8.11 26.09
C LEU C 267 -10.24 6.81 26.88
N GLY C 268 -11.33 6.34 27.50
CA GLY C 268 -11.32 5.08 28.22
C GLY C 268 -11.56 5.27 29.71
N CYS C 269 -10.76 4.53 30.50
CA CYS C 269 -10.93 4.52 31.96
C CYS C 269 -10.79 5.91 32.57
N LYS C 270 -9.79 6.66 32.15
CA LYS C 270 -9.51 7.95 32.77
C LYS C 270 -10.49 9.04 32.37
N THR C 271 -11.56 8.72 31.65
CA THR C 271 -12.57 9.70 31.31
C THR C 271 -13.99 9.21 31.56
N GLY C 272 -14.16 8.00 32.10
CA GLY C 272 -15.47 7.44 32.35
C GLY C 272 -16.07 6.69 31.19
N LYS C 273 -15.62 6.93 29.96
CA LYS C 273 -16.17 6.24 28.81
C LYS C 273 -15.08 6.02 27.77
N GLY C 274 -15.01 4.80 27.27
CA GLY C 274 -14.08 4.33 26.25
C GLY C 274 -14.83 3.47 25.27
N PHE C 275 -14.28 2.27 25.03
CA PHE C 275 -15.05 1.22 24.37
C PHE C 275 -16.10 0.67 25.32
N TYR C 276 -15.92 0.86 26.62
CA TYR C 276 -16.90 0.50 27.64
C TYR C 276 -17.22 1.73 28.48
N VAL C 277 -18.46 1.84 28.92
CA VAL C 277 -18.84 2.87 29.89
C VAL C 277 -18.42 2.37 31.27
N TYR C 278 -17.63 3.17 31.97
CA TYR C 278 -17.12 2.81 33.30
C TYR C 278 -18.01 3.45 34.35
N ASN C 279 -19.05 2.71 34.73
CA ASN C 279 -20.09 3.18 35.62
C ASN C 279 -19.58 3.28 37.06
N ALA C 280 -20.43 3.88 37.91
CA ALA C 280 -20.05 4.17 39.29
C ALA C 280 -19.94 2.89 40.12
N ASP C 281 -20.87 1.95 39.92
CA ASP C 281 -20.89 0.70 40.65
C ASP C 281 -19.90 -0.32 40.09
N ARG C 282 -18.98 0.14 39.24
CA ARG C 282 -17.87 -0.59 38.62
C ARG C 282 -18.32 -1.52 37.49
N THR C 283 -19.61 -1.64 37.20
CA THR C 283 -20.03 -2.43 36.06
C THR C 283 -19.48 -1.81 34.78
N LYS C 284 -19.02 -2.66 33.87
CA LYS C 284 -18.34 -2.25 32.65
C LYS C 284 -19.27 -2.56 31.48
N THR C 285 -20.05 -1.55 31.06
CA THR C 285 -21.04 -1.78 30.01
C THR C 285 -20.46 -1.40 28.65
N PRO C 286 -20.51 -2.31 27.67
CA PRO C 286 -20.09 -1.94 26.31
C PRO C 286 -21.06 -0.93 25.70
N VAL C 287 -20.49 0.16 25.17
CA VAL C 287 -21.30 1.18 24.50
C VAL C 287 -22.09 0.61 23.33
N ASP C 288 -21.75 -0.61 22.89
CA ASP C 288 -22.52 -1.26 21.84
C ASP C 288 -23.96 -1.53 22.27
N GLN C 289 -24.15 -1.95 23.52
CA GLN C 289 -25.48 -2.24 24.03
C GLN C 289 -25.92 -1.18 25.04
N MET D 1 -21.90 -38.32 20.05
CA MET D 1 -22.44 -39.48 19.35
C MET D 1 -22.10 -39.40 17.86
N LYS D 2 -21.25 -40.31 17.40
CA LYS D 2 -20.94 -40.49 15.98
C LYS D 2 -20.37 -39.21 15.36
N ILE D 3 -19.49 -38.54 16.12
CA ILE D 3 -18.91 -37.28 15.69
C ILE D 3 -17.89 -37.51 14.58
N GLY D 4 -17.93 -36.67 13.56
CA GLY D 4 -17.06 -36.85 12.42
C GLY D 4 -15.89 -35.90 12.30
N VAL D 5 -14.69 -36.40 12.51
CA VAL D 5 -13.46 -35.61 12.47
C VAL D 5 -12.66 -36.04 11.25
N ILE D 6 -12.70 -35.24 10.20
CA ILE D 6 -11.88 -35.46 9.01
C ILE D 6 -10.56 -34.74 9.23
N GLY D 7 -9.44 -35.46 9.06
CA GLY D 7 -8.17 -34.86 9.41
C GLY D 7 -7.72 -35.32 10.79
N ALA D 8 -6.59 -36.01 10.84
CA ALA D 8 -6.08 -36.64 12.05
C ALA D 8 -4.74 -36.02 12.47
N GLY D 9 -4.63 -34.70 12.34
CA GLY D 9 -3.41 -34.00 12.65
C GLY D 9 -3.45 -33.21 13.93
N THR D 10 -2.72 -32.08 13.95
CA THR D 10 -2.56 -31.27 15.16
C THR D 10 -3.87 -31.03 15.90
N MET D 11 -4.95 -30.81 15.17
CA MET D 11 -6.21 -30.44 15.80
C MET D 11 -7.35 -31.41 15.56
N GLY D 12 -7.28 -32.24 14.51
CA GLY D 12 -8.21 -33.34 14.41
C GLY D 12 -8.11 -34.25 15.63
N GLN D 13 -6.91 -34.41 16.18
CA GLN D 13 -6.74 -35.14 17.43
C GLN D 13 -7.34 -34.41 18.62
N GLY D 14 -7.28 -33.07 18.61
CA GLY D 14 -7.83 -32.30 19.71
C GLY D 14 -9.34 -32.29 19.72
N ILE D 15 -9.95 -32.19 18.53
CA ILE D 15 -11.41 -32.24 18.45
C ILE D 15 -11.92 -33.65 18.75
N ALA D 16 -11.20 -34.66 18.27
CA ALA D 16 -11.53 -36.04 18.63
C ALA D 16 -11.50 -36.23 20.14
N LYS D 17 -10.44 -35.73 20.79
CA LYS D 17 -10.34 -35.84 22.24
C LYS D 17 -11.42 -35.00 22.94
N ALA D 18 -11.63 -33.77 22.48
CA ALA D 18 -12.60 -32.89 23.14
C ALA D 18 -14.01 -33.47 23.12
N PHE D 19 -14.34 -34.25 22.09
CA PHE D 19 -15.66 -34.88 22.02
C PHE D 19 -15.69 -36.21 22.75
N ALA D 20 -14.68 -37.05 22.53
CA ALA D 20 -14.63 -38.36 23.19
C ALA D 20 -14.37 -38.28 24.69
N GLN D 21 -13.98 -37.10 25.20
CA GLN D 21 -13.76 -36.95 26.63
C GLN D 21 -15.07 -37.07 27.41
N VAL D 22 -16.15 -36.56 26.84
CA VAL D 22 -17.43 -36.44 27.54
C VAL D 22 -18.30 -37.66 27.28
N GLU D 23 -18.90 -38.15 28.35
CA GLU D 23 -19.84 -39.27 28.39
C GLU D 23 -19.73 -40.23 27.22
N GLY D 24 -20.63 -40.15 26.24
CA GLY D 24 -20.45 -40.91 25.02
C GLY D 24 -20.41 -40.05 23.78
N ASN D 25 -19.35 -40.14 22.97
CA ASN D 25 -19.33 -39.47 21.68
C ASN D 25 -18.90 -40.34 20.49
N THR D 26 -18.17 -41.45 20.71
CA THR D 26 -17.92 -42.46 19.67
C THR D 26 -17.40 -41.86 18.35
N VAL D 27 -16.23 -41.20 18.44
CA VAL D 27 -15.76 -40.24 17.44
C VAL D 27 -14.94 -40.94 16.36
N ALA D 28 -15.01 -40.39 15.15
CA ALA D 28 -14.48 -40.98 13.92
C ALA D 28 -13.31 -40.15 13.40
N LEU D 29 -12.08 -40.66 13.56
CA LEU D 29 -10.86 -39.98 13.14
C LEU D 29 -10.41 -40.53 11.80
N CYS D 30 -10.62 -39.76 10.73
CA CYS D 30 -10.29 -40.16 9.38
C CYS D 30 -9.22 -39.24 8.78
N ASP D 31 -8.40 -39.82 7.91
CA ASP D 31 -7.28 -39.13 7.27
C ASP D 31 -7.20 -39.60 5.81
N ILE D 32 -6.10 -39.24 5.16
CA ILE D 32 -5.92 -39.55 3.74
C ILE D 32 -5.76 -41.06 3.55
N LYS D 33 -4.99 -41.72 4.41
CA LYS D 33 -4.88 -43.17 4.36
C LYS D 33 -4.86 -43.72 5.77
N GLN D 34 -5.15 -45.02 5.86
CA GLN D 34 -5.54 -45.64 7.12
C GLN D 34 -4.47 -45.53 8.19
N GLU D 35 -3.20 -45.64 7.80
CA GLU D 35 -2.14 -45.66 8.80
C GLU D 35 -1.89 -44.28 9.39
N TRP D 36 -2.11 -43.22 8.59
CA TRP D 36 -2.00 -41.88 9.14
C TRP D 36 -3.09 -41.59 10.16
N ALA D 37 -4.22 -42.28 10.07
CA ALA D 37 -5.30 -42.09 11.04
C ALA D 37 -4.97 -42.77 12.37
N GLU D 38 -4.50 -44.02 12.32
CA GLU D 38 -4.13 -44.71 13.56
C GLU D 38 -2.82 -44.16 14.13
N ASN D 39 -1.97 -43.55 13.29
CA ASN D 39 -0.82 -42.83 13.81
C ASN D 39 -1.26 -41.66 14.67
N GLY D 40 -2.37 -41.02 14.29
CA GLY D 40 -2.91 -39.94 15.09
C GLY D 40 -3.58 -40.41 16.35
N LEU D 41 -4.26 -41.56 16.29
CA LEU D 41 -4.85 -42.13 17.50
C LEU D 41 -3.80 -42.68 18.44
N ALA D 42 -2.71 -43.22 17.88
CA ALA D 42 -1.60 -43.67 18.72
C ALA D 42 -0.99 -42.50 19.50
N LYS D 43 -0.83 -41.35 18.84
CA LYS D 43 -0.33 -40.18 19.53
C LYS D 43 -1.30 -39.71 20.61
N ILE D 44 -2.61 -39.84 20.35
CA ILE D 44 -3.59 -39.55 21.40
C ILE D 44 -3.40 -40.48 22.58
N LYS D 45 -3.14 -41.75 22.31
CA LYS D 45 -3.00 -42.74 23.37
C LYS D 45 -1.72 -42.53 24.17
N LYS D 46 -0.60 -42.31 23.47
CA LYS D 46 0.67 -42.10 24.18
C LYS D 46 0.61 -40.87 25.06
N GLY D 47 -0.10 -39.83 24.60
CA GLY D 47 -0.34 -38.69 25.46
C GLY D 47 -1.17 -39.06 26.68
N TYR D 48 -2.14 -39.97 26.50
CA TYR D 48 -3.04 -40.31 27.60
C TYR D 48 -2.34 -41.11 28.68
N GLU D 49 -1.40 -41.97 28.31
CA GLU D 49 -0.65 -42.74 29.31
C GLU D 49 0.60 -42.01 29.78
N LYS D 50 1.02 -40.94 29.08
CA LYS D 50 1.97 -40.02 29.65
C LYS D 50 1.32 -39.07 30.66
N LEU D 51 -0.01 -39.00 30.66
CA LEU D 51 -0.75 -38.14 31.56
C LEU D 51 -1.30 -38.87 32.78
N VAL D 52 -1.21 -40.20 32.79
CA VAL D 52 -1.41 -40.96 34.01
C VAL D 52 -0.08 -41.17 34.74
N ALA D 53 1.04 -41.08 34.02
CA ALA D 53 2.35 -41.10 34.65
C ALA D 53 2.50 -39.96 35.64
N LYS D 54 2.03 -38.77 35.27
CA LYS D 54 2.02 -37.62 36.17
C LYS D 54 0.72 -37.53 36.95
N GLY D 55 -0.15 -38.54 36.84
CA GLY D 55 -1.33 -38.64 37.68
C GLY D 55 -2.35 -37.53 37.52
N LYS D 56 -2.50 -36.99 36.32
CA LYS D 56 -3.49 -35.94 36.09
C LYS D 56 -4.81 -36.47 35.54
N ILE D 57 -4.92 -37.78 35.31
CA ILE D 57 -6.14 -38.41 34.80
C ILE D 57 -6.08 -39.90 35.08
N PRO D 58 -7.14 -40.52 35.57
CA PRO D 58 -7.09 -41.97 35.85
C PRO D 58 -6.86 -42.78 34.59
N GLN D 59 -6.45 -44.04 34.80
CA GLN D 59 -6.14 -44.92 33.67
C GLN D 59 -7.41 -45.44 32.98
N GLU D 60 -8.52 -45.57 33.71
CA GLU D 60 -9.71 -46.16 33.12
C GLU D 60 -10.35 -45.21 32.11
N LYS D 61 -10.40 -43.91 32.43
CA LYS D 61 -10.96 -42.94 31.50
C LYS D 61 -10.05 -42.72 30.30
N ALA D 62 -8.74 -42.97 30.46
CA ALA D 62 -7.80 -42.71 29.37
C ALA D 62 -8.06 -43.62 28.17
N ASP D 63 -8.39 -44.89 28.41
CA ASP D 63 -8.69 -45.79 27.30
C ASP D 63 -10.17 -45.76 26.91
N ALA D 64 -11.05 -45.40 27.84
CA ALA D 64 -12.45 -45.17 27.47
C ALA D 64 -12.57 -44.12 26.38
N ILE D 65 -11.66 -43.15 26.38
CA ILE D 65 -11.60 -42.16 25.30
C ILE D 65 -10.96 -42.77 24.06
N VAL D 66 -9.85 -43.49 24.24
CA VAL D 66 -9.15 -44.08 23.10
C VAL D 66 -10.00 -45.17 22.45
N ALA D 67 -10.80 -45.90 23.24
CA ALA D 67 -11.64 -46.94 22.68
C ALA D 67 -12.91 -46.37 22.04
N ALA D 68 -13.34 -45.17 22.45
CA ALA D 68 -14.46 -44.50 21.80
C ALA D 68 -14.06 -43.87 20.47
N ILE D 69 -12.77 -43.80 20.16
CA ILE D 69 -12.27 -43.19 18.93
C ILE D 69 -11.89 -44.31 17.97
N THR D 70 -12.50 -44.32 16.79
CA THR D 70 -12.23 -45.36 15.82
C THR D 70 -11.44 -44.77 14.68
N PRO D 71 -10.22 -45.26 14.44
CA PRO D 71 -9.39 -44.73 13.36
C PRO D 71 -9.79 -45.34 12.03
N GLY D 72 -9.20 -44.83 10.96
CA GLY D 72 -9.56 -45.36 9.67
C GLY D 72 -9.69 -44.28 8.62
N LEU D 73 -10.13 -44.73 7.46
CA LEU D 73 -10.49 -43.91 6.32
C LEU D 73 -11.90 -43.40 6.59
N LYS D 74 -12.53 -42.79 5.59
CA LYS D 74 -13.79 -42.10 5.80
C LYS D 74 -14.95 -43.09 5.74
N GLU D 75 -14.59 -44.36 5.89
CA GLU D 75 -15.40 -45.56 5.71
C GLU D 75 -16.04 -45.99 7.01
N ASN D 76 -15.59 -45.44 8.13
CA ASN D 76 -16.32 -45.48 9.38
C ASN D 76 -17.09 -44.19 9.59
N LEU D 77 -16.53 -43.07 9.13
CA LEU D 77 -17.24 -41.80 9.12
C LEU D 77 -18.52 -41.87 8.31
N CYS D 78 -18.41 -42.14 7.01
CA CYS D 78 -19.54 -41.96 6.11
C CYS D 78 -20.49 -43.17 6.11
N ALA D 79 -21.11 -43.40 7.26
CA ALA D 79 -22.31 -44.21 7.33
C ALA D 79 -23.44 -43.39 7.93
N ASP D 80 -23.51 -42.11 7.53
CA ASP D 80 -24.45 -41.16 8.10
C ASP D 80 -24.32 -41.16 9.62
N CYS D 81 -23.13 -40.87 10.11
CA CYS D 81 -23.05 -41.15 11.54
C CYS D 81 -23.62 -40.04 12.40
N ASP D 82 -23.05 -38.83 12.34
CA ASP D 82 -23.55 -37.65 13.05
C ASP D 82 -22.86 -36.40 12.50
N LEU D 83 -23.10 -35.28 13.18
CA LEU D 83 -22.37 -34.02 13.03
C LEU D 83 -20.87 -34.22 12.85
N ILE D 84 -20.33 -33.59 11.80
CA ILE D 84 -19.01 -33.86 11.26
C ILE D 84 -18.20 -32.57 11.23
N VAL D 85 -16.97 -32.64 11.77
CA VAL D 85 -16.10 -31.47 11.96
C VAL D 85 -14.84 -31.70 11.14
N GLU D 86 -14.78 -31.06 9.96
CA GLU D 86 -13.63 -31.21 9.09
C GLU D 86 -12.42 -30.43 9.63
N ALA D 87 -11.26 -31.08 9.61
CA ALA D 87 -9.99 -30.54 10.12
C ALA D 87 -8.88 -30.79 9.11
N ALA D 88 -9.16 -30.52 7.83
CA ALA D 88 -8.27 -30.85 6.73
C ALA D 88 -7.39 -29.65 6.38
N PHE D 89 -6.63 -29.79 5.29
CA PHE D 89 -5.65 -28.77 4.89
C PHE D 89 -6.33 -27.43 4.63
N GLU D 90 -5.65 -26.36 5.04
CA GLU D 90 -6.19 -25.00 4.96
C GLU D 90 -6.08 -24.54 3.49
N ASP D 91 -6.96 -25.11 2.68
CA ASP D 91 -6.96 -24.93 1.23
C ASP D 91 -8.40 -25.08 0.76
N MET D 92 -8.88 -24.09 0.01
CA MET D 92 -10.30 -24.02 -0.34
C MET D 92 -10.75 -25.26 -1.10
N LYS D 93 -9.98 -25.68 -2.11
CA LYS D 93 -10.42 -26.79 -2.94
C LYS D 93 -10.48 -28.09 -2.14
N VAL D 94 -9.46 -28.37 -1.33
CA VAL D 94 -9.48 -29.62 -0.57
C VAL D 94 -10.58 -29.60 0.50
N LYS D 95 -10.97 -28.42 0.94
CA LYS D 95 -11.98 -28.36 2.03
C LYS D 95 -13.36 -28.57 1.40
N GLN D 96 -13.48 -28.32 0.10
CA GLN D 96 -14.81 -28.42 -0.56
C GLN D 96 -14.89 -29.72 -1.36
N THR D 97 -13.75 -30.30 -1.73
CA THR D 97 -13.76 -31.59 -2.45
C THR D 97 -14.27 -32.68 -1.50
N THR D 98 -13.74 -32.69 -0.29
CA THR D 98 -14.14 -33.72 0.67
C THR D 98 -15.57 -33.52 1.14
N PHE D 99 -15.99 -32.27 1.31
CA PHE D 99 -17.37 -31.99 1.71
C PHE D 99 -18.37 -32.32 0.61
N GLY D 100 -17.92 -32.66 -0.60
CA GLY D 100 -18.82 -33.06 -1.65
C GLY D 100 -19.54 -34.38 -1.40
N GLU D 101 -19.13 -35.10 -0.36
CA GLU D 101 -19.80 -36.34 0.04
C GLU D 101 -20.12 -36.40 1.51
N LEU D 102 -19.49 -35.56 2.36
CA LEU D 102 -19.78 -35.58 3.78
C LEU D 102 -21.19 -35.08 4.08
N ASP D 103 -21.80 -34.35 3.15
CA ASP D 103 -23.24 -34.08 3.17
C ASP D 103 -24.01 -35.21 2.51
N LYS D 104 -23.37 -35.91 1.57
CA LYS D 104 -24.04 -36.87 0.69
C LYS D 104 -24.11 -38.27 1.29
N ILE D 105 -22.95 -38.85 1.64
CA ILE D 105 -23.00 -40.21 2.18
C ILE D 105 -23.55 -40.22 3.59
N CYS D 106 -23.47 -39.11 4.31
CA CYS D 106 -24.30 -38.96 5.50
C CYS D 106 -25.75 -38.72 5.08
N LYS D 107 -26.67 -39.06 5.96
CA LYS D 107 -28.03 -38.58 5.76
C LYS D 107 -28.02 -37.06 5.87
N PRO D 108 -28.75 -36.37 5.02
CA PRO D 108 -28.84 -34.91 5.16
C PRO D 108 -29.50 -34.50 6.47
N GLU D 109 -29.93 -35.49 7.25
CA GLU D 109 -30.26 -35.29 8.67
C GLU D 109 -29.17 -34.48 9.38
N CYS D 110 -27.91 -34.75 9.05
CA CYS D 110 -26.76 -34.39 9.86
C CYS D 110 -26.30 -32.95 9.63
N ILE D 111 -25.32 -32.55 10.43
CA ILE D 111 -24.80 -31.19 10.48
C ILE D 111 -23.34 -31.23 10.07
N PHE D 112 -22.95 -30.36 9.15
CA PHE D 112 -21.65 -30.40 8.50
C PHE D 112 -20.92 -29.09 8.79
N ALA D 113 -20.03 -29.11 9.77
CA ALA D 113 -19.26 -27.96 10.19
C ALA D 113 -17.81 -28.08 9.74
N SER D 114 -17.16 -26.93 9.59
CA SER D 114 -15.76 -26.86 9.20
C SER D 114 -14.98 -26.11 10.28
N ASN D 115 -13.81 -26.67 10.65
CA ASN D 115 -12.92 -26.03 11.60
C ASN D 115 -11.93 -25.09 10.92
N THR D 116 -12.23 -24.62 9.72
CA THR D 116 -11.35 -23.70 9.01
C THR D 116 -11.09 -22.45 9.86
N SER D 117 -9.88 -21.90 9.73
CA SER D 117 -9.57 -20.73 10.53
C SER D 117 -9.56 -19.40 9.77
N SER D 118 -9.46 -19.41 8.44
CA SER D 118 -9.66 -18.19 7.67
C SER D 118 -10.59 -18.31 6.48
N LEU D 119 -10.82 -19.52 5.95
CA LEU D 119 -11.53 -19.67 4.69
C LEU D 119 -12.97 -19.17 4.77
N SER D 120 -13.56 -18.95 3.61
CA SER D 120 -14.95 -18.52 3.51
C SER D 120 -15.88 -19.70 3.81
N ILE D 121 -16.69 -19.57 4.86
CA ILE D 121 -17.65 -20.62 5.18
C ILE D 121 -18.64 -20.80 4.02
N THR D 122 -19.01 -19.69 3.37
CA THR D 122 -19.97 -19.74 2.27
C THR D 122 -19.40 -20.53 1.09
N GLU D 123 -18.15 -20.24 0.70
CA GLU D 123 -17.58 -20.88 -0.48
C GLU D 123 -17.23 -22.35 -0.24
N ILE D 124 -17.06 -22.76 1.03
CA ILE D 124 -16.83 -24.17 1.34
C ILE D 124 -18.09 -24.97 1.07
N GLY D 125 -19.27 -24.38 1.30
CA GLY D 125 -20.55 -25.06 1.24
C GLY D 125 -21.41 -24.60 0.07
N LYS D 126 -20.76 -24.39 -1.09
CA LYS D 126 -21.40 -23.69 -2.20
C LYS D 126 -22.44 -24.53 -2.93
N GLY D 127 -22.35 -25.86 -2.88
CA GLY D 127 -23.28 -26.66 -3.66
C GLY D 127 -23.83 -27.89 -2.97
N LEU D 128 -23.68 -27.98 -1.66
CA LEU D 128 -24.17 -29.13 -0.91
C LEU D 128 -25.69 -29.05 -0.73
N SER D 129 -26.28 -30.22 -0.46
CA SER D 129 -27.72 -30.35 -0.27
C SER D 129 -28.20 -29.88 1.10
N ARG D 130 -27.30 -29.43 1.96
CA ARG D 130 -27.67 -28.97 3.30
C ARG D 130 -26.66 -27.94 3.75
N PRO D 131 -27.02 -27.09 4.72
CA PRO D 131 -26.12 -26.01 5.15
C PRO D 131 -24.73 -26.50 5.56
N LEU D 132 -23.76 -25.58 5.44
CA LEU D 132 -22.43 -25.73 6.00
C LEU D 132 -22.20 -24.61 7.00
N VAL D 133 -21.80 -24.97 8.22
CA VAL D 133 -21.60 -24.00 9.29
C VAL D 133 -20.13 -24.07 9.71
N GLY D 134 -19.72 -23.10 10.53
CA GLY D 134 -18.37 -23.09 11.02
C GLY D 134 -18.24 -23.26 12.52
N MET D 135 -17.67 -24.39 12.95
CA MET D 135 -17.31 -24.62 14.34
C MET D 135 -15.79 -24.53 14.43
N HIS D 136 -15.30 -23.53 15.15
CA HIS D 136 -13.89 -23.18 15.15
C HIS D 136 -13.30 -23.48 16.53
N PHE D 137 -12.40 -24.46 16.56
CA PHE D 137 -11.69 -24.84 17.77
C PHE D 137 -10.32 -24.17 17.81
N PHE D 138 -9.64 -24.32 18.94
CA PHE D 138 -8.33 -23.73 19.15
C PHE D 138 -7.47 -24.72 19.91
N ASN D 139 -6.20 -24.87 19.48
CA ASN D 139 -5.41 -25.93 20.09
C ASN D 139 -4.85 -25.48 21.45
N PRO D 140 -4.87 -26.38 22.44
CA PRO D 140 -5.45 -27.73 22.39
C PRO D 140 -6.97 -27.66 22.46
N ALA D 141 -7.67 -28.40 21.59
CA ALA D 141 -9.13 -28.29 21.54
C ALA D 141 -9.81 -28.92 22.75
N ASP D 142 -9.11 -29.76 23.52
CA ASP D 142 -9.69 -30.35 24.71
C ASP D 142 -9.57 -29.44 25.93
N ARG D 143 -8.60 -28.52 25.93
CA ARG D 143 -8.40 -27.59 27.03
C ARG D 143 -9.11 -26.26 26.79
N MET D 144 -8.83 -25.62 25.65
CA MET D 144 -9.42 -24.32 25.37
C MET D 144 -10.93 -24.45 25.21
N LYS D 145 -11.64 -23.40 25.63
CA LYS D 145 -13.08 -23.47 25.80
C LYS D 145 -13.88 -22.65 24.78
N LEU D 146 -13.22 -21.88 23.92
CA LEU D 146 -13.96 -21.04 22.99
C LEU D 146 -14.27 -21.79 21.70
N ILE D 147 -15.45 -21.53 21.15
CA ILE D 147 -15.89 -22.08 19.87
C ILE D 147 -16.48 -20.92 19.07
N GLU D 148 -15.85 -20.61 17.93
CA GLU D 148 -16.34 -19.54 17.07
C GLU D 148 -17.37 -20.11 16.11
N VAL D 149 -18.59 -19.59 16.18
CA VAL D 149 -19.71 -20.05 15.37
C VAL D 149 -19.86 -19.09 14.19
N ILE D 150 -19.67 -19.61 12.98
CA ILE D 150 -19.64 -18.79 11.77
C ILE D 150 -20.78 -19.26 10.86
N ALA D 151 -21.71 -18.36 10.57
CA ALA D 151 -22.86 -18.66 9.73
C ALA D 151 -22.54 -18.37 8.27
N GLY D 152 -22.88 -19.30 7.39
CA GLY D 152 -22.72 -19.08 5.97
C GLY D 152 -23.68 -18.02 5.46
N CYS D 153 -23.41 -17.57 4.24
CA CYS D 153 -24.20 -16.49 3.64
C CYS D 153 -25.69 -16.83 3.64
N ASN D 154 -26.04 -18.01 3.15
CA ASN D 154 -27.42 -18.49 3.18
C ASN D 154 -27.55 -19.76 4.02
N THR D 155 -26.74 -19.88 5.06
CA THR D 155 -26.86 -21.01 5.97
C THR D 155 -27.95 -20.73 7.00
N PRO D 156 -28.95 -21.59 7.13
CA PRO D 156 -30.05 -21.31 8.07
C PRO D 156 -29.57 -21.23 9.51
N ALA D 157 -30.29 -20.43 10.30
CA ALA D 157 -30.01 -20.32 11.72
C ALA D 157 -30.35 -21.58 12.50
N GLU D 158 -31.05 -22.53 11.87
CA GLU D 158 -31.28 -23.83 12.51
C GLU D 158 -29.96 -24.54 12.78
N THR D 159 -29.07 -24.53 11.78
CA THR D 159 -27.75 -25.14 11.94
C THR D 159 -26.89 -24.40 12.96
N VAL D 160 -27.06 -23.08 13.06
CA VAL D 160 -26.18 -22.28 13.89
C VAL D 160 -26.51 -22.47 15.37
N GLU D 161 -27.78 -22.62 15.71
CA GLU D 161 -28.10 -22.81 17.12
C GLU D 161 -27.95 -24.26 17.55
N LYS D 162 -28.23 -25.22 16.66
CA LYS D 162 -28.00 -26.62 17.02
C LYS D 162 -26.53 -26.90 17.27
N ILE D 163 -25.63 -26.15 16.62
CA ILE D 163 -24.21 -26.30 16.88
C ILE D 163 -23.77 -25.45 18.08
N LYS D 164 -24.51 -24.39 18.41
CA LYS D 164 -24.22 -23.65 19.63
C LYS D 164 -24.60 -24.46 20.86
N GLU D 165 -25.63 -25.31 20.75
CA GLU D 165 -26.00 -26.19 21.85
C GLU D 165 -25.03 -27.36 22.00
N ILE D 166 -24.41 -27.78 20.90
CA ILE D 166 -23.42 -28.86 20.94
C ILE D 166 -22.20 -28.43 21.74
N SER D 167 -21.74 -27.19 21.53
CA SER D 167 -20.56 -26.70 22.23
C SER D 167 -20.86 -26.42 23.70
N VAL D 168 -22.09 -25.96 24.00
CA VAL D 168 -22.49 -25.70 25.38
C VAL D 168 -22.48 -27.00 26.18
N ALA D 169 -22.93 -28.10 25.56
CA ALA D 169 -23.06 -29.40 26.20
C ALA D 169 -21.75 -30.18 26.16
N ILE D 170 -20.65 -29.47 25.91
CA ILE D 170 -19.31 -30.02 25.94
C ILE D 170 -18.39 -29.19 26.83
N GLY D 171 -18.93 -28.17 27.50
CA GLY D 171 -18.16 -27.27 28.34
C GLY D 171 -17.48 -26.15 27.61
N LYS D 172 -17.87 -25.89 26.36
CA LYS D 172 -17.29 -24.82 25.57
C LYS D 172 -18.18 -23.59 25.59
N ASN D 173 -17.57 -22.43 25.32
CA ASN D 173 -18.31 -21.18 25.27
C ASN D 173 -18.52 -20.78 23.82
N PRO D 174 -19.73 -20.89 23.29
CA PRO D 174 -19.96 -20.50 21.90
C PRO D 174 -20.14 -18.99 21.77
N VAL D 175 -19.50 -18.43 20.74
CA VAL D 175 -19.65 -17.03 20.39
C VAL D 175 -19.84 -16.95 18.89
N GLN D 176 -20.95 -16.35 18.45
CA GLN D 176 -21.25 -16.24 17.03
C GLN D 176 -20.49 -15.08 16.42
N VAL D 177 -19.85 -15.32 15.27
CA VAL D 177 -19.09 -14.31 14.56
C VAL D 177 -19.55 -14.30 13.10
N ASN D 178 -19.63 -13.11 12.53
CA ASN D 178 -19.99 -12.97 11.13
C ASN D 178 -18.82 -13.37 10.24
N GLU D 179 -19.14 -13.87 9.04
CA GLU D 179 -18.13 -14.45 8.16
C GLU D 179 -17.22 -13.37 7.59
N ALA D 180 -15.93 -13.50 7.86
CA ALA D 180 -14.91 -12.65 7.26
C ALA D 180 -13.58 -13.39 7.31
N ALA D 181 -12.58 -12.81 6.68
CA ALA D 181 -11.26 -13.43 6.64
C ALA D 181 -10.66 -13.50 8.05
N GLY D 182 -10.36 -14.72 8.50
CA GLY D 182 -9.77 -14.90 9.81
C GLY D 182 -10.69 -14.61 10.97
N PHE D 183 -11.99 -14.47 10.73
CA PHE D 183 -12.99 -14.21 11.76
C PHE D 183 -12.51 -13.17 12.78
N VAL D 184 -12.34 -13.55 14.05
CA VAL D 184 -11.99 -12.57 15.09
C VAL D 184 -10.65 -12.90 15.75
N VAL D 185 -10.47 -14.13 16.20
CA VAL D 185 -9.26 -14.45 16.97
C VAL D 185 -8.04 -14.45 16.07
N ASN D 186 -8.12 -15.15 14.94
CA ASN D 186 -6.96 -15.28 14.07
C ASN D 186 -6.64 -13.99 13.32
N ARG D 187 -7.66 -13.18 13.02
CA ARG D 187 -7.39 -11.91 12.37
C ARG D 187 -6.61 -10.98 13.30
N ILE D 188 -6.77 -11.16 14.61
CA ILE D 188 -5.99 -10.40 15.57
C ILE D 188 -4.69 -11.11 15.95
N LEU D 189 -4.76 -12.43 16.18
CA LEU D 189 -3.63 -13.16 16.75
C LEU D 189 -2.53 -13.42 15.73
N ILE D 190 -2.90 -13.90 14.54
CA ILE D 190 -1.88 -14.27 13.55
C ILE D 190 -1.01 -13.10 13.14
N PRO D 191 -1.54 -11.90 12.86
CA PRO D 191 -0.65 -10.77 12.54
C PRO D 191 0.31 -10.43 13.67
N MET D 192 -0.05 -10.70 14.92
CA MET D 192 0.91 -10.55 16.01
C MET D 192 2.13 -11.43 15.79
N ILE D 193 1.89 -12.68 15.41
CA ILE D 193 3.00 -13.57 15.07
C ILE D 193 3.74 -13.07 13.84
N ASN D 194 2.99 -12.56 12.86
CA ASN D 194 3.62 -12.02 11.65
C ASN D 194 4.46 -10.79 11.97
N GLU D 195 4.05 -10.00 12.95
CA GLU D 195 4.83 -8.81 13.30
C GLU D 195 6.10 -9.17 14.07
N ALA D 196 6.01 -10.19 14.94
CA ALA D 196 7.21 -10.66 15.63
C ALA D 196 8.23 -11.20 14.65
N ALA D 197 7.77 -11.81 13.55
CA ALA D 197 8.69 -12.26 12.51
C ALA D 197 9.39 -11.08 11.86
N PHE D 198 8.62 -10.04 11.51
CA PHE D 198 9.22 -8.83 10.95
C PHE D 198 10.22 -8.22 11.91
N ILE D 199 9.89 -8.20 13.20
CA ILE D 199 10.78 -7.60 14.20
C ILE D 199 12.11 -8.36 14.25
N LYS D 200 12.05 -9.68 14.14
CA LYS D 200 13.28 -10.47 14.12
C LYS D 200 14.02 -10.29 12.79
N MET D 201 13.29 -10.32 11.67
CA MET D 201 13.92 -10.22 10.37
C MET D 201 14.68 -8.91 10.21
N GLU D 202 14.12 -7.81 10.73
CA GLU D 202 14.73 -6.49 10.59
C GLU D 202 15.74 -6.21 11.71
N GLY D 203 16.18 -7.23 12.42
CA GLY D 203 17.23 -7.06 13.41
C GLY D 203 16.88 -6.22 14.62
N VAL D 204 15.59 -6.09 14.93
CA VAL D 204 15.20 -5.29 16.09
C VAL D 204 15.60 -5.98 17.38
N SER D 205 15.37 -7.29 17.46
CA SER D 205 15.70 -8.06 18.66
C SER D 205 15.86 -9.52 18.25
N ASP D 206 16.28 -10.34 19.22
CA ASP D 206 16.47 -11.77 18.99
C ASP D 206 15.18 -12.53 19.31
N ILE D 207 15.21 -13.83 19.00
CA ILE D 207 14.02 -14.67 19.17
C ILE D 207 13.62 -14.73 20.64
N ALA D 208 14.57 -15.07 21.51
CA ALA D 208 14.26 -15.17 22.94
C ALA D 208 13.81 -13.82 23.50
N GLY D 209 14.41 -12.73 23.04
CA GLY D 209 14.03 -11.42 23.54
C GLY D 209 12.62 -11.02 23.14
N ILE D 210 12.20 -11.39 21.92
CA ILE D 210 10.85 -11.07 21.48
C ILE D 210 9.81 -11.81 22.32
N ASP D 211 10.07 -13.07 22.64
CA ASP D 211 9.10 -13.87 23.39
C ASP D 211 9.08 -13.51 24.87
N THR D 212 10.24 -13.17 25.44
CA THR D 212 10.26 -12.70 26.83
C THR D 212 9.50 -11.39 26.97
N ALA D 213 9.72 -10.46 26.03
CA ALA D 213 9.11 -9.14 26.13
C ALA D 213 7.59 -9.20 26.04
N MET D 214 7.05 -10.09 25.21
CA MET D 214 5.61 -10.22 25.11
C MET D 214 5.00 -10.95 26.31
N LYS D 215 5.80 -11.71 27.04
CA LYS D 215 5.31 -12.45 28.21
C LYS D 215 5.36 -11.62 29.48
N LEU D 216 6.37 -10.75 29.63
CA LEU D 216 6.55 -9.95 30.84
C LEU D 216 6.02 -8.54 30.71
N GLY D 217 5.98 -7.99 29.49
CA GLY D 217 5.51 -6.63 29.29
C GLY D 217 4.03 -6.56 28.96
N ALA D 218 3.47 -7.67 28.48
CA ALA D 218 2.06 -7.74 28.16
C ALA D 218 1.33 -8.88 28.87
N ASN D 219 2.01 -9.60 29.76
CA ASN D 219 1.43 -10.70 30.53
C ASN D 219 0.83 -11.76 29.62
N HIS D 220 1.51 -12.06 28.53
CA HIS D 220 1.02 -13.11 27.66
C HIS D 220 1.57 -14.47 28.09
N PRO D 221 0.74 -15.51 28.05
CA PRO D 221 1.22 -16.84 28.47
C PRO D 221 2.27 -17.42 27.53
N MET D 222 2.31 -16.96 26.27
CA MET D 222 3.31 -17.40 25.32
C MET D 222 3.61 -16.27 24.35
N GLY D 223 4.88 -16.13 23.99
CA GLY D 223 5.30 -15.14 23.03
C GLY D 223 4.80 -15.49 21.65
N PRO D 224 4.85 -14.53 20.73
CA PRO D 224 4.31 -14.78 19.39
C PRO D 224 5.13 -15.78 18.59
N LEU D 225 6.46 -15.82 18.80
CA LEU D 225 7.27 -16.81 18.10
C LEU D 225 7.05 -18.20 18.68
N GLU D 226 6.94 -18.30 20.01
CA GLU D 226 6.49 -19.54 20.63
C GLU D 226 5.14 -19.96 20.06
N LEU D 227 4.19 -19.03 20.03
CA LEU D 227 2.83 -19.35 19.61
C LEU D 227 2.78 -19.82 18.16
N GLY D 228 3.61 -19.21 17.30
CA GLY D 228 3.67 -19.67 15.92
C GLY D 228 4.19 -21.08 15.78
N ASP D 229 5.14 -21.45 16.64
CA ASP D 229 5.64 -22.83 16.64
C ASP D 229 4.57 -23.82 17.08
N PHE D 230 3.78 -23.44 18.08
CA PHE D 230 2.73 -24.33 18.58
C PHE D 230 1.65 -24.55 17.53
N ILE D 231 1.18 -23.46 16.90
CA ILE D 231 0.14 -23.58 15.89
C ILE D 231 0.65 -24.36 14.68
N GLY D 232 1.87 -24.08 14.25
CA GLY D 232 2.38 -24.61 13.01
C GLY D 232 2.55 -23.48 12.00
N LEU D 233 3.78 -23.24 11.57
CA LEU D 233 4.05 -22.07 10.75
C LEU D 233 3.39 -22.18 9.38
N ASP D 234 3.21 -23.40 8.87
CA ASP D 234 2.49 -23.56 7.61
C ASP D 234 1.06 -23.04 7.74
N ILE D 235 0.42 -23.28 8.88
CA ILE D 235 -0.92 -22.74 9.12
C ILE D 235 -0.85 -21.22 9.23
N CYS D 236 0.15 -20.70 9.94
CA CYS D 236 0.28 -19.26 10.11
C CYS D 236 0.47 -18.56 8.76
N LEU D 237 1.31 -19.13 7.89
CA LEU D 237 1.51 -18.54 6.58
C LEU D 237 0.24 -18.63 5.73
N ALA D 238 -0.51 -19.73 5.85
CA ALA D 238 -1.75 -19.86 5.09
C ALA D 238 -2.80 -18.86 5.55
N ILE D 239 -2.86 -18.59 6.87
CA ILE D 239 -3.83 -17.63 7.36
C ILE D 239 -3.44 -16.22 6.93
N MET D 240 -2.16 -15.88 7.01
CA MET D 240 -1.71 -14.55 6.57
C MET D 240 -1.95 -14.37 5.07
N ASP D 241 -1.79 -15.44 4.29
CA ASP D 241 -1.99 -15.32 2.85
C ASP D 241 -3.47 -15.23 2.47
N VAL D 242 -4.36 -15.81 3.27
CA VAL D 242 -5.78 -15.66 3.01
C VAL D 242 -6.21 -14.22 3.30
N LEU D 243 -5.80 -13.68 4.45
CA LEU D 243 -6.14 -12.31 4.79
C LEU D 243 -5.72 -11.33 3.70
N TYR D 244 -4.55 -11.57 3.10
CA TYR D 244 -4.06 -10.69 2.05
C TYR D 244 -4.89 -10.85 0.78
N HIS D 245 -5.15 -12.10 0.38
CA HIS D 245 -5.91 -12.35 -0.85
C HIS D 245 -7.34 -11.82 -0.74
N GLU D 246 -7.97 -11.98 0.42
CA GLU D 246 -9.36 -11.57 0.58
C GLU D 246 -9.49 -10.05 0.58
N THR D 247 -8.62 -9.36 1.32
CA THR D 247 -8.72 -7.92 1.47
C THR D 247 -7.96 -7.14 0.40
N GLY D 248 -6.99 -7.76 -0.27
CA GLY D 248 -6.13 -7.01 -1.16
C GLY D 248 -5.27 -5.97 -0.46
N ASP D 249 -5.22 -6.01 0.87
CA ASP D 249 -4.54 -5.01 1.69
C ASP D 249 -3.14 -5.52 2.05
N SER D 250 -2.12 -4.74 1.71
CA SER D 250 -0.76 -5.14 2.04
C SER D 250 -0.48 -5.05 3.53
N LYS D 251 -1.45 -4.62 4.33
CA LYS D 251 -1.33 -4.67 5.78
C LYS D 251 -1.10 -6.10 6.27
N TYR D 252 -1.58 -7.09 5.51
CA TYR D 252 -1.52 -8.49 5.91
C TYR D 252 -0.51 -9.29 5.06
N ARG D 253 0.51 -8.62 4.53
CA ARG D 253 1.55 -9.35 3.82
C ARG D 253 2.32 -10.23 4.78
N ALA D 254 2.49 -11.50 4.42
CA ALA D 254 3.21 -12.42 5.28
C ALA D 254 4.70 -12.08 5.29
N CYS D 255 5.30 -12.11 6.48
CA CYS D 255 6.71 -11.80 6.60
C CYS D 255 7.53 -12.82 5.81
N PRO D 256 8.47 -12.37 4.97
CA PRO D 256 9.21 -13.34 4.13
C PRO D 256 10.05 -14.33 4.91
N LEU D 257 10.40 -14.03 6.16
CA LEU D 257 11.15 -15.00 6.96
C LEU D 257 10.31 -16.26 7.23
N ILE D 258 9.01 -16.09 7.46
CA ILE D 258 8.16 -17.24 7.74
C ILE D 258 8.00 -18.11 6.49
N ARG D 259 7.78 -17.49 5.33
CA ARG D 259 7.67 -18.26 4.10
C ARG D 259 8.96 -19.01 3.78
N LYS D 260 10.11 -18.40 4.10
CA LYS D 260 11.38 -19.08 3.91
C LYS D 260 11.50 -20.29 4.83
N MET D 261 11.05 -20.14 6.09
CA MET D 261 11.10 -21.24 7.04
C MET D 261 10.13 -22.36 6.65
N VAL D 262 8.90 -21.99 6.27
CA VAL D 262 7.91 -22.98 5.87
C VAL D 262 8.37 -23.71 4.63
N ARG D 263 9.07 -23.03 3.72
CA ARG D 263 9.65 -23.70 2.57
C ARG D 263 10.75 -24.66 2.99
N GLY D 264 11.47 -24.35 4.07
CA GLY D 264 12.50 -25.21 4.59
C GLY D 264 12.03 -26.41 5.36
N GLY D 265 10.72 -26.58 5.53
CA GLY D 265 10.18 -27.67 6.30
C GLY D 265 10.28 -27.51 7.80
N ASN D 266 10.59 -26.31 8.29
CA ASN D 266 10.69 -26.04 9.72
C ASN D 266 9.40 -25.34 10.16
N LEU D 267 8.39 -26.16 10.47
CA LEU D 267 7.07 -25.67 10.81
C LEU D 267 6.84 -25.53 12.30
N GLY D 268 7.84 -25.79 13.13
CA GLY D 268 7.68 -25.65 14.56
C GLY D 268 7.71 -26.95 15.33
N CYS D 269 6.72 -27.15 16.21
CA CYS D 269 6.72 -28.31 17.08
C CYS D 269 6.53 -29.61 16.29
N LYS D 270 5.59 -29.62 15.34
CA LYS D 270 5.29 -30.86 14.63
C LYS D 270 6.44 -31.32 13.74
N THR D 271 7.40 -30.45 13.42
CA THR D 271 8.56 -30.83 12.65
C THR D 271 9.85 -30.92 13.47
N GLY D 272 9.84 -30.43 14.71
CA GLY D 272 10.99 -30.48 15.57
C GLY D 272 11.87 -29.24 15.53
N LYS D 273 11.59 -28.30 14.62
CA LYS D 273 12.35 -27.07 14.55
C LYS D 273 11.49 -25.98 13.93
N GLY D 274 11.44 -24.83 14.59
CA GLY D 274 10.73 -23.64 14.18
C GLY D 274 11.62 -22.43 14.32
N PHE D 275 11.11 -21.44 15.05
CA PHE D 275 11.97 -20.40 15.60
C PHE D 275 12.81 -20.94 16.75
N TYR D 276 12.45 -22.12 17.27
CA TYR D 276 13.19 -22.82 18.30
C TYR D 276 13.43 -24.26 17.86
N VAL D 277 14.48 -24.86 18.39
CA VAL D 277 14.78 -26.28 18.18
C VAL D 277 14.23 -27.06 19.36
N TYR D 278 13.52 -28.15 19.08
CA TYR D 278 12.86 -28.96 20.11
C TYR D 278 13.68 -30.23 20.35
N ASN D 279 14.48 -30.20 21.42
CA ASN D 279 15.39 -31.26 21.79
C ASN D 279 14.66 -32.36 22.57
N ALA D 280 15.31 -33.53 22.61
CA ALA D 280 14.71 -34.73 23.20
C ALA D 280 14.46 -34.57 24.69
N ASP D 281 15.11 -33.61 25.34
CA ASP D 281 15.01 -33.36 26.77
C ASP D 281 13.73 -32.60 27.14
N ARG D 282 12.78 -32.49 26.20
CA ARG D 282 11.61 -31.62 26.32
C ARG D 282 11.99 -30.16 26.54
N THR D 283 13.22 -29.80 26.21
CA THR D 283 13.70 -28.44 26.30
C THR D 283 13.60 -27.77 24.93
N LYS D 284 13.87 -26.47 24.92
CA LYS D 284 13.58 -25.63 23.76
C LYS D 284 14.66 -24.57 23.64
N THR D 285 15.38 -24.57 22.52
CA THR D 285 16.52 -23.71 22.32
C THR D 285 16.30 -22.77 21.14
N PRO D 286 16.49 -21.46 21.32
CA PRO D 286 16.31 -20.53 20.20
C PRO D 286 17.35 -20.77 19.10
N VAL D 287 16.89 -20.69 17.85
CA VAL D 287 17.74 -20.94 16.68
C VAL D 287 18.88 -19.94 16.59
N ASP D 288 18.79 -18.80 17.29
CA ASP D 288 19.79 -17.75 17.16
C ASP D 288 21.18 -18.17 17.60
N GLN D 289 21.32 -19.32 18.29
CA GLN D 289 22.62 -19.90 18.62
C GLN D 289 22.45 -21.27 19.23
N MET E 1 38.78 -30.11 -11.29
CA MET E 1 37.43 -30.27 -10.78
C MET E 1 36.44 -30.55 -11.92
N LYS E 2 35.50 -31.47 -11.67
CA LYS E 2 34.47 -31.82 -12.63
C LYS E 2 33.16 -31.12 -12.26
N ILE E 3 32.61 -30.38 -13.21
CA ILE E 3 31.41 -29.59 -12.99
C ILE E 3 30.33 -30.03 -13.97
N GLY E 4 29.16 -30.36 -13.43
CA GLY E 4 28.03 -30.69 -14.27
C GLY E 4 27.09 -29.51 -14.42
N VAL E 5 26.96 -28.99 -15.64
CA VAL E 5 26.09 -27.85 -15.93
C VAL E 5 24.84 -28.39 -16.61
N ILE E 6 23.73 -28.41 -15.87
CA ILE E 6 22.49 -29.01 -16.32
C ILE E 6 21.66 -27.93 -17.00
N GLY E 7 21.47 -28.06 -18.31
CA GLY E 7 20.82 -27.03 -19.10
C GLY E 7 21.80 -26.40 -20.07
N ALA E 8 21.53 -26.55 -21.36
CA ALA E 8 22.43 -26.08 -22.41
C ALA E 8 21.89 -24.83 -23.12
N GLY E 9 21.14 -24.01 -22.40
CA GLY E 9 20.57 -22.79 -22.96
C GLY E 9 21.55 -21.64 -22.98
N THR E 10 20.99 -20.42 -22.89
CA THR E 10 21.83 -19.22 -22.95
C THR E 10 22.81 -19.17 -21.77
N MET E 11 22.30 -19.38 -20.55
CA MET E 11 23.16 -19.33 -19.37
C MET E 11 23.96 -20.62 -19.20
N GLY E 12 23.43 -21.74 -19.66
CA GLY E 12 24.17 -22.99 -19.56
C GLY E 12 25.44 -22.98 -20.39
N GLN E 13 25.38 -22.39 -21.58
CA GLN E 13 26.57 -22.26 -22.41
C GLN E 13 27.60 -21.35 -21.75
N GLY E 14 27.17 -20.18 -21.29
CA GLY E 14 28.09 -19.24 -20.67
C GLY E 14 28.69 -19.77 -19.39
N ILE E 15 27.87 -20.39 -18.54
CA ILE E 15 28.37 -20.96 -17.28
C ILE E 15 29.38 -22.06 -17.57
N ALA E 16 29.13 -22.85 -18.61
CA ALA E 16 30.10 -23.88 -19.00
C ALA E 16 31.41 -23.27 -19.47
N LYS E 17 31.34 -22.11 -20.13
CA LYS E 17 32.56 -21.45 -20.60
C LYS E 17 33.33 -20.83 -19.44
N ALA E 18 32.64 -20.32 -18.42
CA ALA E 18 33.30 -19.73 -17.27
C ALA E 18 34.11 -20.75 -16.49
N PHE E 19 33.67 -22.01 -16.49
CA PHE E 19 34.37 -23.06 -15.75
C PHE E 19 35.50 -23.65 -16.57
N ALA E 20 35.31 -23.79 -17.88
CA ALA E 20 36.31 -24.36 -18.76
C ALA E 20 37.37 -23.35 -19.20
N GLN E 21 37.17 -22.05 -18.89
CA GLN E 21 38.16 -21.00 -19.11
C GLN E 21 39.35 -21.15 -18.18
N VAL E 22 39.27 -22.07 -17.23
CA VAL E 22 40.28 -22.37 -16.23
C VAL E 22 40.70 -23.79 -16.61
N GLU E 23 41.69 -24.37 -15.94
CA GLU E 23 42.50 -25.39 -16.60
C GLU E 23 42.28 -26.80 -16.08
N GLY E 24 42.39 -27.04 -14.77
CA GLY E 24 42.06 -28.38 -14.31
C GLY E 24 40.56 -28.60 -14.15
N ASN E 25 39.76 -28.12 -15.10
CA ASN E 25 38.31 -28.19 -15.03
C ASN E 25 37.72 -28.99 -16.17
N THR E 26 36.87 -29.95 -15.85
CA THR E 26 36.09 -30.70 -16.83
C THR E 26 34.61 -30.36 -16.65
N VAL E 27 33.91 -30.16 -17.78
CA VAL E 27 32.53 -29.70 -17.78
C VAL E 27 31.68 -30.67 -18.57
N ALA E 28 30.55 -31.09 -17.99
CA ALA E 28 29.56 -31.91 -18.68
C ALA E 28 28.33 -31.05 -18.95
N LEU E 29 28.01 -30.84 -20.23
CA LEU E 29 26.89 -29.99 -20.66
C LEU E 29 25.70 -30.89 -20.98
N CYS E 30 24.73 -30.92 -20.08
CA CYS E 30 23.60 -31.82 -20.20
C CYS E 30 22.34 -31.10 -20.67
N ASP E 31 21.46 -31.87 -21.29
CA ASP E 31 20.15 -31.43 -21.77
C ASP E 31 19.23 -32.64 -21.68
N ILE E 32 18.06 -32.59 -22.31
CA ILE E 32 17.05 -33.61 -22.05
C ILE E 32 17.31 -34.85 -22.89
N LYS E 33 17.40 -34.71 -24.21
CA LYS E 33 18.10 -35.62 -25.09
C LYS E 33 19.55 -35.15 -25.27
N GLN E 34 20.26 -35.77 -26.21
CA GLN E 34 21.68 -35.51 -26.44
C GLN E 34 21.94 -34.61 -27.64
N GLU E 35 21.08 -34.61 -28.66
CA GLU E 35 21.34 -33.80 -29.85
C GLU E 35 21.41 -32.31 -29.51
N TRP E 36 20.33 -31.75 -28.98
CA TRP E 36 20.34 -30.35 -28.55
C TRP E 36 21.36 -30.09 -27.44
N ALA E 37 21.85 -31.14 -26.78
CA ALA E 37 22.91 -30.98 -25.79
C ALA E 37 24.25 -30.78 -26.48
N GLU E 38 24.47 -31.46 -27.60
CA GLU E 38 25.65 -31.21 -28.41
C GLU E 38 25.46 -29.97 -29.26
N ASN E 39 24.20 -29.63 -29.59
CA ASN E 39 23.97 -28.35 -30.26
C ASN E 39 24.51 -27.21 -29.42
N GLY E 40 24.24 -27.23 -28.12
CA GLY E 40 24.69 -26.17 -27.25
C GLY E 40 26.21 -25.98 -27.30
N LEU E 41 26.94 -27.09 -27.39
CA LEU E 41 28.38 -27.02 -27.59
C LEU E 41 28.71 -26.45 -28.96
N ALA E 42 27.87 -26.72 -29.97
CA ALA E 42 28.11 -26.17 -31.30
C ALA E 42 27.91 -24.67 -31.33
N LYS E 43 26.91 -24.15 -30.61
CA LYS E 43 26.74 -22.70 -30.52
C LYS E 43 27.94 -22.07 -29.82
N ILE E 44 28.50 -22.75 -28.83
CA ILE E 44 29.69 -22.24 -28.14
C ILE E 44 30.87 -22.19 -29.10
N LYS E 45 31.14 -23.30 -29.79
CA LYS E 45 32.28 -23.36 -30.70
C LYS E 45 32.20 -22.27 -31.77
N LYS E 46 31.02 -22.04 -32.33
CA LYS E 46 30.89 -20.99 -33.34
C LYS E 46 31.14 -19.62 -32.74
N GLY E 47 30.66 -19.37 -31.52
CA GLY E 47 30.98 -18.12 -30.85
C GLY E 47 32.47 -17.97 -30.58
N TYR E 48 33.15 -19.08 -30.29
CA TYR E 48 34.57 -19.02 -29.95
C TYR E 48 35.43 -18.70 -31.17
N GLU E 49 35.10 -19.28 -32.33
CA GLU E 49 35.96 -19.10 -33.49
C GLU E 49 35.94 -17.66 -33.99
N LYS E 50 34.79 -16.99 -33.88
CA LYS E 50 34.70 -15.60 -34.33
C LYS E 50 35.58 -14.66 -33.51
N LEU E 51 36.16 -15.14 -32.41
CA LEU E 51 37.13 -14.38 -31.63
C LEU E 51 38.56 -14.63 -32.11
N VAL E 52 38.89 -15.89 -32.40
CA VAL E 52 40.20 -16.21 -33.00
C VAL E 52 40.31 -15.56 -34.37
N ALA E 53 39.18 -15.35 -35.04
CA ALA E 53 39.19 -14.69 -36.34
C ALA E 53 39.60 -13.23 -36.24
N LYS E 54 39.20 -12.57 -35.15
CA LYS E 54 39.55 -11.17 -34.93
C LYS E 54 40.86 -11.00 -34.16
N GLY E 55 41.33 -12.06 -33.50
CA GLY E 55 42.62 -12.01 -32.82
C GLY E 55 42.51 -11.75 -31.34
N LYS E 56 41.54 -12.39 -30.69
CA LYS E 56 41.26 -12.14 -29.28
C LYS E 56 41.53 -13.36 -28.41
N ILE E 57 41.88 -14.49 -29.00
CA ILE E 57 42.31 -15.69 -28.28
C ILE E 57 42.93 -16.63 -29.33
N PRO E 58 44.04 -17.29 -29.03
CA PRO E 58 44.61 -18.24 -30.00
C PRO E 58 43.73 -19.47 -30.16
N GLN E 59 43.98 -20.19 -31.26
CA GLN E 59 43.36 -21.49 -31.43
C GLN E 59 43.82 -22.49 -30.37
N GLU E 60 44.97 -22.23 -29.74
CA GLU E 60 45.48 -23.16 -28.74
C GLU E 60 44.57 -23.22 -27.52
N LYS E 61 43.97 -22.09 -27.15
CA LYS E 61 43.08 -22.05 -25.99
C LYS E 61 41.61 -22.18 -26.36
N ALA E 62 41.21 -21.71 -27.54
CA ALA E 62 39.81 -21.84 -27.95
C ALA E 62 39.42 -23.30 -28.10
N ASP E 63 40.28 -24.10 -28.73
CA ASP E 63 39.99 -25.53 -28.88
C ASP E 63 40.12 -26.26 -27.55
N ALA E 64 41.03 -25.82 -26.68
CA ALA E 64 41.25 -26.50 -25.40
C ALA E 64 40.06 -26.32 -24.47
N ILE E 65 39.40 -25.17 -24.50
CA ILE E 65 38.22 -24.98 -23.67
C ILE E 65 37.06 -25.82 -24.21
N VAL E 66 36.98 -25.95 -25.54
CA VAL E 66 35.96 -26.81 -26.14
C VAL E 66 36.17 -28.26 -25.73
N ALA E 67 37.43 -28.69 -25.66
CA ALA E 67 37.72 -30.08 -25.32
C ALA E 67 37.42 -30.38 -23.86
N ALA E 68 37.45 -29.37 -22.98
CA ALA E 68 37.12 -29.58 -21.58
C ALA E 68 35.63 -29.75 -21.34
N ILE E 69 34.80 -29.55 -22.37
CA ILE E 69 33.35 -29.67 -22.24
C ILE E 69 32.92 -30.98 -22.92
N THR E 70 31.95 -31.66 -22.30
CA THR E 70 31.40 -32.89 -22.86
C THR E 70 29.87 -32.78 -22.88
N PRO E 71 29.25 -32.79 -24.05
CA PRO E 71 27.78 -32.83 -24.09
C PRO E 71 27.26 -34.23 -23.84
N GLY E 72 25.98 -34.30 -23.53
CA GLY E 72 25.40 -35.62 -23.34
C GLY E 72 24.22 -35.58 -22.39
N LEU E 73 24.06 -36.68 -21.68
CA LEU E 73 22.95 -36.92 -20.77
C LEU E 73 23.47 -36.97 -19.34
N LYS E 74 22.56 -36.79 -18.39
CA LYS E 74 22.95 -36.51 -17.02
C LYS E 74 23.52 -37.74 -16.33
N GLU E 75 22.83 -38.88 -16.43
CA GLU E 75 23.30 -40.08 -15.74
C GLU E 75 24.63 -40.56 -16.32
N ASN E 76 24.81 -40.45 -17.64
CA ASN E 76 26.04 -40.91 -18.28
C ASN E 76 27.27 -40.12 -17.85
N LEU E 77 27.12 -38.91 -17.32
CA LEU E 77 28.25 -38.00 -17.15
C LEU E 77 28.41 -37.40 -15.76
N CYS E 78 27.38 -37.42 -14.91
CA CYS E 78 27.42 -36.66 -13.67
C CYS E 78 27.66 -37.51 -12.43
N ALA E 79 27.82 -38.82 -12.57
CA ALA E 79 28.07 -39.65 -11.40
C ALA E 79 29.44 -39.37 -10.77
N ASP E 80 30.36 -38.75 -11.50
CA ASP E 80 31.71 -38.50 -11.02
C ASP E 80 32.02 -37.01 -10.92
N CYS E 81 31.01 -36.19 -10.68
CA CYS E 81 31.19 -34.75 -10.63
C CYS E 81 31.35 -34.27 -9.19
N ASP E 82 32.01 -33.12 -9.04
CA ASP E 82 32.18 -32.50 -7.73
C ASP E 82 31.33 -31.26 -7.54
N LEU E 83 30.77 -30.69 -8.61
CA LEU E 83 29.90 -29.54 -8.50
C LEU E 83 28.81 -29.64 -9.55
N ILE E 84 27.57 -29.37 -9.15
CA ILE E 84 26.43 -29.34 -10.05
C ILE E 84 25.90 -27.91 -10.08
N VAL E 85 25.73 -27.37 -11.29
CA VAL E 85 25.15 -26.05 -11.49
C VAL E 85 24.02 -26.19 -12.50
N GLU E 86 22.77 -26.07 -12.05
CA GLU E 86 21.65 -26.20 -12.95
C GLU E 86 21.32 -24.85 -13.59
N ALA E 87 21.00 -24.89 -14.89
CA ALA E 87 20.62 -23.72 -15.67
C ALA E 87 19.41 -24.04 -16.52
N ALA E 88 18.44 -24.73 -15.94
CA ALA E 88 17.28 -25.24 -16.67
C ALA E 88 16.14 -24.21 -16.64
N PHE E 89 14.97 -24.63 -17.11
CA PHE E 89 13.80 -23.76 -17.15
C PHE E 89 13.49 -23.22 -15.77
N GLU E 90 13.16 -21.92 -15.70
CA GLU E 90 12.88 -21.27 -14.43
C GLU E 90 11.47 -21.69 -13.98
N ASP E 91 11.39 -22.93 -13.52
CA ASP E 91 10.14 -23.56 -13.13
C ASP E 91 10.41 -24.43 -11.91
N MET E 92 9.64 -24.19 -10.84
CA MET E 92 9.96 -24.79 -9.54
C MET E 92 9.89 -26.31 -9.57
N LYS E 93 8.85 -26.88 -10.18
CA LYS E 93 8.70 -28.33 -10.17
C LYS E 93 9.78 -29.00 -11.03
N VAL E 94 10.22 -28.31 -12.10
CA VAL E 94 11.24 -28.88 -12.97
C VAL E 94 12.57 -29.00 -12.22
N LYS E 95 12.98 -27.91 -11.55
CA LYS E 95 14.23 -27.95 -10.81
C LYS E 95 14.16 -28.89 -9.62
N GLN E 96 12.96 -29.10 -9.07
CA GLN E 96 12.81 -29.96 -7.91
C GLN E 96 13.05 -31.42 -8.25
N THR E 97 12.68 -31.85 -9.46
CA THR E 97 12.79 -33.26 -9.82
C THR E 97 14.17 -33.61 -10.37
N THR E 98 14.84 -32.68 -11.06
CA THR E 98 16.17 -32.97 -11.56
C THR E 98 17.16 -33.14 -10.40
N PHE E 99 17.00 -32.35 -9.35
CA PHE E 99 17.84 -32.54 -8.16
C PHE E 99 17.44 -33.79 -7.39
N GLY E 100 16.24 -34.32 -7.61
CA GLY E 100 15.90 -35.61 -7.04
C GLY E 100 16.66 -36.74 -7.70
N GLU E 101 16.80 -36.69 -9.03
CA GLU E 101 17.60 -37.66 -9.74
C GLU E 101 19.08 -37.53 -9.38
N LEU E 102 19.62 -36.30 -9.51
CA LEU E 102 21.02 -36.06 -9.21
C LEU E 102 21.36 -36.43 -7.77
N ASP E 103 20.37 -36.40 -6.87
CA ASP E 103 20.61 -36.80 -5.50
C ASP E 103 21.01 -38.27 -5.39
N LYS E 104 20.72 -39.07 -6.41
CA LYS E 104 21.13 -40.47 -6.42
C LYS E 104 22.02 -40.85 -7.59
N ILE E 105 22.30 -39.92 -8.51
CA ILE E 105 23.29 -40.17 -9.56
C ILE E 105 24.67 -39.71 -9.13
N CYS E 106 24.75 -38.56 -8.48
CA CYS E 106 26.01 -37.96 -8.08
C CYS E 106 26.60 -38.66 -6.86
N LYS E 107 27.91 -38.52 -6.72
CA LYS E 107 28.63 -39.10 -5.60
C LYS E 107 28.32 -38.34 -4.31
N PRO E 108 28.50 -38.99 -3.15
CA PRO E 108 28.17 -38.36 -1.87
C PRO E 108 28.72 -36.95 -1.67
N GLU E 109 29.98 -36.69 -2.01
CA GLU E 109 30.62 -35.42 -1.72
C GLU E 109 30.38 -34.36 -2.79
N CYS E 110 29.63 -34.67 -3.84
CA CYS E 110 29.33 -33.68 -4.86
C CYS E 110 28.48 -32.55 -4.29
N ILE E 111 28.75 -31.34 -4.75
CA ILE E 111 28.03 -30.14 -4.28
C ILE E 111 27.02 -29.74 -5.34
N PHE E 112 25.79 -29.49 -4.91
CA PHE E 112 24.73 -29.02 -5.79
C PHE E 112 24.67 -27.50 -5.75
N ALA E 113 24.27 -26.90 -6.88
CA ALA E 113 24.10 -25.45 -6.95
C ALA E 113 23.06 -25.11 -7.99
N SER E 114 22.44 -23.94 -7.83
CA SER E 114 21.37 -23.51 -8.70
C SER E 114 21.59 -22.07 -9.13
N ASN E 115 21.41 -21.81 -10.42
CA ASN E 115 21.59 -20.49 -11.02
C ASN E 115 20.29 -19.68 -11.07
N THR E 116 19.23 -20.12 -10.39
CA THR E 116 17.94 -19.47 -10.53
C THR E 116 17.98 -18.02 -10.10
N SER E 117 17.28 -17.17 -10.85
CA SER E 117 17.16 -15.75 -10.54
C SER E 117 15.96 -15.43 -9.67
N SER E 118 14.88 -16.19 -9.78
CA SER E 118 13.61 -15.81 -9.20
C SER E 118 12.96 -16.85 -8.28
N LEU E 119 13.51 -18.05 -8.19
CA LEU E 119 12.89 -19.10 -7.40
C LEU E 119 13.67 -19.33 -6.12
N SER E 120 12.96 -19.77 -5.08
CA SER E 120 13.54 -19.94 -3.76
C SER E 120 14.48 -21.13 -3.74
N ILE E 121 15.75 -20.88 -3.40
CA ILE E 121 16.72 -21.95 -3.25
C ILE E 121 16.27 -22.93 -2.18
N THR E 122 15.65 -22.42 -1.11
CA THR E 122 15.16 -23.29 -0.05
C THR E 122 14.15 -24.29 -0.57
N GLU E 123 13.18 -23.83 -1.36
CA GLU E 123 12.11 -24.71 -1.83
C GLU E 123 12.63 -25.72 -2.85
N ILE E 124 13.58 -25.31 -3.69
CA ILE E 124 14.15 -26.21 -4.68
C ILE E 124 14.79 -27.43 -4.01
N GLY E 125 15.30 -27.25 -2.80
CA GLY E 125 16.05 -28.28 -2.10
C GLY E 125 15.40 -28.76 -0.82
N LYS E 126 14.07 -28.89 -0.84
CA LYS E 126 13.33 -29.16 0.39
C LYS E 126 13.62 -30.55 0.93
N GLY E 127 13.56 -31.58 0.09
CA GLY E 127 13.73 -32.93 0.58
C GLY E 127 14.93 -33.67 0.03
N LEU E 128 16.00 -32.93 -0.28
CA LEU E 128 17.22 -33.56 -0.78
C LEU E 128 18.01 -34.21 0.35
N SER E 129 18.90 -35.13 -0.03
CA SER E 129 19.78 -35.79 0.93
C SER E 129 21.00 -34.94 1.29
N ARG E 130 21.20 -33.81 0.62
CA ARG E 130 22.37 -32.97 0.86
C ARG E 130 21.96 -31.52 0.64
N PRO E 131 22.74 -30.57 1.17
CA PRO E 131 22.33 -29.17 1.09
C PRO E 131 22.24 -28.64 -0.34
N LEU E 132 21.38 -27.65 -0.52
CA LEU E 132 21.28 -26.90 -1.76
C LEU E 132 21.70 -25.46 -1.52
N VAL E 133 22.48 -24.90 -2.45
CA VAL E 133 23.00 -23.55 -2.36
C VAL E 133 22.83 -22.87 -3.71
N GLY E 134 22.76 -21.54 -3.69
CA GLY E 134 22.59 -20.76 -4.89
C GLY E 134 23.91 -20.20 -5.38
N MET E 135 24.15 -20.35 -6.69
CA MET E 135 25.33 -19.76 -7.35
C MET E 135 24.78 -18.96 -8.53
N HIS E 136 24.45 -17.70 -8.28
CA HIS E 136 23.89 -16.84 -9.32
C HIS E 136 25.00 -16.27 -10.20
N PHE E 137 24.98 -16.63 -11.48
CA PHE E 137 25.87 -16.01 -12.44
C PHE E 137 25.19 -14.78 -13.07
N PHE E 138 25.96 -14.04 -13.86
CA PHE E 138 25.45 -12.86 -14.55
C PHE E 138 25.84 -12.93 -16.01
N ASN E 139 24.88 -12.64 -16.89
CA ASN E 139 25.09 -12.78 -18.33
C ASN E 139 25.81 -11.57 -18.88
N PRO E 140 26.89 -11.75 -19.67
CA PRO E 140 27.51 -13.03 -20.07
C PRO E 140 28.35 -13.64 -18.95
N ALA E 141 28.16 -14.95 -18.70
CA ALA E 141 28.72 -15.58 -17.51
C ALA E 141 30.22 -15.81 -17.59
N ASP E 142 30.82 -15.77 -18.78
CA ASP E 142 32.25 -16.06 -18.90
C ASP E 142 33.14 -14.85 -18.68
N ARG E 143 32.59 -13.65 -18.70
CA ARG E 143 33.37 -12.44 -18.46
C ARG E 143 32.89 -11.60 -17.28
N MET E 144 31.60 -11.66 -16.93
CA MET E 144 31.12 -10.95 -15.75
C MET E 144 31.65 -11.63 -14.50
N LYS E 145 32.13 -10.83 -13.55
CA LYS E 145 32.89 -11.36 -12.42
C LYS E 145 32.06 -11.56 -11.15
N LEU E 146 30.87 -10.99 -11.07
CA LEU E 146 30.06 -11.17 -9.87
C LEU E 146 29.42 -12.55 -9.86
N ILE E 147 29.40 -13.17 -8.67
CA ILE E 147 28.71 -14.43 -8.44
C ILE E 147 27.99 -14.29 -7.11
N GLU E 148 26.66 -14.19 -7.14
CA GLU E 148 25.89 -14.14 -5.91
C GLU E 148 25.77 -15.55 -5.34
N VAL E 149 26.13 -15.70 -4.07
CA VAL E 149 26.03 -16.98 -3.37
C VAL E 149 24.84 -16.90 -2.44
N ILE E 150 23.82 -17.72 -2.70
CA ILE E 150 22.56 -17.66 -1.98
C ILE E 150 22.55 -18.74 -0.91
N ALA E 151 22.45 -18.30 0.35
CA ALA E 151 22.28 -19.21 1.47
C ALA E 151 20.79 -19.48 1.69
N GLY E 152 20.39 -20.72 1.57
CA GLY E 152 19.01 -21.08 1.84
C GLY E 152 18.71 -21.06 3.33
N CYS E 153 17.51 -21.52 3.66
CA CYS E 153 17.12 -21.61 5.06
C CYS E 153 17.91 -22.68 5.79
N ASN E 154 18.27 -23.76 5.10
CA ASN E 154 19.01 -24.87 5.70
C ASN E 154 20.38 -25.06 5.06
N THR E 155 20.86 -24.10 4.28
CA THR E 155 22.18 -24.24 3.67
C THR E 155 23.24 -24.03 4.74
N PRO E 156 24.09 -25.02 5.01
CA PRO E 156 25.15 -24.85 6.01
C PRO E 156 26.13 -23.76 5.61
N ALA E 157 26.69 -23.10 6.62
CA ALA E 157 27.69 -22.06 6.37
C ALA E 157 28.94 -22.63 5.70
N GLU E 158 29.19 -23.94 5.87
CA GLU E 158 30.37 -24.54 5.26
C GLU E 158 30.20 -24.67 3.75
N THR E 159 29.04 -25.18 3.30
CA THR E 159 28.84 -25.38 1.87
C THR E 159 28.83 -24.06 1.10
N VAL E 160 28.40 -22.98 1.75
CA VAL E 160 28.44 -21.68 1.10
C VAL E 160 29.90 -21.24 0.89
N GLU E 161 30.74 -21.44 1.89
CA GLU E 161 32.13 -21.00 1.80
C GLU E 161 32.90 -21.81 0.77
N LYS E 162 32.53 -23.07 0.58
CA LYS E 162 33.14 -23.86 -0.47
C LYS E 162 32.78 -23.29 -1.84
N ILE E 163 31.55 -22.79 -1.99
CA ILE E 163 31.17 -22.14 -3.24
C ILE E 163 31.95 -20.83 -3.39
N LYS E 164 32.15 -20.11 -2.30
CA LYS E 164 32.98 -18.91 -2.34
C LYS E 164 34.38 -19.23 -2.85
N GLU E 165 34.96 -20.33 -2.38
CA GLU E 165 36.29 -20.72 -2.85
C GLU E 165 36.25 -21.12 -4.32
N ILE E 166 35.18 -21.79 -4.75
CA ILE E 166 35.05 -22.16 -6.16
C ILE E 166 34.95 -20.93 -7.04
N SER E 167 34.40 -19.83 -6.51
CA SER E 167 34.22 -18.62 -7.31
C SER E 167 35.56 -17.94 -7.59
N VAL E 168 36.40 -17.78 -6.56
CA VAL E 168 37.69 -17.12 -6.76
C VAL E 168 38.62 -18.02 -7.57
N ALA E 169 38.44 -19.34 -7.50
CA ALA E 169 39.28 -20.26 -8.25
C ALA E 169 39.04 -20.18 -9.75
N ILE E 170 37.98 -19.49 -10.19
CA ILE E 170 37.69 -19.33 -11.61
C ILE E 170 37.71 -17.86 -12.02
N GLY E 171 38.11 -16.97 -11.12
CA GLY E 171 38.26 -15.56 -11.43
C GLY E 171 37.11 -14.66 -11.07
N LYS E 172 36.22 -15.09 -10.19
CA LYS E 172 35.03 -14.32 -9.85
C LYS E 172 35.10 -13.82 -8.41
N ASN E 173 34.34 -12.75 -8.15
CA ASN E 173 34.21 -12.17 -6.82
C ASN E 173 32.90 -12.62 -6.20
N PRO E 174 32.89 -13.53 -5.23
CA PRO E 174 31.63 -13.98 -4.65
C PRO E 174 31.10 -13.00 -3.61
N VAL E 175 29.78 -12.98 -3.46
CA VAL E 175 29.12 -12.12 -2.44
C VAL E 175 28.04 -12.97 -1.79
N GLN E 176 28.03 -13.04 -0.46
CA GLN E 176 27.07 -13.93 0.24
C GLN E 176 25.71 -13.26 0.32
N VAL E 177 24.66 -14.00 -0.01
CA VAL E 177 23.27 -13.46 0.08
C VAL E 177 22.38 -14.44 0.82
N ASN E 178 21.85 -14.03 1.96
CA ASN E 178 20.83 -14.82 2.63
C ASN E 178 19.54 -14.71 1.83
N GLU E 179 18.96 -15.86 1.49
CA GLU E 179 17.93 -15.93 0.46
C GLU E 179 16.81 -14.92 0.68
N ALA E 180 16.60 -14.07 -0.32
CA ALA E 180 15.49 -13.14 -0.37
C ALA E 180 15.10 -12.94 -1.82
N ALA E 181 13.91 -12.37 -2.03
CA ALA E 181 13.42 -12.14 -3.37
C ALA E 181 14.32 -11.19 -4.14
N GLY E 182 14.83 -11.64 -5.27
CA GLY E 182 15.69 -10.82 -6.10
C GLY E 182 17.13 -10.73 -5.62
N PHE E 183 17.46 -11.44 -4.55
CA PHE E 183 18.80 -11.41 -3.95
C PHE E 183 19.26 -9.98 -3.71
N VAL E 184 20.19 -9.47 -4.50
CA VAL E 184 20.69 -8.10 -4.33
C VAL E 184 20.53 -7.28 -5.60
N VAL E 185 21.03 -7.77 -6.73
CA VAL E 185 21.10 -6.94 -7.92
C VAL E 185 19.71 -6.76 -8.53
N ASN E 186 19.02 -7.86 -8.81
CA ASN E 186 17.70 -7.76 -9.42
C ASN E 186 16.72 -7.00 -8.53
N ARG E 187 16.85 -7.11 -7.21
CA ARG E 187 15.98 -6.37 -6.32
C ARG E 187 16.19 -4.86 -6.44
N ILE E 188 17.38 -4.43 -6.84
CA ILE E 188 17.69 -3.02 -7.03
C ILE E 188 17.56 -2.62 -8.49
N LEU E 189 18.07 -3.45 -9.40
CA LEU E 189 18.16 -3.04 -10.80
C LEU E 189 16.81 -3.07 -11.50
N ILE E 190 16.00 -4.10 -11.26
CA ILE E 190 14.74 -4.26 -12.00
C ILE E 190 13.73 -3.20 -11.56
N PRO E 191 13.51 -2.94 -10.27
CA PRO E 191 12.64 -1.81 -9.90
C PRO E 191 13.15 -0.48 -10.44
N MET E 192 14.44 -0.37 -10.73
CA MET E 192 14.97 0.82 -11.38
C MET E 192 14.43 0.94 -12.80
N ILE E 193 14.48 -0.15 -13.56
CA ILE E 193 13.92 -0.17 -14.90
C ILE E 193 12.42 0.06 -14.84
N ASN E 194 11.74 -0.58 -13.89
CA ASN E 194 10.30 -0.42 -13.75
C ASN E 194 9.93 1.03 -13.49
N GLU E 195 10.70 1.73 -12.66
CA GLU E 195 10.40 3.12 -12.37
C GLU E 195 10.56 4.00 -13.60
N ALA E 196 11.55 3.69 -14.45
CA ALA E 196 11.72 4.45 -15.69
C ALA E 196 10.48 4.33 -16.58
N ALA E 197 9.91 3.13 -16.67
CA ALA E 197 8.68 2.96 -17.44
C ALA E 197 7.54 3.77 -16.85
N PHE E 198 7.45 3.83 -15.52
CA PHE E 198 6.45 4.67 -14.86
C PHE E 198 6.66 6.14 -15.22
N ILE E 199 7.93 6.57 -15.26
CA ILE E 199 8.24 7.95 -15.63
C ILE E 199 7.78 8.23 -17.06
N LYS E 200 7.93 7.25 -17.94
CA LYS E 200 7.51 7.44 -19.33
C LYS E 200 5.99 7.41 -19.46
N MET E 201 5.34 6.43 -18.82
CA MET E 201 3.91 6.27 -18.95
C MET E 201 3.14 7.49 -18.46
N GLU E 202 3.65 8.18 -17.45
CA GLU E 202 2.96 9.32 -16.87
C GLU E 202 3.35 10.64 -17.53
N GLY E 203 4.13 10.59 -18.62
CA GLY E 203 4.48 11.79 -19.35
C GLY E 203 5.48 12.70 -18.67
N VAL E 204 6.41 12.13 -17.91
CA VAL E 204 7.40 12.96 -17.22
C VAL E 204 8.51 13.38 -18.19
N SER E 205 9.08 12.42 -18.91
CA SER E 205 10.10 12.71 -19.91
C SER E 205 10.04 11.65 -20.99
N ASP E 206 10.66 11.96 -22.13
CA ASP E 206 10.62 11.04 -23.26
C ASP E 206 11.60 9.89 -23.06
N ILE E 207 11.42 8.84 -23.86
CA ILE E 207 12.23 7.63 -23.75
C ILE E 207 13.71 7.95 -23.93
N ALA E 208 14.05 8.66 -25.02
CA ALA E 208 15.43 9.03 -25.23
C ALA E 208 15.96 9.90 -24.12
N GLY E 209 15.11 10.77 -23.55
CA GLY E 209 15.56 11.64 -22.49
C GLY E 209 15.84 10.91 -21.19
N ILE E 210 14.96 9.97 -20.82
CA ILE E 210 15.12 9.24 -19.55
C ILE E 210 16.45 8.51 -19.52
N ASP E 211 16.79 7.83 -20.63
CA ASP E 211 18.04 7.08 -20.68
C ASP E 211 19.24 8.00 -20.59
N THR E 212 19.31 9.02 -21.45
CA THR E 212 20.42 9.96 -21.40
C THR E 212 20.51 10.64 -20.03
N ALA E 213 19.37 10.84 -19.37
CA ALA E 213 19.39 11.44 -18.04
C ALA E 213 20.06 10.52 -17.02
N MET E 214 19.90 9.20 -17.16
CA MET E 214 20.47 8.27 -16.20
C MET E 214 21.93 7.97 -16.49
N LYS E 215 22.34 7.94 -17.75
CA LYS E 215 23.74 7.65 -18.05
C LYS E 215 24.61 8.88 -17.88
N LEU E 216 24.06 10.08 -18.05
CA LEU E 216 24.82 11.31 -17.84
C LEU E 216 24.63 11.92 -16.47
N GLY E 217 23.52 11.62 -15.78
CA GLY E 217 23.29 12.16 -14.45
C GLY E 217 23.72 11.24 -13.34
N ALA E 218 23.72 9.93 -13.61
CA ALA E 218 24.20 8.95 -12.66
C ALA E 218 25.44 8.21 -13.14
N ASN E 219 25.98 8.60 -14.29
CA ASN E 219 27.18 7.98 -14.88
C ASN E 219 26.98 6.48 -15.08
N HIS E 220 25.77 6.08 -15.47
CA HIS E 220 25.61 4.67 -15.76
C HIS E 220 26.02 4.37 -17.20
N PRO E 221 26.50 3.16 -17.49
CA PRO E 221 26.89 2.86 -18.88
C PRO E 221 25.71 2.78 -19.83
N MET E 222 24.53 2.40 -19.34
CA MET E 222 23.33 2.31 -20.15
C MET E 222 22.16 2.97 -19.43
N GLY E 223 21.17 3.39 -20.21
CA GLY E 223 19.94 3.89 -19.66
C GLY E 223 19.07 2.76 -19.17
N PRO E 224 18.13 3.07 -18.28
CA PRO E 224 17.26 2.01 -17.75
C PRO E 224 16.31 1.45 -18.79
N LEU E 225 15.83 2.26 -19.74
CA LEU E 225 14.89 1.76 -20.73
C LEU E 225 15.61 0.89 -21.77
N GLU E 226 16.84 1.26 -22.14
CA GLU E 226 17.59 0.40 -23.05
C GLU E 226 18.14 -0.83 -22.34
N LEU E 227 18.45 -0.71 -21.05
CA LEU E 227 18.88 -1.90 -20.29
C LEU E 227 17.76 -2.92 -20.20
N GLY E 228 16.52 -2.45 -20.05
CA GLY E 228 15.39 -3.39 -19.99
C GLY E 228 15.23 -4.17 -21.28
N ASP E 229 15.44 -3.51 -22.42
CA ASP E 229 15.38 -4.21 -23.71
C ASP E 229 16.56 -5.16 -23.86
N PHE E 230 17.74 -4.77 -23.38
CA PHE E 230 18.91 -5.66 -23.46
C PHE E 230 18.68 -6.92 -22.65
N ILE E 231 18.16 -6.77 -21.43
CA ILE E 231 17.82 -7.93 -20.62
C ILE E 231 16.66 -8.69 -21.24
N GLY E 232 15.63 -7.98 -21.68
CA GLY E 232 14.40 -8.62 -22.14
C GLY E 232 13.23 -8.21 -21.27
N LEU E 233 12.26 -7.53 -21.87
CA LEU E 233 11.16 -6.96 -21.09
C LEU E 233 10.32 -8.06 -20.42
N ASP E 234 10.27 -9.24 -21.02
CA ASP E 234 9.56 -10.35 -20.38
C ASP E 234 10.29 -10.79 -19.11
N ILE E 235 11.62 -10.85 -19.17
CA ILE E 235 12.41 -11.17 -17.98
C ILE E 235 12.15 -10.15 -16.89
N CYS E 236 12.26 -8.86 -17.23
CA CYS E 236 12.04 -7.80 -16.25
C CYS E 236 10.64 -7.88 -15.66
N LEU E 237 9.63 -8.15 -16.49
CA LEU E 237 8.26 -8.25 -15.97
C LEU E 237 8.12 -9.42 -15.01
N ALA E 238 8.82 -10.52 -15.27
CA ALA E 238 8.73 -11.68 -14.40
C ALA E 238 9.41 -11.42 -13.06
N ILE E 239 10.51 -10.66 -13.07
CA ILE E 239 11.21 -10.34 -11.83
C ILE E 239 10.35 -9.46 -10.94
N MET E 240 9.70 -8.45 -11.53
CA MET E 240 8.84 -7.56 -10.75
C MET E 240 7.66 -8.30 -10.16
N ASP E 241 7.12 -9.28 -10.87
CA ASP E 241 5.98 -10.02 -10.35
C ASP E 241 6.39 -11.02 -9.29
N VAL E 242 7.60 -11.57 -9.38
CA VAL E 242 8.09 -12.44 -8.30
C VAL E 242 8.41 -11.60 -7.06
N LEU E 243 9.00 -10.43 -7.26
CA LEU E 243 9.21 -9.52 -6.14
C LEU E 243 7.89 -9.13 -5.50
N TYR E 244 6.88 -8.85 -6.32
CA TYR E 244 5.57 -8.43 -5.81
C TYR E 244 4.87 -9.57 -5.08
N HIS E 245 4.92 -10.78 -5.65
CA HIS E 245 4.24 -11.90 -5.02
C HIS E 245 4.99 -12.42 -3.80
N GLU E 246 6.31 -12.31 -3.79
CA GLU E 246 7.07 -12.80 -2.65
C GLU E 246 6.95 -11.87 -1.44
N THR E 247 6.91 -10.56 -1.67
CA THR E 247 6.78 -9.61 -0.59
C THR E 247 5.34 -9.25 -0.27
N GLY E 248 4.43 -9.42 -1.23
CA GLY E 248 3.08 -8.94 -1.05
C GLY E 248 2.97 -7.45 -0.90
N ASP E 249 4.04 -6.71 -1.24
CA ASP E 249 4.11 -5.26 -1.06
C ASP E 249 3.84 -4.57 -2.39
N SER E 250 2.85 -3.68 -2.41
CA SER E 250 2.53 -2.95 -3.64
C SER E 250 3.66 -2.03 -4.10
N LYS E 251 4.74 -1.91 -3.32
CA LYS E 251 5.89 -1.12 -3.74
C LYS E 251 6.51 -1.68 -5.02
N TYR E 252 6.32 -2.97 -5.29
CA TYR E 252 6.93 -3.64 -6.43
C TYR E 252 5.91 -3.95 -7.53
N ARG E 253 4.84 -3.18 -7.63
CA ARG E 253 3.85 -3.40 -8.67
C ARG E 253 4.46 -3.10 -10.03
N ALA E 254 4.29 -4.01 -10.97
CA ALA E 254 4.88 -3.85 -12.29
C ALA E 254 4.17 -2.74 -13.07
N CYS E 255 4.94 -1.95 -13.80
CA CYS E 255 4.39 -0.89 -14.61
C CYS E 255 3.48 -1.47 -15.68
N PRO E 256 2.20 -1.09 -15.73
CA PRO E 256 1.31 -1.65 -16.77
C PRO E 256 1.82 -1.46 -18.18
N LEU E 257 2.60 -0.41 -18.44
CA LEU E 257 3.13 -0.20 -19.79
C LEU E 257 4.10 -1.31 -20.17
N ILE E 258 4.90 -1.78 -19.22
CA ILE E 258 5.78 -2.92 -19.49
C ILE E 258 4.97 -4.17 -19.75
N ARG E 259 3.90 -4.40 -18.96
CA ARG E 259 3.05 -5.56 -19.17
C ARG E 259 2.41 -5.54 -20.54
N LYS E 260 1.97 -4.36 -20.98
CA LYS E 260 1.35 -4.24 -22.31
C LYS E 260 2.34 -4.59 -23.41
N MET E 261 3.60 -4.17 -23.25
CA MET E 261 4.60 -4.44 -24.29
C MET E 261 4.89 -5.93 -24.39
N VAL E 262 4.95 -6.63 -23.25
CA VAL E 262 5.22 -8.06 -23.28
C VAL E 262 4.09 -8.81 -23.97
N ARG E 263 2.85 -8.36 -23.77
CA ARG E 263 1.71 -9.01 -24.42
C ARG E 263 1.77 -8.84 -25.93
N GLY E 264 2.32 -7.72 -26.41
CA GLY E 264 2.47 -7.45 -27.82
C GLY E 264 3.74 -7.98 -28.44
N GLY E 265 4.53 -8.75 -27.70
CA GLY E 265 5.77 -9.30 -28.23
C GLY E 265 6.90 -8.32 -28.39
N ASN E 266 6.74 -7.07 -27.92
CA ASN E 266 7.81 -6.08 -28.00
C ASN E 266 8.70 -6.23 -26.77
N LEU E 267 9.52 -7.29 -26.80
CA LEU E 267 10.33 -7.68 -25.66
C LEU E 267 11.70 -7.01 -25.62
N GLY E 268 12.13 -6.36 -26.71
CA GLY E 268 13.38 -5.63 -26.75
C GLY E 268 14.30 -6.15 -27.85
N CYS E 269 15.59 -6.25 -27.53
CA CYS E 269 16.58 -6.61 -28.54
C CYS E 269 16.28 -7.98 -29.15
N LYS E 270 15.91 -8.97 -28.33
CA LYS E 270 15.67 -10.30 -28.86
C LYS E 270 14.49 -10.36 -29.80
N THR E 271 13.61 -9.35 -29.80
CA THR E 271 12.52 -9.27 -30.75
C THR E 271 12.61 -8.05 -31.65
N GLY E 272 13.67 -7.24 -31.52
CA GLY E 272 13.89 -6.11 -32.38
C GLY E 272 13.11 -4.86 -32.04
N LYS E 273 12.16 -4.92 -31.11
CA LYS E 273 11.35 -3.76 -30.75
C LYS E 273 11.09 -3.78 -29.25
N GLY E 274 11.47 -2.69 -28.58
CA GLY E 274 11.23 -2.49 -27.17
C GLY E 274 10.80 -1.06 -26.96
N PHE E 275 11.47 -0.36 -26.03
CA PHE E 275 11.31 1.09 -25.98
C PHE E 275 12.04 1.73 -27.14
N TYR E 276 13.10 1.09 -27.64
CA TYR E 276 13.76 1.46 -28.87
C TYR E 276 13.47 0.40 -29.94
N VAL E 277 13.38 0.85 -31.19
CA VAL E 277 13.25 -0.06 -32.31
C VAL E 277 14.65 -0.35 -32.82
N TYR E 278 15.13 -1.56 -32.61
CA TYR E 278 16.48 -1.91 -33.02
C TYR E 278 16.46 -2.19 -34.51
N ASN E 279 17.28 -1.45 -35.25
CA ASN E 279 17.09 -1.22 -36.67
C ASN E 279 17.88 -2.20 -37.52
N ALA E 280 17.59 -2.15 -38.83
CA ALA E 280 18.49 -2.68 -39.82
C ALA E 280 19.92 -2.26 -39.51
N ASP E 281 20.13 -0.96 -39.38
CA ASP E 281 21.44 -0.32 -39.26
C ASP E 281 22.07 -0.53 -37.86
N ARG E 282 21.45 -1.35 -37.02
CA ARG E 282 21.99 -1.81 -35.74
C ARG E 282 22.04 -0.67 -34.75
N THR E 283 21.63 0.53 -35.16
CA THR E 283 21.44 1.68 -34.30
C THR E 283 20.03 1.64 -33.75
N LYS E 284 19.84 2.20 -32.56
CA LYS E 284 18.54 2.16 -31.93
C LYS E 284 17.80 3.47 -32.16
N THR E 285 16.48 3.38 -32.15
CA THR E 285 15.59 4.52 -32.38
C THR E 285 14.45 4.46 -31.38
N PRO E 286 14.25 5.49 -30.58
CA PRO E 286 13.12 5.49 -29.64
C PRO E 286 11.79 5.48 -30.38
N VAL E 287 10.82 4.85 -29.73
CA VAL E 287 9.49 4.61 -30.28
C VAL E 287 8.65 5.85 -29.99
N ASP E 288 9.32 6.89 -29.50
CA ASP E 288 8.70 8.08 -28.93
C ASP E 288 8.59 9.21 -29.93
N GLN E 289 8.83 8.96 -31.21
CA GLN E 289 8.60 9.96 -32.24
C GLN E 289 8.27 9.29 -33.58
N MET F 1 27.13 35.95 -23.04
CA MET F 1 25.99 36.27 -22.20
C MET F 1 26.39 36.34 -20.72
N LYS F 2 25.67 37.16 -19.95
CA LYS F 2 25.92 37.32 -18.52
C LYS F 2 24.81 36.62 -17.75
N ILE F 3 25.18 35.86 -16.72
CA ILE F 3 24.24 35.09 -15.93
C ILE F 3 24.34 35.52 -14.47
N GLY F 4 23.19 35.47 -13.78
CA GLY F 4 23.18 35.71 -12.35
C GLY F 4 22.87 34.46 -11.55
N VAL F 5 23.86 33.95 -10.83
CA VAL F 5 23.67 32.79 -9.96
C VAL F 5 23.45 33.29 -8.54
N ILE F 6 22.28 33.00 -7.99
CA ILE F 6 21.95 33.40 -6.63
C ILE F 6 22.26 32.24 -5.71
N GLY F 7 23.17 32.45 -4.76
CA GLY F 7 23.64 31.40 -3.89
C GLY F 7 25.11 31.13 -4.07
N ALA F 8 25.85 30.97 -2.97
CA ALA F 8 27.29 30.74 -3.02
C ALA F 8 27.69 29.43 -2.36
N GLY F 9 26.74 28.51 -2.17
CA GLY F 9 27.03 27.22 -1.61
C GLY F 9 27.69 26.30 -2.61
N THR F 10 27.64 25.00 -2.32
CA THR F 10 28.27 24.02 -3.19
C THR F 10 27.73 24.11 -4.61
N MET F 11 26.41 24.25 -4.76
CA MET F 11 25.83 24.35 -6.09
C MET F 11 25.90 25.76 -6.66
N GLY F 12 25.84 26.78 -5.81
CA GLY F 12 26.04 28.13 -6.29
C GLY F 12 27.41 28.31 -6.91
N GLN F 13 28.45 27.87 -6.20
CA GLN F 13 29.80 27.90 -6.76
C GLN F 13 29.90 27.00 -7.98
N GLY F 14 29.28 25.82 -7.93
CA GLY F 14 29.41 24.88 -9.04
C GLY F 14 28.74 25.37 -10.30
N ILE F 15 27.56 25.98 -10.19
CA ILE F 15 26.92 26.53 -11.38
C ILE F 15 27.67 27.76 -11.87
N ALA F 16 28.27 28.52 -10.95
CA ALA F 16 29.10 29.64 -11.36
C ALA F 16 30.32 29.18 -12.13
N LYS F 17 30.95 28.08 -11.68
CA LYS F 17 32.06 27.51 -12.44
C LYS F 17 31.60 27.02 -13.80
N ALA F 18 30.49 26.28 -13.83
CA ALA F 18 30.02 25.65 -15.07
C ALA F 18 29.73 26.69 -16.16
N PHE F 19 29.35 27.90 -15.77
CA PHE F 19 29.06 28.94 -16.74
C PHE F 19 30.32 29.68 -17.19
N ALA F 20 31.19 30.01 -16.25
CA ALA F 20 32.31 30.93 -16.49
C ALA F 20 33.47 30.27 -17.21
N GLN F 21 33.30 29.02 -17.59
CA GLN F 21 34.43 28.25 -18.17
C GLN F 21 34.23 28.12 -19.67
N VAL F 22 33.27 28.85 -20.24
CA VAL F 22 33.14 28.78 -21.72
C VAL F 22 33.99 29.89 -22.35
N GLU F 23 33.50 31.14 -22.36
CA GLU F 23 34.24 32.23 -23.04
C GLU F 23 33.52 33.54 -22.82
N GLY F 24 32.31 33.67 -23.37
CA GLY F 24 31.55 34.93 -23.26
C GLY F 24 30.66 34.95 -22.03
N ASN F 25 30.89 34.03 -21.09
CA ASN F 25 30.02 33.94 -19.93
C ASN F 25 30.61 34.73 -18.79
N THR F 26 29.85 35.68 -18.26
CA THR F 26 30.23 36.41 -17.06
C THR F 26 29.17 36.13 -16.01
N VAL F 27 29.62 35.84 -14.80
CA VAL F 27 28.75 35.36 -13.74
C VAL F 27 28.70 36.40 -12.62
N ALA F 28 27.50 36.66 -12.13
CA ALA F 28 27.30 37.50 -10.95
C ALA F 28 26.89 36.55 -9.84
N LEU F 29 27.86 36.15 -9.02
CA LEU F 29 27.62 35.22 -7.92
C LEU F 29 27.10 36.02 -6.74
N CYS F 30 25.78 36.11 -6.64
CA CYS F 30 25.12 36.90 -5.60
C CYS F 30 24.64 36.00 -4.48
N ASP F 31 24.78 36.49 -3.25
CA ASP F 31 24.43 35.76 -2.05
C ASP F 31 23.70 36.72 -1.11
N ILE F 32 23.47 36.28 0.12
CA ILE F 32 22.69 37.06 1.08
C ILE F 32 23.53 38.21 1.63
N LYS F 33 24.84 37.98 1.80
CA LYS F 33 25.76 39.01 2.32
C LYS F 33 27.03 38.99 1.47
N GLN F 34 27.58 40.16 1.16
CA GLN F 34 28.76 40.21 0.26
C GLN F 34 29.87 39.31 0.78
N GLU F 35 30.17 39.40 2.07
CA GLU F 35 31.31 38.65 2.58
C GLU F 35 31.19 37.16 2.25
N TRP F 36 29.96 36.63 2.30
CA TRP F 36 29.78 35.24 1.95
C TRP F 36 29.71 35.02 0.44
N ALA F 37 29.55 36.09 -0.35
CA ALA F 37 29.72 35.95 -1.79
C ALA F 37 31.18 35.78 -2.16
N GLU F 38 32.07 36.55 -1.49
CA GLU F 38 33.50 36.34 -1.69
C GLU F 38 33.95 35.02 -1.10
N ASN F 39 33.22 34.51 -0.10
CA ASN F 39 33.45 33.15 0.40
C ASN F 39 33.46 32.17 -0.77
N GLY F 40 32.34 32.11 -1.50
CA GLY F 40 32.22 31.18 -2.61
C GLY F 40 33.35 31.32 -3.62
N LEU F 41 33.62 32.56 -4.05
CA LEU F 41 34.69 32.77 -5.03
C LEU F 41 36.05 32.35 -4.46
N ALA F 42 36.26 32.53 -3.15
CA ALA F 42 37.51 32.09 -2.55
C ALA F 42 37.65 30.57 -2.62
N LYS F 43 36.60 29.84 -2.23
CA LYS F 43 36.64 28.38 -2.33
C LYS F 43 36.80 27.94 -3.77
N ILE F 44 36.20 28.67 -4.71
CA ILE F 44 36.42 28.39 -6.13
C ILE F 44 37.88 28.58 -6.50
N LYS F 45 38.44 29.74 -6.13
CA LYS F 45 39.83 30.03 -6.47
C LYS F 45 40.81 29.21 -5.63
N LYS F 46 40.41 28.81 -4.43
CA LYS F 46 41.24 27.93 -3.61
C LYS F 46 41.35 26.56 -4.26
N GLY F 47 40.21 26.00 -4.70
CA GLY F 47 40.20 24.72 -5.39
C GLY F 47 40.83 24.77 -6.76
N TYR F 48 40.89 25.96 -7.36
CA TYR F 48 41.49 26.14 -8.69
C TYR F 48 43.02 26.17 -8.63
N GLU F 49 43.57 25.96 -7.44
CA GLU F 49 44.98 25.63 -7.24
C GLU F 49 45.20 24.14 -7.49
N LYS F 50 44.21 23.49 -8.10
CA LYS F 50 44.27 22.07 -8.43
C LYS F 50 43.93 21.87 -9.90
N LEU F 51 43.90 22.94 -10.67
CA LEU F 51 43.82 22.86 -12.12
C LEU F 51 45.01 23.47 -12.82
N VAL F 52 45.78 24.35 -12.16
CA VAL F 52 47.03 24.86 -12.71
C VAL F 52 48.25 24.32 -11.96
N ALA F 53 48.18 24.20 -10.63
CA ALA F 53 49.20 23.35 -10.01
C ALA F 53 49.08 21.94 -10.55
N LYS F 54 47.96 21.66 -11.21
CA LYS F 54 47.79 20.48 -12.01
C LYS F 54 47.90 20.79 -13.50
N GLY F 55 47.91 22.06 -13.88
CA GLY F 55 48.19 22.55 -15.23
C GLY F 55 47.36 21.99 -16.35
N LYS F 56 46.17 21.46 -16.06
CA LYS F 56 45.24 21.11 -17.12
C LYS F 56 44.93 22.32 -18.00
N ILE F 57 44.54 23.42 -17.36
CA ILE F 57 44.25 24.68 -18.03
C ILE F 57 45.43 25.62 -17.86
N PRO F 58 45.75 26.45 -18.84
CA PRO F 58 46.73 27.52 -18.63
C PRO F 58 46.10 28.70 -17.88
N GLN F 59 46.89 29.35 -17.02
CA GLN F 59 46.36 30.51 -16.31
C GLN F 59 46.01 31.65 -17.25
N GLU F 60 46.35 31.54 -18.53
CA GLU F 60 45.76 32.41 -19.54
C GLU F 60 44.23 32.31 -19.49
N LYS F 61 43.71 31.10 -19.27
CA LYS F 61 42.28 30.86 -19.14
C LYS F 61 41.88 30.33 -17.78
N ALA F 62 42.84 30.04 -16.89
CA ALA F 62 42.53 29.50 -15.57
C ALA F 62 42.25 30.59 -14.55
N ASP F 63 42.45 31.85 -14.91
CA ASP F 63 41.93 32.95 -14.12
C ASP F 63 40.89 33.74 -14.87
N ALA F 64 40.86 33.65 -16.21
CA ALA F 64 39.72 34.12 -16.99
C ALA F 64 38.44 33.39 -16.61
N ILE F 65 38.53 32.32 -15.84
CA ILE F 65 37.37 31.69 -15.25
C ILE F 65 37.05 32.31 -13.89
N VAL F 66 38.07 32.55 -13.07
CA VAL F 66 37.86 33.22 -11.80
C VAL F 66 37.65 34.72 -11.98
N ALA F 67 38.12 35.29 -13.09
CA ALA F 67 37.84 36.69 -13.37
C ALA F 67 36.43 36.88 -13.94
N ALA F 68 35.89 35.85 -14.59
CA ALA F 68 34.53 35.94 -15.12
C ALA F 68 33.47 35.87 -14.02
N ILE F 69 33.82 35.34 -12.85
CA ILE F 69 32.91 35.27 -11.71
C ILE F 69 33.17 36.49 -10.82
N THR F 70 32.21 37.41 -10.79
CA THR F 70 32.32 38.63 -10.00
C THR F 70 31.42 38.56 -8.77
N PRO F 71 31.97 38.76 -7.57
CA PRO F 71 31.14 38.70 -6.35
C PRO F 71 30.25 39.92 -6.16
N GLY F 72 29.53 39.95 -5.04
CA GLY F 72 28.53 40.96 -4.76
C GLY F 72 27.19 40.33 -4.44
N LEU F 73 26.21 41.18 -4.19
CA LEU F 73 24.88 40.67 -3.87
C LEU F 73 23.83 41.20 -4.84
N LYS F 74 22.67 40.54 -4.77
CA LYS F 74 21.69 40.52 -5.86
C LYS F 74 21.40 41.88 -6.48
N GLU F 75 20.92 42.84 -5.67
CA GLU F 75 20.35 44.06 -6.25
C GLU F 75 21.37 44.88 -7.03
N ASN F 76 22.65 44.76 -6.71
CA ASN F 76 23.66 45.61 -7.35
C ASN F 76 24.20 45.06 -8.65
N LEU F 77 23.87 43.83 -9.04
CA LEU F 77 24.56 43.23 -10.17
C LEU F 77 23.64 42.69 -11.28
N CYS F 78 22.43 42.27 -10.93
CA CYS F 78 21.58 41.55 -11.87
C CYS F 78 20.57 42.46 -12.57
N ALA F 79 20.91 43.73 -12.77
CA ALA F 79 20.00 44.61 -13.49
C ALA F 79 19.96 44.27 -14.98
N ASP F 80 21.03 43.71 -15.53
CA ASP F 80 21.06 43.37 -16.96
C ASP F 80 21.56 41.97 -17.21
N CYS F 81 21.09 41.00 -16.44
CA CYS F 81 21.56 39.65 -16.66
C CYS F 81 20.70 38.98 -17.71
N ASP F 82 21.31 38.08 -18.47
CA ASP F 82 20.57 37.38 -19.51
C ASP F 82 19.80 36.20 -18.95
N LEU F 83 20.27 35.61 -17.86
CA LEU F 83 19.61 34.46 -17.27
C LEU F 83 19.85 34.49 -15.76
N ILE F 84 18.83 34.08 -15.00
CA ILE F 84 18.93 33.98 -13.54
C ILE F 84 18.83 32.51 -13.17
N VAL F 85 19.76 32.05 -12.33
CA VAL F 85 19.75 30.68 -11.82
C VAL F 85 19.88 30.75 -10.30
N GLU F 86 18.79 30.52 -9.58
CA GLU F 86 18.86 30.56 -8.12
C GLU F 86 19.37 29.24 -7.57
N ALA F 87 20.18 29.32 -6.52
CA ALA F 87 20.66 28.14 -5.79
C ALA F 87 20.57 28.38 -4.29
N ALA F 88 19.46 28.95 -3.84
CA ALA F 88 19.32 29.34 -2.43
C ALA F 88 18.94 28.13 -1.59
N PHE F 89 18.60 28.38 -0.32
CA PHE F 89 18.15 27.31 0.57
C PHE F 89 16.91 26.64 -0.01
N GLU F 90 16.85 25.31 0.14
CA GLU F 90 15.75 24.53 -0.42
C GLU F 90 14.51 24.74 0.45
N ASP F 91 14.00 25.96 0.38
CA ASP F 91 12.84 26.40 1.16
C ASP F 91 11.92 27.17 0.22
N MET F 92 10.66 26.74 0.16
CA MET F 92 9.70 27.36 -0.76
C MET F 92 9.53 28.84 -0.46
N LYS F 93 9.39 29.20 0.82
CA LYS F 93 9.12 30.59 1.18
C LYS F 93 10.25 31.52 0.78
N VAL F 94 11.50 31.06 0.84
CA VAL F 94 12.63 31.92 0.55
C VAL F 94 12.73 32.18 -0.95
N LYS F 95 12.49 31.16 -1.77
CA LYS F 95 12.69 31.30 -3.22
C LYS F 95 11.68 32.27 -3.83
N GLN F 96 10.42 32.18 -3.44
CA GLN F 96 9.41 33.08 -4.00
C GLN F 96 9.77 34.53 -3.74
N THR F 97 10.18 34.84 -2.51
CA THR F 97 10.60 36.19 -2.18
C THR F 97 11.81 36.61 -3.03
N THR F 98 12.72 35.68 -3.28
CA THR F 98 13.89 35.99 -4.11
C THR F 98 13.47 36.39 -5.52
N PHE F 99 12.71 35.52 -6.18
CA PHE F 99 12.20 35.82 -7.52
C PHE F 99 11.19 36.97 -7.51
N GLY F 100 10.65 37.30 -6.34
CA GLY F 100 9.66 38.37 -6.25
C GLY F 100 10.23 39.74 -6.53
N GLU F 101 11.51 39.96 -6.21
CA GLU F 101 12.15 41.25 -6.45
C GLU F 101 13.09 41.22 -7.65
N LEU F 102 13.70 40.06 -7.94
CA LEU F 102 14.37 39.89 -9.23
C LEU F 102 13.43 40.24 -10.38
N ASP F 103 12.13 40.00 -10.18
CA ASP F 103 11.13 40.39 -11.16
C ASP F 103 11.23 41.89 -11.48
N LYS F 104 11.42 42.71 -10.46
CA LYS F 104 11.48 44.16 -10.62
C LYS F 104 12.88 44.67 -10.90
N ILE F 105 13.91 43.86 -10.68
CA ILE F 105 15.30 44.29 -10.86
C ILE F 105 15.83 43.95 -12.24
N CYS F 106 15.54 42.74 -12.74
CA CYS F 106 16.12 42.29 -13.99
C CYS F 106 15.36 42.86 -15.19
N LYS F 107 16.06 42.95 -16.31
CA LYS F 107 15.47 43.44 -17.54
C LYS F 107 14.39 42.49 -18.02
N PRO F 108 13.44 42.98 -18.83
CA PRO F 108 12.31 42.12 -19.24
C PRO F 108 12.70 40.85 -19.97
N GLU F 109 13.80 40.85 -20.72
CA GLU F 109 14.18 39.67 -21.49
C GLU F 109 15.08 38.71 -20.71
N CYS F 110 15.09 38.81 -19.38
CA CYS F 110 15.84 37.87 -18.55
C CYS F 110 14.98 36.65 -18.29
N ILE F 111 15.58 35.46 -18.46
CA ILE F 111 14.90 34.20 -18.21
C ILE F 111 15.11 33.81 -16.76
N PHE F 112 14.03 33.34 -16.12
CA PHE F 112 14.08 32.93 -14.72
C PHE F 112 14.22 31.41 -14.65
N ALA F 113 15.32 30.93 -14.09
CA ALA F 113 15.57 29.52 -13.88
C ALA F 113 15.78 29.24 -12.40
N SER F 114 15.55 27.99 -12.01
CA SER F 114 15.73 27.57 -10.62
C SER F 114 16.34 26.18 -10.59
N ASN F 115 17.21 25.97 -9.60
CA ASN F 115 17.96 24.73 -9.45
C ASN F 115 17.37 23.79 -8.42
N THR F 116 16.17 24.08 -7.91
CA THR F 116 15.60 23.25 -6.84
C THR F 116 15.41 21.81 -7.30
N SER F 117 15.70 20.87 -6.40
CA SER F 117 15.53 19.45 -6.69
C SER F 117 14.24 18.87 -6.13
N SER F 118 13.59 19.53 -5.18
CA SER F 118 12.44 18.95 -4.51
C SER F 118 11.22 19.85 -4.54
N LEU F 119 11.42 21.16 -4.58
CA LEU F 119 10.29 22.08 -4.57
C LEU F 119 9.66 22.18 -5.95
N SER F 120 8.42 22.66 -5.97
CA SER F 120 7.64 22.73 -7.20
C SER F 120 7.96 24.01 -7.96
N ILE F 121 8.46 23.87 -9.20
CA ILE F 121 8.72 25.03 -10.04
C ILE F 121 7.45 25.87 -10.21
N THR F 122 6.32 25.21 -10.39
CA THR F 122 5.06 25.92 -10.61
C THR F 122 4.72 26.83 -9.43
N GLU F 123 4.85 26.32 -8.20
CA GLU F 123 4.46 27.13 -7.05
C GLU F 123 5.42 28.28 -6.81
N ILE F 124 6.72 28.05 -7.04
CA ILE F 124 7.70 29.12 -6.83
C ILE F 124 7.38 30.33 -7.72
N GLY F 125 7.07 30.07 -8.99
CA GLY F 125 6.82 31.15 -9.92
C GLY F 125 5.35 31.46 -10.16
N LYS F 126 4.53 31.41 -9.11
CA LYS F 126 3.10 31.63 -9.29
C LYS F 126 2.79 33.09 -9.57
N GLY F 127 3.16 33.98 -8.64
CA GLY F 127 2.93 35.40 -8.84
C GLY F 127 4.07 36.16 -9.49
N LEU F 128 4.44 35.83 -10.73
CA LEU F 128 5.53 36.51 -11.40
C LEU F 128 5.07 37.13 -12.71
N SER F 129 5.80 38.15 -13.15
CA SER F 129 5.55 38.81 -14.43
C SER F 129 6.19 38.08 -15.61
N ARG F 130 6.75 36.90 -15.39
CA ARG F 130 7.41 36.14 -16.45
C ARG F 130 7.47 34.68 -16.02
N PRO F 131 7.59 33.76 -16.98
CA PRO F 131 7.61 32.34 -16.62
C PRO F 131 8.89 31.94 -15.91
N LEU F 132 8.75 30.99 -15.00
CA LEU F 132 9.88 30.38 -14.30
C LEU F 132 10.04 28.94 -14.76
N VAL F 133 11.28 28.54 -14.99
CA VAL F 133 11.60 27.22 -15.52
C VAL F 133 12.69 26.60 -14.64
N GLY F 134 12.73 25.27 -14.65
CA GLY F 134 13.72 24.54 -13.88
C GLY F 134 14.97 24.27 -14.71
N MET F 135 16.13 24.50 -14.10
CA MET F 135 17.44 24.19 -14.68
C MET F 135 18.18 23.43 -13.59
N HIS F 136 18.11 22.10 -13.65
CA HIS F 136 18.62 21.23 -12.59
C HIS F 136 20.02 20.75 -12.93
N PHE F 137 21.01 21.25 -12.20
CA PHE F 137 22.38 20.80 -12.34
C PHE F 137 22.63 19.59 -11.44
N PHE F 138 23.79 18.96 -11.62
CA PHE F 138 24.15 17.77 -10.86
C PHE F 138 25.57 17.93 -10.34
N ASN F 139 25.75 17.70 -9.04
CA ASN F 139 27.05 17.95 -8.40
C ASN F 139 28.07 16.94 -8.90
N PRO F 140 29.25 17.39 -9.38
CA PRO F 140 29.67 18.79 -9.53
C PRO F 140 29.20 19.38 -10.86
N ALA F 141 28.62 20.58 -10.80
CA ALA F 141 27.99 21.18 -11.98
C ALA F 141 28.98 21.47 -13.10
N ASP F 142 30.27 21.58 -12.78
CA ASP F 142 31.26 21.88 -13.81
C ASP F 142 31.63 20.64 -14.62
N ARG F 143 31.59 19.46 -13.99
CA ARG F 143 31.97 18.22 -14.65
C ARG F 143 30.77 17.40 -15.12
N MET F 144 29.64 17.47 -14.42
CA MET F 144 28.45 16.73 -14.83
C MET F 144 27.79 17.44 -16.00
N LYS F 145 27.43 16.67 -17.02
CA LYS F 145 27.05 17.22 -18.32
C LYS F 145 25.54 17.17 -18.58
N LEU F 146 24.74 16.80 -17.59
CA LEU F 146 23.29 16.73 -17.77
C LEU F 146 22.62 17.95 -17.17
N ILE F 147 21.57 18.42 -17.84
CA ILE F 147 20.72 19.50 -17.34
C ILE F 147 19.28 19.04 -17.50
N GLU F 148 18.53 19.01 -16.39
CA GLU F 148 17.11 18.68 -16.42
C GLU F 148 16.32 19.97 -16.54
N VAL F 149 15.75 20.21 -17.72
CA VAL F 149 14.90 21.38 -17.93
C VAL F 149 13.50 21.04 -17.43
N ILE F 150 13.07 21.69 -16.36
CA ILE F 150 11.81 21.38 -15.71
C ILE F 150 10.77 22.39 -16.18
N ALA F 151 9.78 21.91 -16.93
CA ALA F 151 8.69 22.73 -17.43
C ALA F 151 7.55 22.70 -16.41
N GLY F 152 7.29 23.85 -15.79
CA GLY F 152 6.17 23.96 -14.88
C GLY F 152 4.84 23.95 -15.62
N CYS F 153 3.78 24.18 -14.85
CA CYS F 153 2.44 24.19 -15.43
C CYS F 153 2.29 25.28 -16.48
N ASN F 154 2.57 26.53 -16.10
CA ASN F 154 2.44 27.68 -17.00
C ASN F 154 3.76 28.03 -17.67
N THR F 155 4.66 27.05 -17.85
CA THR F 155 5.92 27.29 -18.51
C THR F 155 5.79 27.04 -20.00
N PRO F 156 6.12 28.01 -20.85
CA PRO F 156 5.99 27.80 -22.29
C PRO F 156 7.13 26.97 -22.86
N ALA F 157 6.79 26.20 -23.90
CA ALA F 157 7.78 25.33 -24.54
C ALA F 157 8.92 26.14 -25.12
N GLU F 158 8.60 27.33 -25.66
CA GLU F 158 9.63 28.24 -26.15
C GLU F 158 10.65 28.56 -25.07
N THR F 159 10.19 28.84 -23.84
CA THR F 159 11.12 29.09 -22.74
C THR F 159 11.96 27.86 -22.43
N VAL F 160 11.39 26.68 -22.61
CA VAL F 160 12.16 25.45 -22.44
C VAL F 160 13.27 25.35 -23.49
N GLU F 161 12.95 25.64 -24.75
CA GLU F 161 13.89 25.43 -25.84
C GLU F 161 15.12 26.32 -25.72
N LYS F 162 15.01 27.46 -25.04
CA LYS F 162 16.17 28.33 -24.88
C LYS F 162 17.02 27.92 -23.71
N ILE F 163 16.42 27.34 -22.66
CA ILE F 163 17.22 26.69 -21.64
C ILE F 163 18.01 25.55 -22.27
N LYS F 164 17.40 24.88 -23.26
CA LYS F 164 18.14 23.86 -23.99
C LYS F 164 19.23 24.48 -24.85
N GLU F 165 18.96 25.63 -25.46
CA GLU F 165 19.98 26.34 -26.23
C GLU F 165 21.17 26.71 -25.33
N ILE F 166 20.90 27.26 -24.15
CA ILE F 166 21.97 27.67 -23.26
C ILE F 166 22.76 26.46 -22.77
N SER F 167 22.07 25.33 -22.55
CA SER F 167 22.75 24.15 -22.02
C SER F 167 23.77 23.59 -23.02
N VAL F 168 23.41 23.54 -24.31
CA VAL F 168 24.35 23.07 -25.31
C VAL F 168 25.52 24.04 -25.45
N ALA F 169 25.26 25.33 -25.29
CA ALA F 169 26.32 26.33 -25.43
C ALA F 169 27.40 26.15 -24.37
N ILE F 170 27.03 25.70 -23.18
CA ILE F 170 27.99 25.51 -22.10
C ILE F 170 28.47 24.07 -22.08
N GLY F 171 28.18 23.32 -23.14
CA GLY F 171 28.69 21.97 -23.25
C GLY F 171 27.90 20.90 -22.54
N LYS F 172 26.65 21.16 -22.17
CA LYS F 172 25.85 20.19 -21.44
C LYS F 172 24.81 19.55 -22.35
N ASN F 173 24.09 18.58 -21.81
CA ASN F 173 23.05 17.84 -22.54
C ASN F 173 21.72 18.05 -21.86
N PRO F 174 20.84 18.87 -22.42
CA PRO F 174 19.54 19.12 -21.78
C PRO F 174 18.53 18.02 -22.06
N VAL F 175 17.76 17.69 -21.04
CA VAL F 175 16.63 16.77 -21.13
C VAL F 175 15.39 17.48 -20.61
N GLN F 176 14.32 17.49 -21.40
CA GLN F 176 13.12 18.19 -20.98
C GLN F 176 12.29 17.30 -20.06
N VAL F 177 11.92 17.85 -18.91
CA VAL F 177 11.11 17.16 -17.92
C VAL F 177 9.86 17.99 -17.63
N ASN F 178 8.71 17.33 -17.58
CA ASN F 178 7.48 17.96 -17.12
C ASN F 178 7.39 17.78 -15.61
N GLU F 179 7.05 18.87 -14.91
CA GLU F 179 7.16 18.94 -13.46
C GLU F 179 6.55 17.72 -12.77
N ALA F 180 7.41 16.99 -12.05
CA ALA F 180 7.02 15.83 -11.27
C ALA F 180 8.06 15.63 -10.19
N ALA F 181 7.61 15.13 -9.04
CA ALA F 181 8.49 15.00 -7.88
C ALA F 181 9.69 14.12 -8.19
N GLY F 182 10.88 14.61 -7.84
CA GLY F 182 12.10 13.87 -8.12
C GLY F 182 12.45 13.72 -9.58
N PHE F 183 11.82 14.53 -10.45
CA PHE F 183 12.06 14.52 -11.90
C PHE F 183 12.37 13.12 -12.43
N VAL F 184 13.58 12.89 -12.93
CA VAL F 184 13.95 11.61 -13.53
C VAL F 184 15.09 10.94 -12.77
N VAL F 185 16.20 11.66 -12.59
CA VAL F 185 17.37 11.04 -11.96
C VAL F 185 17.08 10.71 -10.50
N ASN F 186 16.62 11.70 -9.72
CA ASN F 186 16.38 11.46 -8.30
C ASN F 186 15.23 10.49 -8.08
N ARG F 187 14.21 10.54 -8.94
CA ARG F 187 13.11 9.59 -8.83
C ARG F 187 13.57 8.16 -9.05
N ILE F 188 14.68 7.97 -9.76
CA ILE F 188 15.22 6.65 -10.03
C ILE F 188 16.40 6.31 -9.14
N LEU F 189 17.27 7.30 -8.88
CA LEU F 189 18.53 7.01 -8.20
C LEU F 189 18.36 6.90 -6.69
N ILE F 190 17.58 7.79 -6.09
CA ILE F 190 17.42 7.79 -4.64
C ILE F 190 16.68 6.54 -4.18
N PRO F 191 15.62 6.08 -4.88
CA PRO F 191 15.04 4.78 -4.48
C PRO F 191 15.99 3.62 -4.63
N MET F 192 16.97 3.70 -5.53
CA MET F 192 18.04 2.71 -5.58
C MET F 192 18.75 2.62 -4.23
N ILE F 193 19.25 3.77 -3.76
CA ILE F 193 19.93 3.82 -2.46
C ILE F 193 18.99 3.39 -1.35
N ASN F 194 17.72 3.81 -1.43
CA ASN F 194 16.75 3.43 -0.41
C ASN F 194 16.54 1.93 -0.38
N GLU F 195 16.47 1.29 -1.55
CA GLU F 195 16.31 -0.16 -1.58
C GLU F 195 17.55 -0.86 -1.05
N ALA F 196 18.74 -0.32 -1.33
CA ALA F 196 19.96 -0.91 -0.80
C ALA F 196 20.00 -0.85 0.72
N ALA F 197 19.42 0.19 1.32
CA ALA F 197 19.37 0.25 2.78
C ALA F 197 18.43 -0.80 3.34
N PHE F 198 17.26 -0.98 2.72
CA PHE F 198 16.35 -2.04 3.12
C PHE F 198 17.02 -3.40 3.07
N ILE F 199 17.87 -3.62 2.06
CA ILE F 199 18.57 -4.89 1.93
C ILE F 199 19.52 -5.11 3.10
N LYS F 200 20.19 -4.05 3.54
CA LYS F 200 21.10 -4.17 4.68
C LYS F 200 20.34 -4.34 5.98
N MET F 201 19.29 -3.52 6.18
CA MET F 201 18.54 -3.58 7.43
C MET F 201 17.85 -4.94 7.62
N GLU F 202 17.44 -5.57 6.54
CA GLU F 202 16.76 -6.86 6.60
C GLU F 202 17.73 -8.03 6.57
N GLY F 203 19.03 -7.80 6.79
CA GLY F 203 19.98 -8.87 6.91
C GLY F 203 20.24 -9.66 5.65
N VAL F 204 19.90 -9.12 4.48
CA VAL F 204 20.07 -9.87 3.24
C VAL F 204 21.55 -9.98 2.87
N SER F 205 22.29 -8.90 3.04
CA SER F 205 23.71 -8.88 2.73
C SER F 205 24.39 -7.78 3.54
N ASP F 206 25.72 -7.80 3.53
CA ASP F 206 26.50 -6.81 4.25
C ASP F 206 26.74 -5.57 3.38
N ILE F 207 27.22 -4.51 4.02
CA ILE F 207 27.38 -3.21 3.35
C ILE F 207 28.38 -3.32 2.21
N ALA F 208 29.50 -4.01 2.45
CA ALA F 208 30.51 -4.15 1.40
C ALA F 208 30.01 -5.02 0.26
N GLY F 209 29.38 -6.15 0.57
CA GLY F 209 28.91 -7.05 -0.48
C GLY F 209 27.86 -6.42 -1.37
N ILE F 210 26.98 -5.60 -0.78
CA ILE F 210 25.94 -4.94 -1.57
C ILE F 210 26.57 -4.00 -2.58
N ASP F 211 27.64 -3.30 -2.19
CA ASP F 211 28.24 -2.30 -3.07
C ASP F 211 29.00 -2.95 -4.23
N THR F 212 29.82 -3.96 -3.93
CA THR F 212 30.55 -4.62 -5.00
C THR F 212 29.62 -5.40 -5.92
N ALA F 213 28.49 -5.88 -5.41
CA ALA F 213 27.55 -6.60 -6.26
C ALA F 213 26.91 -5.69 -7.29
N MET F 214 26.67 -4.43 -6.92
CA MET F 214 26.11 -3.48 -7.88
C MET F 214 27.16 -2.96 -8.86
N LYS F 215 28.42 -2.90 -8.43
CA LYS F 215 29.50 -2.50 -9.34
C LYS F 215 29.82 -3.60 -10.32
N LEU F 216 29.98 -4.83 -9.83
CA LEU F 216 30.35 -5.96 -10.67
C LEU F 216 29.16 -6.61 -11.37
N GLY F 217 27.94 -6.38 -10.87
CA GLY F 217 26.77 -7.04 -11.43
C GLY F 217 25.96 -6.18 -12.38
N ALA F 218 25.99 -4.86 -12.17
CA ALA F 218 25.26 -3.93 -13.03
C ALA F 218 26.19 -2.92 -13.69
N ASN F 219 27.50 -3.09 -13.53
CA ASN F 219 28.51 -2.16 -14.03
C ASN F 219 28.18 -0.72 -13.64
N HIS F 220 27.87 -0.51 -12.36
CA HIS F 220 27.72 0.83 -11.82
C HIS F 220 29.06 1.31 -11.28
N PRO F 221 29.48 2.54 -11.56
CA PRO F 221 30.79 2.99 -11.06
C PRO F 221 30.85 3.08 -9.55
N MET F 222 29.72 3.27 -8.88
CA MET F 222 29.67 3.35 -7.42
C MET F 222 28.57 2.44 -6.90
N GLY F 223 28.75 1.94 -5.69
CA GLY F 223 27.72 1.17 -5.03
C GLY F 223 26.59 2.07 -4.57
N PRO F 224 25.40 1.50 -4.39
CA PRO F 224 24.27 2.34 -3.97
C PRO F 224 24.43 2.91 -2.58
N LEU F 225 25.00 2.14 -1.64
CA LEU F 225 25.25 2.67 -0.31
C LEU F 225 26.38 3.71 -0.33
N GLU F 226 27.45 3.40 -1.08
CA GLU F 226 28.51 4.38 -1.33
C GLU F 226 27.93 5.71 -1.79
N LEU F 227 27.09 5.67 -2.83
CA LEU F 227 26.55 6.88 -3.42
C LEU F 227 25.68 7.66 -2.43
N GLY F 228 24.97 6.96 -1.55
CA GLY F 228 24.20 7.66 -0.52
C GLY F 228 25.10 8.47 0.38
N ASP F 229 26.22 7.89 0.83
CA ASP F 229 27.17 8.64 1.62
C ASP F 229 27.75 9.80 0.83
N PHE F 230 28.02 9.59 -0.47
CA PHE F 230 28.61 10.64 -1.29
C PHE F 230 27.60 11.75 -1.54
N ILE F 231 26.37 11.38 -1.92
CA ILE F 231 25.33 12.39 -2.13
C ILE F 231 25.00 13.08 -0.81
N GLY F 232 25.01 12.32 0.28
CA GLY F 232 24.55 12.83 1.55
C GLY F 232 23.25 12.19 1.96
N LEU F 233 23.25 11.47 3.07
CA LEU F 233 22.08 10.72 3.50
C LEU F 233 20.95 11.63 3.99
N ASP F 234 21.26 12.88 4.33
CA ASP F 234 20.21 13.82 4.67
C ASP F 234 19.45 14.26 3.43
N ILE F 235 20.17 14.49 2.32
CA ILE F 235 19.53 14.82 1.05
C ILE F 235 18.77 13.62 0.52
N CYS F 236 19.33 12.42 0.71
CA CYS F 236 18.65 11.20 0.27
C CYS F 236 17.35 10.99 1.05
N LEU F 237 17.38 11.25 2.36
CA LEU F 237 16.18 11.10 3.17
C LEU F 237 15.14 12.16 2.82
N ALA F 238 15.59 13.38 2.52
CA ALA F 238 14.65 14.45 2.18
C ALA F 238 13.96 14.17 0.85
N ILE F 239 14.67 13.59 -0.11
CA ILE F 239 14.07 13.29 -1.41
C ILE F 239 12.98 12.24 -1.25
N MET F 240 13.27 11.17 -0.50
CA MET F 240 12.28 10.12 -0.30
C MET F 240 11.02 10.67 0.36
N ASP F 241 11.18 11.54 1.36
CA ASP F 241 10.02 12.16 1.99
C ASP F 241 9.26 13.02 0.99
N VAL F 242 9.97 13.78 0.16
CA VAL F 242 9.34 14.58 -0.87
C VAL F 242 8.59 13.67 -1.85
N LEU F 243 9.23 12.56 -2.25
CA LEU F 243 8.56 11.60 -3.13
C LEU F 243 7.33 10.99 -2.45
N TYR F 244 7.39 10.78 -1.14
CA TYR F 244 6.28 10.15 -0.43
C TYR F 244 5.12 11.12 -0.26
N HIS F 245 5.40 12.33 0.22
CA HIS F 245 4.32 13.28 0.48
C HIS F 245 3.65 13.78 -0.80
N GLU F 246 4.34 13.73 -1.95
CA GLU F 246 3.74 14.22 -3.18
C GLU F 246 2.81 13.18 -3.80
N THR F 247 3.32 11.95 -3.98
CA THR F 247 2.50 10.90 -4.57
C THR F 247 1.50 10.32 -3.59
N GLY F 248 1.79 10.38 -2.29
CA GLY F 248 0.96 9.67 -1.33
C GLY F 248 1.09 8.17 -1.38
N ASP F 249 2.08 7.66 -2.10
CA ASP F 249 2.27 6.24 -2.31
C ASP F 249 3.31 5.71 -1.33
N SER F 250 2.95 4.65 -0.61
CA SER F 250 3.91 4.01 0.30
C SER F 250 5.02 3.29 -0.44
N LYS F 251 5.02 3.32 -1.78
CA LYS F 251 6.15 2.80 -2.55
C LYS F 251 7.43 3.57 -2.25
N TYR F 252 7.31 4.86 -1.93
CA TYR F 252 8.44 5.75 -1.74
C TYR F 252 8.72 6.01 -0.25
N ARG F 253 8.43 5.06 0.62
CA ARG F 253 8.69 5.26 2.04
C ARG F 253 10.17 5.15 2.33
N ALA F 254 10.65 6.05 3.19
CA ALA F 254 12.07 6.06 3.53
C ALA F 254 12.40 4.92 4.46
N CYS F 255 13.54 4.28 4.21
CA CYS F 255 14.00 3.20 5.06
C CYS F 255 14.26 3.72 6.47
N PRO F 256 13.72 3.08 7.51
CA PRO F 256 13.95 3.57 8.88
C PRO F 256 15.41 3.57 9.30
N LEU F 257 16.26 2.76 8.66
CA LEU F 257 17.68 2.80 8.96
C LEU F 257 18.29 4.13 8.55
N ILE F 258 17.93 4.62 7.36
CA ILE F 258 18.43 5.91 6.89
C ILE F 258 17.96 7.01 7.83
N ARG F 259 16.67 7.01 8.18
CA ARG F 259 16.14 8.00 9.11
C ARG F 259 16.87 7.95 10.44
N LYS F 260 17.25 6.75 10.89
CA LYS F 260 18.01 6.63 12.13
C LYS F 260 19.39 7.25 12.00
N MET F 261 20.10 6.93 10.92
CA MET F 261 21.46 7.45 10.73
C MET F 261 21.46 8.96 10.57
N VAL F 262 20.45 9.51 9.89
CA VAL F 262 20.36 10.96 9.73
C VAL F 262 20.13 11.62 11.09
N ARG F 263 19.30 10.99 11.94
CA ARG F 263 19.07 11.52 13.28
C ARG F 263 20.34 11.49 14.12
N GLY F 264 21.23 10.54 13.85
CA GLY F 264 22.49 10.41 14.55
C GLY F 264 23.63 11.23 13.98
N GLY F 265 23.34 12.12 13.03
CA GLY F 265 24.37 12.93 12.42
C GLY F 265 25.35 12.19 11.54
N ASN F 266 25.09 10.91 11.24
CA ASN F 266 25.95 10.13 10.36
C ASN F 266 25.41 10.28 8.94
N LEU F 267 25.79 11.40 8.31
CA LEU F 267 25.28 11.75 6.99
C LEU F 267 26.15 11.22 5.86
N GLY F 268 27.34 10.72 6.15
CA GLY F 268 28.19 10.19 5.11
C GLY F 268 29.56 10.84 5.03
N CYS F 269 29.93 11.32 3.83
CA CYS F 269 31.29 11.83 3.63
C CYS F 269 31.51 13.15 4.34
N LYS F 270 30.52 14.05 4.32
CA LYS F 270 30.69 15.36 4.92
C LYS F 270 30.62 15.34 6.44
N THR F 271 30.48 14.18 7.07
CA THR F 271 30.57 14.06 8.52
C THR F 271 31.57 13.01 8.98
N GLY F 272 32.13 12.21 8.08
CA GLY F 272 33.09 11.19 8.43
C GLY F 272 32.52 9.82 8.69
N LYS F 273 31.20 9.71 8.95
CA LYS F 273 30.58 8.42 9.22
C LYS F 273 29.27 8.32 8.45
N GLY F 274 29.12 7.23 7.72
CA GLY F 274 27.93 6.92 6.93
C GLY F 274 27.66 5.43 6.99
N PHE F 275 27.41 4.85 5.82
CA PHE F 275 27.48 3.41 5.71
C PHE F 275 28.93 2.93 5.74
N TYR F 276 29.87 3.85 5.53
CA TYR F 276 31.29 3.59 5.66
C TYR F 276 31.91 4.62 6.59
N VAL F 277 32.96 4.21 7.30
CA VAL F 277 33.77 5.12 8.08
C VAL F 277 34.88 5.64 7.17
N TYR F 278 34.90 6.96 6.96
CA TYR F 278 35.81 7.57 6.00
C TYR F 278 37.07 8.04 6.72
N ASN F 279 38.16 7.32 6.50
CA ASN F 279 39.45 7.60 7.14
C ASN F 279 40.14 8.79 6.48
N ALA F 280 40.95 9.49 7.29
CA ALA F 280 41.75 10.59 6.76
C ALA F 280 42.79 10.10 5.77
N ASP F 281 43.11 8.80 5.78
CA ASP F 281 44.05 8.14 4.88
C ASP F 281 43.49 7.98 3.43
N ARG F 282 42.31 8.57 3.25
CA ARG F 282 41.51 8.64 2.03
C ARG F 282 40.81 7.32 1.72
N THR F 283 41.02 6.27 2.50
CA THR F 283 40.30 5.02 2.32
C THR F 283 38.98 5.08 3.10
N LYS F 284 38.22 4.00 3.03
CA LYS F 284 36.98 3.89 3.79
C LYS F 284 36.85 2.46 4.31
N THR F 285 35.97 2.31 5.31
CA THR F 285 35.76 1.01 5.95
C THR F 285 34.26 0.85 6.23
N PRO F 286 33.65 -0.26 5.82
CA PRO F 286 32.23 -0.47 6.13
C PRO F 286 32.01 -0.60 7.62
N VAL F 287 30.90 0.00 8.09
CA VAL F 287 30.55 0.01 9.50
C VAL F 287 30.14 -1.37 9.96
N ASP F 288 30.11 -2.33 9.03
CA ASP F 288 29.69 -3.70 9.34
C ASP F 288 30.76 -4.48 10.10
N GLN F 289 31.98 -3.95 10.21
CA GLN F 289 33.02 -4.61 10.99
C GLN F 289 34.11 -3.62 11.37
#